data_8JA7
#
_entry.id   8JA7
#
_cell.length_a   1.00
_cell.length_b   1.00
_cell.length_c   1.00
_cell.angle_alpha   90.00
_cell.angle_beta   90.00
_cell.angle_gamma   90.00
#
_symmetry.space_group_name_H-M   'P 1'
#
loop_
_entity.id
_entity.type
_entity.pdbx_description
1 polymer 'Trehalose transport system permease protein SugA'
2 polymer 'Trehalose transport system permease protein SugB'
3 polymer 'Trehalose-binding lipoprotein LpqY'
4 polymer 'Trehalose import ATP-binding protein SugC'
5 branched alpha-D-glucopyranose-(1-1)-alpha-D-glucopyranose
#
loop_
_entity_poly.entity_id
_entity_poly.type
_entity_poly.pdbx_seq_one_letter_code
_entity_poly.pdbx_strand_id
1 'polypeptide(L)'
;VTSVEQRTATAVFSRTGSRMAERRLAFMLVAPAAMLMVAVTAYPIGYALWLSLQRNNLATPNDTAFIGLGNYHTILIDRY
WWTALAVTLAITAVSVTIEFVLGLALALVMHRTLIGKGLVRTAVLIPYGIVTVVASYSWYYAWTPGTGYLANLLPYDSAP
LTQQIPSLGIVVIAEVWKTTPFMSLLLLAGLALVPEDLLRAAQVDGASAWRRLTKVILPMIKPAIVVALLFRTLDAFRIF
DNIYVLTGGSNNTGSVSILGYDNLFKGFNVGLGSAISVLIFGCVAVIAFIFIKLFGAAAPGGEPSGR
;
A
2 'polypeptide(L)'
;VGARRATYWAVLDTLVVGYALLPVLWIFSLSLKPTSTVKDGKLIPSTVTFDNYRGIFRGDLFSSALINSIGIGLITTVIA
VVLGAMAAYAVARLEFPGKRLLIGAALLITMFPSISLVTPLFNIERAIGLFDTWPGLILPYITFALPLAIYTLSAFFREI
PWDLEKAAKMDGATPGQAFRKVIVPLAAPGLVTAAILVFIFAWNDLLLALSLTATKAAITAPVAIANFTGSSQFEEPTGS
IAAGAIVITIPIIVFVLIFQRRIVAGLTSGAVKG
;
B
3 'polypeptide(L)'
;VVMSRGRIPRLGAAVLVALTTAAAACGADSQGLVVSFYTPATDGATFTAIAQRCNQQFGGRFTIAQVSLPRSPNEQRLQL
ARRLTGNDRTLDVMALDVVWTAEFAEAGWALPLSDDPAGLAENDAVADTLPGPLATAGWNHKLYAAPVTTNTQLLWYRPD
LVNSPPTDWNAMIAEAARLHAAGEPSWIAVQANQGEGLVVWFNTLLVSAGGSVLSEDGRHVTLTDTPAHRAATVSALQIL
KSVATTPGADPSITRTEEGSARLAFEQGKAALEVNWPFVFASMLENAVKGGVPFLPLNRIPQLAGSINDIGTFTPSDEQF
RIAYDASQQVFGFAPYPAVAPGQPAKVTIGGLNLAVAKTTRHRAEAFEAVRCLRDQHNQRYVSLEGGLPAVRASLYSDPQ
FQAKYPMHAIIRQQLTDAAVRPATPVYQALSIRLAAVLSPITEIDPESTADELAAQAQKAIDGMGLLP
;
E
4 'polypeptide(L)'
;MAEIVLDHVNKSYPDGHTAVRDLNLTIADGEFLILVGPSGCGKTTTLNMIAGLEDISSGELRIAGERVNEKAPKDRDIAM
VFQSYALYPHMTVRQNIAFPLTLAKMRKADIAQKVSETAKILDLTNLLDRKPSQLSGGQRQRVAMGRAIVRHPKAFLMDE
PLSNLDAKLRVQMRGEIAQLQRRLGTTTVYVTHDQTEAMTLGDRVVVMYGGIAQQIGTPEELYERPANLFVAGFIGSPAM
NFFPARLTAIGLTLPFGEVTLAPEVQGVIAAHPKPENVIVGVRPEHIQDAALIDAYQRIRALTFQVKVNLVESLGADKYL
YFTTESPAVHSVQLDELAEVEGESALHENQFVARVPAESKVAIGQSVELAFDTARLAVFDADSGANLTIPHRA
;
C,D
#
loop_
_chem_comp.id
_chem_comp.type
_chem_comp.name
_chem_comp.formula
GLC D-saccharide, alpha linking alpha-D-glucopyranose 'C6 H12 O6'
#
# COMPACT_ATOMS: atom_id res chain seq x y z
N ARG A 19 18.31 -28.63 -3.35
CA ARG A 19 17.29 -28.54 -2.30
C ARG A 19 17.96 -28.37 -0.95
N MET A 20 18.89 -29.27 -0.63
CA MET A 20 19.68 -29.11 0.60
C MET A 20 20.45 -27.81 0.59
N ALA A 21 20.86 -27.35 -0.60
CA ALA A 21 21.58 -26.08 -0.71
C ALA A 21 20.73 -24.93 -0.19
N GLU A 22 19.53 -24.75 -0.74
CA GLU A 22 18.68 -23.66 -0.30
C GLU A 22 18.23 -23.85 1.14
N ARG A 23 18.09 -25.11 1.58
CA ARG A 23 17.77 -25.37 2.97
C ARG A 23 18.83 -24.79 3.90
N ARG A 24 20.07 -25.26 3.74
CA ARG A 24 21.18 -24.76 4.55
C ARG A 24 21.52 -23.30 4.27
N LEU A 25 20.99 -22.73 3.19
CA LEU A 25 21.13 -21.30 2.96
C LEU A 25 20.14 -20.48 3.77
N ALA A 26 18.88 -20.92 3.79
CA ALA A 26 17.88 -20.25 4.63
C ALA A 26 18.24 -20.40 6.10
N PHE A 27 18.64 -21.61 6.51
CA PHE A 27 18.99 -21.83 7.91
C PHE A 27 20.20 -21.00 8.34
N MET A 28 20.87 -20.32 7.41
CA MET A 28 21.95 -19.41 7.75
C MET A 28 21.61 -17.95 7.47
N LEU A 29 20.64 -17.67 6.62
CA LEU A 29 20.22 -16.30 6.39
C LEU A 29 19.21 -15.81 7.41
N VAL A 30 18.29 -16.67 7.84
CA VAL A 30 17.31 -16.27 8.85
C VAL A 30 17.83 -16.66 10.23
N ALA A 31 19.11 -17.06 10.29
CA ALA A 31 19.69 -17.36 11.59
C ALA A 31 19.96 -16.10 12.42
N PRO A 32 20.64 -15.07 11.91
CA PRO A 32 20.85 -13.89 12.76
C PRO A 32 19.57 -13.15 13.08
N ALA A 33 18.66 -13.02 12.11
CA ALA A 33 17.39 -12.36 12.36
C ALA A 33 16.63 -13.03 13.49
N ALA A 34 16.41 -14.34 13.37
CA ALA A 34 15.68 -15.07 14.39
C ALA A 34 16.41 -15.05 15.73
N MET A 35 17.74 -15.17 15.69
CA MET A 35 18.51 -15.17 16.94
C MET A 35 18.34 -13.84 17.67
N LEU A 36 18.51 -12.73 16.96
CA LEU A 36 18.37 -11.42 17.58
C LEU A 36 16.94 -11.20 18.06
N MET A 37 15.95 -11.58 17.25
CA MET A 37 14.56 -11.42 17.66
C MET A 37 14.28 -12.20 18.93
N VAL A 38 14.74 -13.45 19.02
CA VAL A 38 14.56 -14.23 20.23
C VAL A 38 15.22 -13.52 21.41
N ALA A 39 16.52 -13.23 21.28
CA ALA A 39 17.28 -12.69 22.41
C ALA A 39 16.69 -11.37 22.89
N VAL A 40 16.04 -10.60 22.02
CA VAL A 40 15.57 -9.27 22.41
C VAL A 40 14.08 -9.25 22.71
N THR A 41 13.33 -10.30 22.39
CA THR A 41 11.90 -10.33 22.69
C THR A 41 11.51 -11.46 23.62
N ALA A 42 11.90 -12.71 23.31
CA ALA A 42 11.49 -13.82 24.13
C ALA A 42 12.22 -13.87 25.47
N TYR A 43 13.38 -13.22 25.57
CA TYR A 43 14.10 -13.24 26.83
C TYR A 43 13.46 -12.27 27.83
N PRO A 44 13.15 -11.03 27.45
CA PRO A 44 12.47 -10.16 28.42
C PRO A 44 11.10 -10.66 28.82
N ILE A 45 10.40 -11.40 27.95
CA ILE A 45 9.11 -11.94 28.32
C ILE A 45 9.26 -13.03 29.36
N GLY A 46 10.21 -13.94 29.15
CA GLY A 46 10.48 -14.96 30.16
C GLY A 46 10.97 -14.36 31.46
N TYR A 47 11.77 -13.30 31.36
CA TYR A 47 12.23 -12.61 32.56
C TYR A 47 11.07 -11.99 33.32
N ALA A 48 10.14 -11.36 32.59
CA ALA A 48 8.94 -10.84 33.22
C ALA A 48 8.13 -11.94 33.88
N LEU A 49 8.02 -13.09 33.22
CA LEU A 49 7.25 -14.19 33.79
C LEU A 49 7.91 -14.69 35.07
N TRP A 50 9.23 -14.72 35.11
CA TRP A 50 9.92 -15.19 36.31
C TRP A 50 9.87 -14.16 37.42
N LEU A 51 9.89 -12.87 37.09
CA LEU A 51 9.71 -11.85 38.11
C LEU A 51 8.30 -11.83 38.64
N SER A 52 7.33 -12.25 37.83
CA SER A 52 5.92 -12.21 38.20
C SER A 52 5.58 -13.17 39.32
N LEU A 53 6.56 -13.91 39.82
CA LEU A 53 6.32 -14.89 40.87
C LEU A 53 6.97 -14.49 42.19
N GLN A 54 7.58 -13.33 42.28
CA GLN A 54 8.34 -12.93 43.45
C GLN A 54 7.75 -11.68 44.08
N ARG A 55 8.07 -11.48 45.35
CA ARG A 55 7.78 -10.23 46.04
C ARG A 55 8.91 -9.23 45.83
N ASN A 56 9.26 -9.01 44.57
CA ASN A 56 10.40 -8.19 44.22
C ASN A 56 10.00 -6.72 44.24
N ASN A 57 10.60 -5.96 45.15
CA ASN A 57 10.31 -4.54 45.30
C ASN A 57 11.56 -3.72 45.05
N LEU A 58 11.38 -2.55 44.46
CA LEU A 58 12.52 -1.71 44.11
C LEU A 58 13.11 -1.03 45.33
N ALA A 59 12.27 -0.59 46.26
CA ALA A 59 12.78 0.11 47.44
C ALA A 59 13.65 -0.80 48.29
N THR A 60 13.24 -2.06 48.47
CA THR A 60 13.98 -3.02 49.27
C THR A 60 14.52 -4.11 48.35
N PRO A 61 15.70 -3.91 47.75
CA PRO A 61 16.14 -4.86 46.72
C PRO A 61 16.63 -6.19 47.27
N ASN A 62 17.36 -6.18 48.39
CA ASN A 62 18.05 -7.38 48.83
C ASN A 62 17.10 -8.48 49.29
N ASP A 63 15.88 -8.14 49.69
CA ASP A 63 14.95 -9.10 50.29
C ASP A 63 13.78 -9.33 49.34
N THR A 64 13.95 -10.30 48.44
CA THR A 64 12.90 -10.72 47.52
C THR A 64 12.65 -12.21 47.73
N ALA A 65 11.39 -12.58 47.91
CA ALA A 65 11.01 -13.94 48.21
C ALA A 65 10.06 -14.47 47.15
N PHE A 66 10.27 -15.73 46.75
CA PHE A 66 9.39 -16.40 45.80
C PHE A 66 8.00 -16.53 46.41
N ILE A 67 7.02 -15.87 45.80
CA ILE A 67 5.67 -15.86 46.34
C ILE A 67 4.88 -17.04 45.80
N GLY A 68 4.74 -17.11 44.48
CA GLY A 68 3.89 -18.10 43.86
C GLY A 68 2.92 -17.45 42.90
N LEU A 69 1.62 -17.56 43.19
CA LEU A 69 0.61 -16.87 42.42
C LEU A 69 -0.02 -15.73 43.20
N GLY A 70 0.66 -15.25 44.25
CA GLY A 70 0.16 -14.15 45.03
C GLY A 70 0.24 -12.79 44.34
N ASN A 71 0.65 -12.75 43.08
CA ASN A 71 0.68 -11.51 42.33
C ASN A 71 -0.38 -11.44 41.24
N TYR A 72 -0.96 -12.58 40.86
CA TYR A 72 -2.10 -12.58 39.96
C TYR A 72 -3.42 -12.54 40.71
N HIS A 73 -3.46 -13.15 41.90
CA HIS A 73 -4.62 -13.02 42.75
C HIS A 73 -4.92 -11.56 43.05
N THR A 74 -3.91 -10.82 43.54
CA THR A 74 -4.09 -9.43 43.95
C THR A 74 -4.33 -8.49 42.78
N ILE A 75 -4.28 -8.97 41.54
CA ILE A 75 -4.62 -8.18 40.38
C ILE A 75 -6.01 -8.53 39.87
N LEU A 76 -6.25 -9.82 39.61
CA LEU A 76 -7.57 -10.25 39.13
C LEU A 76 -8.65 -9.92 40.14
N ILE A 77 -8.32 -9.85 41.43
CA ILE A 77 -9.32 -9.50 42.44
C ILE A 77 -9.44 -8.00 42.64
N ASP A 78 -8.51 -7.21 42.10
CA ASP A 78 -8.53 -5.77 42.31
C ASP A 78 -9.59 -5.12 41.43
N ARG A 79 -9.68 -3.79 41.50
CA ARG A 79 -10.67 -3.01 40.77
C ARG A 79 -10.06 -2.13 39.71
N TYR A 80 -8.98 -1.41 40.03
CA TYR A 80 -8.33 -0.55 39.05
C TYR A 80 -7.90 -1.34 37.81
N TRP A 81 -7.61 -2.63 37.97
CA TRP A 81 -7.29 -3.47 36.83
C TRP A 81 -8.47 -3.54 35.87
N TRP A 82 -9.65 -3.89 36.38
CA TRP A 82 -10.81 -4.06 35.51
C TRP A 82 -11.26 -2.74 34.91
N THR A 83 -11.17 -1.66 35.68
CA THR A 83 -11.54 -0.35 35.14
C THR A 83 -10.65 0.03 33.97
N ALA A 84 -9.34 -0.18 34.12
CA ALA A 84 -8.42 0.15 33.04
C ALA A 84 -8.63 -0.75 31.84
N LEU A 85 -8.87 -2.04 32.07
CA LEU A 85 -9.12 -2.95 30.96
C LEU A 85 -10.39 -2.54 30.20
N ALA A 86 -11.45 -2.21 30.93
CA ALA A 86 -12.69 -1.79 30.30
C ALA A 86 -12.49 -0.50 29.51
N VAL A 87 -11.79 0.47 30.09
CA VAL A 87 -11.53 1.72 29.38
C VAL A 87 -10.75 1.44 28.10
N THR A 88 -9.74 0.58 28.18
CA THR A 88 -8.93 0.28 27.00
C THR A 88 -9.77 -0.39 25.93
N LEU A 89 -10.62 -1.34 26.32
CA LEU A 89 -11.45 -2.03 25.33
C LEU A 89 -12.45 -1.08 24.68
N ALA A 90 -13.07 -0.21 25.47
CA ALA A 90 -14.02 0.75 24.90
C ALA A 90 -13.34 1.68 23.92
N ILE A 91 -12.21 2.28 24.35
CA ILE A 91 -11.45 3.17 23.48
C ILE A 91 -11.09 2.44 22.19
N THR A 92 -10.56 1.22 22.31
CA THR A 92 -10.12 0.49 21.14
C THR A 92 -11.29 0.26 20.17
N ALA A 93 -12.39 -0.30 20.66
CA ALA A 93 -13.52 -0.59 19.79
C ALA A 93 -14.00 0.67 19.08
N VAL A 94 -14.30 1.73 19.84
CA VAL A 94 -14.90 2.92 19.25
C VAL A 94 -13.94 3.58 18.27
N SER A 95 -12.70 3.81 18.70
CA SER A 95 -11.74 4.47 17.86
C SER A 95 -11.45 3.67 16.60
N VAL A 96 -11.38 2.34 16.72
CA VAL A 96 -11.10 1.52 15.54
C VAL A 96 -12.24 1.57 14.55
N THR A 97 -13.48 1.50 15.04
CA THR A 97 -14.63 1.61 14.13
C THR A 97 -14.62 2.94 13.39
N ILE A 98 -14.45 4.03 14.12
CA ILE A 98 -14.49 5.34 13.47
C ILE A 98 -13.30 5.51 12.53
N GLU A 99 -12.14 4.99 12.92
CA GLU A 99 -10.96 5.06 12.07
C GLU A 99 -11.17 4.28 10.79
N PHE A 100 -11.82 3.12 10.87
CA PHE A 100 -12.09 2.34 9.68
C PHE A 100 -13.00 3.10 8.73
N VAL A 101 -14.09 3.66 9.27
CA VAL A 101 -15.02 4.39 8.41
C VAL A 101 -14.32 5.57 7.74
N LEU A 102 -13.64 6.40 8.53
CA LEU A 102 -12.96 7.56 7.98
C LEU A 102 -11.86 7.16 7.00
N GLY A 103 -11.13 6.10 7.31
CA GLY A 103 -10.04 5.69 6.44
C GLY A 103 -10.53 5.18 5.11
N LEU A 104 -11.65 4.46 5.11
CA LEU A 104 -12.25 4.04 3.85
C LEU A 104 -12.73 5.25 3.06
N ALA A 105 -13.48 6.14 3.71
CA ALA A 105 -13.97 7.33 3.03
C ALA A 105 -12.83 8.22 2.55
N LEU A 106 -11.65 8.10 3.12
CA LEU A 106 -10.50 8.90 2.71
C LEU A 106 -9.69 8.22 1.62
N ALA A 107 -9.54 6.90 1.70
CA ALA A 107 -8.88 6.16 0.63
C ALA A 107 -9.65 6.30 -0.68
N LEU A 108 -10.97 6.31 -0.60
CA LEU A 108 -11.77 6.53 -1.81
C LEU A 108 -11.42 7.86 -2.45
N VAL A 109 -11.40 8.94 -1.66
CA VAL A 109 -11.07 10.25 -2.20
C VAL A 109 -9.65 10.27 -2.75
N MET A 110 -8.72 9.63 -2.04
CA MET A 110 -7.33 9.62 -2.49
C MET A 110 -7.13 8.76 -3.73
N HIS A 111 -8.10 7.91 -4.05
CA HIS A 111 -7.99 7.01 -5.18
C HIS A 111 -8.70 7.53 -6.43
N ARG A 112 -9.84 8.19 -6.27
CA ARG A 112 -10.66 8.59 -7.41
C ARG A 112 -10.75 10.10 -7.58
N THR A 113 -9.87 10.86 -6.94
CA THR A 113 -9.86 12.30 -7.17
C THR A 113 -9.44 12.61 -8.60
N LEU A 114 -9.67 13.84 -9.01
CA LEU A 114 -9.45 14.13 -10.42
C LEU A 114 -8.55 15.33 -10.68
N ILE A 115 -8.64 16.38 -9.87
CA ILE A 115 -7.90 17.60 -10.16
C ILE A 115 -6.49 17.54 -9.58
N GLY A 116 -6.39 17.45 -8.25
CA GLY A 116 -5.09 17.36 -7.62
C GLY A 116 -4.97 16.14 -6.72
N LYS A 117 -4.13 15.19 -7.11
CA LYS A 117 -3.91 13.99 -6.31
C LYS A 117 -2.67 14.08 -5.45
N GLY A 118 -1.58 14.65 -5.98
CA GLY A 118 -0.41 14.89 -5.16
C GLY A 118 -0.73 15.77 -3.97
N LEU A 119 -1.60 16.76 -4.17
CA LEU A 119 -1.95 17.67 -3.08
C LEU A 119 -2.69 16.94 -1.97
N VAL A 120 -3.70 16.14 -2.32
CA VAL A 120 -4.45 15.42 -1.30
C VAL A 120 -3.56 14.38 -0.63
N ARG A 121 -2.63 13.77 -1.38
CA ARG A 121 -1.73 12.81 -0.78
C ARG A 121 -0.83 13.48 0.25
N THR A 122 -0.27 14.64 -0.10
CA THR A 122 0.53 15.40 0.86
C THR A 122 -0.28 15.76 2.09
N ALA A 123 -1.50 16.26 1.88
CA ALA A 123 -2.35 16.62 3.00
C ALA A 123 -2.60 15.43 3.92
N VAL A 124 -2.87 14.26 3.34
CA VAL A 124 -3.11 13.08 4.16
C VAL A 124 -1.85 12.67 4.90
N LEU A 125 -0.68 12.81 4.28
CA LEU A 125 0.55 12.38 4.93
C LEU A 125 0.94 13.30 6.08
N ILE A 126 0.58 14.59 6.01
CA ILE A 126 0.95 15.52 7.08
C ILE A 126 0.60 14.99 8.47
N PRO A 127 -0.63 14.57 8.75
CA PRO A 127 -0.90 14.00 10.09
C PRO A 127 -0.22 12.67 10.33
N TYR A 128 0.25 11.99 9.28
CA TYR A 128 0.85 10.68 9.46
C TYR A 128 2.28 10.79 10.01
N GLY A 129 3.02 11.81 9.60
CA GLY A 129 4.39 11.95 10.02
C GLY A 129 4.57 12.85 11.23
N ILE A 130 3.49 13.49 11.65
CA ILE A 130 3.57 14.39 12.80
C ILE A 130 3.89 13.58 14.05
N VAL A 131 4.45 14.27 15.04
CA VAL A 131 4.77 13.62 16.30
C VAL A 131 3.48 13.39 17.08
N THR A 132 3.34 12.20 17.65
CA THR A 132 2.08 11.85 18.30
C THR A 132 1.88 12.55 19.62
N VAL A 133 2.70 13.52 19.99
CA VAL A 133 2.50 14.29 21.20
C VAL A 133 2.12 15.74 20.91
N VAL A 134 2.67 16.34 19.85
CA VAL A 134 2.25 17.69 19.50
C VAL A 134 0.79 17.72 19.06
N ALA A 135 0.31 16.63 18.45
CA ALA A 135 -1.12 16.55 18.14
C ALA A 135 -1.94 16.54 19.42
N SER A 136 -1.48 15.81 20.43
CA SER A 136 -2.19 15.78 21.70
C SER A 136 -2.17 17.14 22.37
N TYR A 137 -1.07 17.88 22.25
CA TYR A 137 -1.04 19.25 22.75
C TYR A 137 -2.04 20.14 22.02
N SER A 138 -2.13 19.99 20.69
CA SER A 138 -3.11 20.75 19.93
C SER A 138 -4.52 20.47 20.43
N TRP A 139 -4.89 19.20 20.53
CA TRP A 139 -6.22 18.87 21.01
C TRP A 139 -6.42 19.27 22.47
N TYR A 140 -5.36 19.30 23.25
CA TYR A 140 -5.46 19.71 24.64
C TYR A 140 -5.75 21.20 24.76
N TYR A 141 -5.09 22.01 23.95
CA TYR A 141 -5.35 23.45 23.98
C TYR A 141 -6.58 23.84 23.19
N ALA A 142 -7.15 22.93 22.39
CA ALA A 142 -8.38 23.25 21.69
C ALA A 142 -9.60 23.11 22.59
N TRP A 143 -9.53 22.28 23.61
CA TRP A 143 -10.65 22.04 24.51
C TRP A 143 -10.49 22.75 25.85
N THR A 144 -9.56 23.70 25.94
CA THR A 144 -9.38 24.48 27.15
C THR A 144 -10.25 25.71 27.10
N PRO A 145 -11.12 25.94 28.08
CA PRO A 145 -12.02 27.10 28.03
C PRO A 145 -11.25 28.41 27.95
N GLY A 146 -11.81 29.35 27.22
CA GLY A 146 -11.18 30.65 27.04
C GLY A 146 -10.24 30.74 25.87
N THR A 147 -9.26 29.85 25.82
CA THR A 147 -8.28 29.83 24.74
C THR A 147 -8.53 28.74 23.71
N GLY A 148 -9.47 27.84 23.95
CA GLY A 148 -9.75 26.78 23.01
C GLY A 148 -10.93 27.10 22.11
N TYR A 149 -10.67 27.25 20.80
CA TYR A 149 -11.73 27.59 19.87
C TYR A 149 -12.83 26.54 19.83
N LEU A 150 -12.56 25.31 20.27
CA LEU A 150 -13.62 24.32 20.40
C LEU A 150 -14.36 24.48 21.73
N ALA A 151 -13.64 24.82 22.80
CA ALA A 151 -14.29 24.99 24.08
C ALA A 151 -15.20 26.20 24.09
N ASN A 152 -14.90 27.22 23.29
CA ASN A 152 -15.74 28.41 23.25
C ASN A 152 -17.04 28.19 22.51
N LEU A 153 -17.27 27.01 21.95
CA LEU A 153 -18.52 26.74 21.26
C LEU A 153 -19.55 26.06 22.16
N LEU A 154 -19.10 25.23 23.09
CA LEU A 154 -19.99 24.56 24.02
C LEU A 154 -20.75 25.58 24.86
N PRO A 155 -21.87 25.18 25.46
CA PRO A 155 -22.53 26.05 26.43
C PRO A 155 -21.57 26.47 27.53
N TYR A 156 -21.63 27.75 27.89
CA TYR A 156 -20.66 28.33 28.81
C TYR A 156 -20.54 27.52 30.09
N ASP A 157 -19.33 27.51 30.64
CA ASP A 157 -19.01 26.75 31.85
C ASP A 157 -19.19 25.25 31.63
N SER A 158 -18.60 24.75 30.55
CA SER A 158 -18.65 23.32 30.24
C SER A 158 -17.42 22.58 30.76
N ALA A 159 -16.23 22.96 30.30
CA ALA A 159 -14.97 22.34 30.69
C ALA A 159 -15.04 20.83 30.54
N PRO A 160 -15.05 20.30 29.32
CA PRO A 160 -15.25 18.86 29.14
C PRO A 160 -14.03 18.01 29.46
N LEU A 161 -12.88 18.62 29.75
CA LEU A 161 -11.69 17.85 30.08
C LEU A 161 -11.67 17.36 31.51
N THR A 162 -12.70 17.66 32.30
CA THR A 162 -12.77 17.21 33.68
C THR A 162 -13.68 16.01 33.86
N GLN A 163 -14.84 16.00 33.21
CA GLN A 163 -15.69 14.83 33.25
C GLN A 163 -15.00 13.65 32.58
N GLN A 164 -15.43 12.44 32.96
CA GLN A 164 -14.76 11.24 32.47
C GLN A 164 -15.12 10.98 31.01
N ILE A 165 -16.41 10.83 30.72
CA ILE A 165 -16.83 10.44 29.37
C ILE A 165 -16.47 11.50 28.34
N PRO A 166 -16.68 12.79 28.57
CA PRO A 166 -16.21 13.78 27.58
C PRO A 166 -14.71 13.73 27.34
N SER A 167 -13.92 13.47 28.39
CA SER A 167 -12.48 13.35 28.20
C SER A 167 -12.15 12.13 27.33
N LEU A 168 -12.86 11.03 27.55
CA LEU A 168 -12.67 9.85 26.69
C LEU A 168 -13.05 10.18 25.26
N GLY A 169 -14.11 10.96 25.07
CA GLY A 169 -14.48 11.37 23.73
C GLY A 169 -13.40 12.20 23.05
N ILE A 170 -12.79 13.13 23.80
CA ILE A 170 -11.72 13.94 23.26
C ILE A 170 -10.54 13.05 22.87
N VAL A 171 -10.21 12.08 23.73
CA VAL A 171 -9.12 11.16 23.44
C VAL A 171 -9.41 10.38 22.17
N VAL A 172 -10.65 9.92 22.00
CA VAL A 172 -11.02 9.18 20.79
C VAL A 172 -10.89 10.05 19.56
N ILE A 173 -11.32 11.32 19.67
CA ILE A 173 -11.19 12.23 18.53
C ILE A 173 -9.73 12.39 18.13
N ALA A 174 -8.86 12.60 19.12
CA ALA A 174 -7.44 12.75 18.83
C ALA A 174 -6.87 11.50 18.20
N GLU A 175 -7.25 10.33 18.73
CA GLU A 175 -6.75 9.06 18.19
C GLU A 175 -7.17 8.89 16.74
N VAL A 176 -8.44 9.17 16.44
CA VAL A 176 -8.92 9.06 15.08
C VAL A 176 -8.15 10.00 14.16
N TRP A 177 -8.08 11.28 14.53
CA TRP A 177 -7.39 12.24 13.67
C TRP A 177 -5.94 11.83 13.43
N LYS A 178 -5.30 11.25 14.42
CA LYS A 178 -3.89 10.90 14.25
C LYS A 178 -3.72 9.65 13.40
N THR A 179 -4.53 8.63 13.60
CA THR A 179 -4.27 7.33 13.00
C THR A 179 -5.22 6.98 11.86
N THR A 180 -5.98 7.94 11.33
CA THR A 180 -6.66 7.67 10.06
C THR A 180 -5.70 7.49 8.90
N PRO A 181 -4.74 8.40 8.64
CA PRO A 181 -3.95 8.28 7.40
C PRO A 181 -3.28 6.93 7.20
N PHE A 182 -2.76 6.34 8.28
CA PHE A 182 -2.13 5.03 8.17
C PHE A 182 -3.12 3.97 7.70
N MET A 183 -4.30 3.95 8.32
CA MET A 183 -5.32 2.98 7.92
C MET A 183 -5.82 3.25 6.51
N SER A 184 -5.95 4.52 6.13
CA SER A 184 -6.41 4.85 4.80
C SER A 184 -5.41 4.39 3.74
N LEU A 185 -4.12 4.53 4.03
CA LEU A 185 -3.11 4.01 3.11
C LEU A 185 -3.15 2.49 3.05
N LEU A 186 -3.27 1.84 4.20
CA LEU A 186 -3.39 0.38 4.21
C LEU A 186 -4.57 -0.07 3.36
N LEU A 187 -5.68 0.66 3.41
CA LEU A 187 -6.87 0.28 2.66
C LEU A 187 -6.71 0.60 1.17
N LEU A 188 -6.13 1.75 0.85
CA LEU A 188 -5.85 2.09 -0.53
C LEU A 188 -4.93 1.07 -1.17
N ALA A 189 -4.08 0.42 -0.37
CA ALA A 189 -3.26 -0.67 -0.89
C ALA A 189 -4.13 -1.74 -1.51
N GLY A 190 -4.99 -2.37 -0.71
CA GLY A 190 -5.92 -3.37 -1.23
C GLY A 190 -6.93 -2.81 -2.20
N LEU A 191 -7.09 -1.49 -2.26
CA LEU A 191 -8.05 -0.89 -3.18
C LEU A 191 -7.49 -0.77 -4.58
N ALA A 192 -6.23 -0.35 -4.70
CA ALA A 192 -5.62 -0.14 -6.01
C ALA A 192 -5.48 -1.41 -6.82
N LEU A 193 -5.73 -2.58 -6.23
CA LEU A 193 -5.73 -3.83 -6.97
C LEU A 193 -7.12 -4.22 -7.46
N VAL A 194 -8.08 -3.30 -7.39
CA VAL A 194 -9.43 -3.52 -7.90
C VAL A 194 -9.51 -2.90 -9.29
N PRO A 195 -9.49 -3.69 -10.36
CA PRO A 195 -9.47 -3.11 -11.71
C PRO A 195 -10.73 -2.32 -12.00
N GLU A 196 -10.55 -1.11 -12.55
CA GLU A 196 -11.67 -0.20 -12.78
C GLU A 196 -12.71 -0.79 -13.72
N ASP A 197 -12.33 -1.72 -14.59
CA ASP A 197 -13.30 -2.36 -15.46
C ASP A 197 -14.41 -3.05 -14.66
N LEU A 198 -14.07 -3.60 -13.50
CA LEU A 198 -15.09 -4.19 -12.66
C LEU A 198 -16.08 -3.15 -12.16
N LEU A 199 -15.58 -1.97 -11.77
CA LEU A 199 -16.47 -0.90 -11.36
C LEU A 199 -17.36 -0.46 -12.52
N ARG A 200 -16.80 -0.40 -13.73
CA ARG A 200 -17.60 0.00 -14.88
C ARG A 200 -18.67 -1.05 -15.19
N ALA A 201 -18.32 -2.33 -15.09
CA ALA A 201 -19.29 -3.39 -15.32
C ALA A 201 -20.41 -3.34 -14.30
N ALA A 202 -20.06 -3.12 -13.03
CA ALA A 202 -21.08 -2.95 -12.00
C ALA A 202 -21.99 -1.76 -12.32
N GLN A 203 -21.38 -0.63 -12.69
CA GLN A 203 -22.16 0.55 -13.04
C GLN A 203 -23.13 0.25 -14.17
N VAL A 204 -22.68 -0.50 -15.17
CA VAL A 204 -23.56 -0.86 -16.29
C VAL A 204 -24.69 -1.75 -15.81
N ASP A 205 -24.37 -2.75 -14.99
CA ASP A 205 -25.40 -3.67 -14.53
C ASP A 205 -26.35 -3.04 -13.53
N GLY A 206 -26.03 -1.88 -12.98
CA GLY A 206 -26.98 -1.18 -12.14
C GLY A 206 -26.53 -0.96 -10.72
N ALA A 207 -25.21 -0.95 -10.50
CA ALA A 207 -24.69 -0.64 -9.18
C ALA A 207 -25.05 0.78 -8.78
N SER A 208 -25.74 0.92 -7.66
CA SER A 208 -26.24 2.20 -7.16
C SER A 208 -25.15 3.12 -6.67
N ALA A 209 -23.88 2.80 -6.88
CA ALA A 209 -22.70 3.46 -6.31
C ALA A 209 -22.61 3.21 -4.81
N TRP A 210 -23.58 2.53 -4.22
CA TRP A 210 -23.47 1.98 -2.87
C TRP A 210 -23.51 0.47 -2.87
N ARG A 211 -24.49 -0.14 -3.55
CA ARG A 211 -24.45 -1.57 -3.79
C ARG A 211 -23.15 -1.96 -4.47
N ARG A 212 -22.60 -1.08 -5.30
CA ARG A 212 -21.27 -1.28 -5.84
C ARG A 212 -20.29 -1.60 -4.72
N LEU A 213 -20.13 -0.66 -3.79
CA LEU A 213 -19.17 -0.83 -2.70
C LEU A 213 -19.48 -2.10 -1.91
N THR A 214 -20.63 -2.11 -1.23
CA THR A 214 -20.99 -3.17 -0.31
C THR A 214 -21.12 -4.53 -0.99
N LYS A 215 -21.14 -4.59 -2.32
CA LYS A 215 -21.37 -5.86 -3.00
C LYS A 215 -20.17 -6.39 -3.75
N VAL A 216 -19.26 -5.53 -4.24
CA VAL A 216 -18.08 -6.01 -4.93
C VAL A 216 -16.79 -5.54 -4.25
N ILE A 217 -16.74 -4.29 -3.77
CA ILE A 217 -15.45 -3.73 -3.38
C ILE A 217 -15.02 -4.24 -2.02
N LEU A 218 -15.93 -4.20 -1.04
CA LEU A 218 -15.60 -4.72 0.29
C LEU A 218 -15.31 -6.20 0.28
N PRO A 219 -16.17 -7.08 -0.25
CA PRO A 219 -15.83 -8.51 -0.26
C PRO A 219 -14.60 -8.85 -1.09
N MET A 220 -14.08 -7.91 -1.87
CA MET A 220 -12.88 -8.15 -2.66
C MET A 220 -11.61 -7.74 -1.93
N ILE A 221 -11.69 -6.81 -0.98
CA ILE A 221 -10.53 -6.33 -0.25
C ILE A 221 -10.57 -6.80 1.20
N LYS A 222 -11.32 -7.86 1.48
CA LYS A 222 -11.40 -8.41 2.83
C LYS A 222 -10.05 -8.71 3.48
N PRO A 223 -9.06 -9.30 2.79
CA PRO A 223 -7.78 -9.54 3.48
C PRO A 223 -7.09 -8.25 3.91
N ALA A 224 -7.03 -7.24 3.03
CA ALA A 224 -6.45 -5.97 3.43
C ALA A 224 -7.22 -5.34 4.57
N ILE A 225 -8.55 -5.45 4.54
CA ILE A 225 -9.37 -4.92 5.62
C ILE A 225 -9.01 -5.58 6.95
N VAL A 226 -8.89 -6.91 6.94
CA VAL A 226 -8.63 -7.63 8.19
C VAL A 226 -7.22 -7.33 8.69
N VAL A 227 -6.26 -7.17 7.78
CA VAL A 227 -4.90 -6.85 8.21
C VAL A 227 -4.84 -5.46 8.81
N ALA A 228 -5.49 -4.49 8.17
CA ALA A 228 -5.56 -3.14 8.73
C ALA A 228 -6.25 -3.14 10.09
N LEU A 229 -7.30 -3.95 10.23
CA LEU A 229 -7.99 -4.06 11.51
C LEU A 229 -7.07 -4.64 12.58
N LEU A 230 -6.27 -5.64 12.22
CA LEU A 230 -5.34 -6.21 13.17
C LEU A 230 -4.32 -5.18 13.64
N PHE A 231 -3.69 -4.48 12.68
CA PHE A 231 -2.77 -3.41 13.04
C PHE A 231 -3.43 -2.39 13.96
N ARG A 232 -4.59 -1.88 13.58
CA ARG A 232 -5.21 -0.82 14.36
C ARG A 232 -5.62 -1.30 15.73
N THR A 233 -6.11 -2.53 15.84
CA THR A 233 -6.52 -3.05 17.14
C THR A 233 -5.31 -3.21 18.05
N LEU A 234 -4.27 -3.89 17.58
CA LEU A 234 -3.09 -4.10 18.41
C LEU A 234 -2.34 -2.81 18.70
N ASP A 235 -2.54 -1.76 17.90
CA ASP A 235 -1.89 -0.50 18.16
C ASP A 235 -2.70 0.41 19.07
N ALA A 236 -4.03 0.34 19.00
CA ALA A 236 -4.86 1.11 19.89
C ALA A 236 -5.03 0.44 21.24
N PHE A 237 -4.70 -0.85 21.36
CA PHE A 237 -4.75 -1.49 22.66
C PHE A 237 -3.61 -1.04 23.56
N ARG A 238 -2.52 -0.54 22.99
CA ARG A 238 -1.40 -0.01 23.76
C ARG A 238 -1.41 1.51 23.82
N ILE A 239 -2.60 2.11 23.83
CA ILE A 239 -2.71 3.56 23.85
C ILE A 239 -2.09 4.09 25.13
N PHE A 240 -1.08 4.94 25.00
CA PHE A 240 -0.41 5.51 26.15
C PHE A 240 -0.31 7.02 26.05
N ASP A 241 -0.08 7.53 24.84
CA ASP A 241 0.41 8.90 24.68
C ASP A 241 -0.69 9.93 24.82
N ASN A 242 -1.79 9.76 24.08
CA ASN A 242 -2.87 10.74 24.16
C ASN A 242 -3.47 10.78 25.55
N ILE A 243 -3.58 9.63 26.22
CA ILE A 243 -4.08 9.61 27.58
C ILE A 243 -3.09 10.25 28.53
N TYR A 244 -1.79 10.02 28.30
CA TYR A 244 -0.77 10.60 29.16
C TYR A 244 -0.76 12.12 29.06
N VAL A 245 -0.97 12.65 27.87
CA VAL A 245 -0.87 14.10 27.66
C VAL A 245 -2.18 14.80 27.98
N LEU A 246 -3.30 14.29 27.45
CA LEU A 246 -4.57 15.00 27.59
C LEU A 246 -5.05 14.99 29.03
N THR A 247 -5.08 13.82 29.66
CA THR A 247 -5.58 13.72 31.02
C THR A 247 -4.55 13.25 32.03
N GLY A 248 -3.58 12.43 31.61
CA GLY A 248 -2.64 11.88 32.55
C GLY A 248 -3.13 10.67 33.30
N GLY A 249 -4.29 10.13 32.95
CA GLY A 249 -4.83 8.96 33.61
C GLY A 249 -5.60 9.24 34.88
N SER A 250 -5.66 10.49 35.33
CA SER A 250 -6.43 10.81 36.52
C SER A 250 -7.92 10.74 36.24
N ASN A 251 -8.70 10.53 37.30
CA ASN A 251 -10.15 10.41 37.23
C ASN A 251 -10.58 9.18 36.43
N ASN A 252 -9.93 8.05 36.71
CA ASN A 252 -10.30 6.73 36.22
C ASN A 252 -10.25 6.60 34.70
N THR A 253 -9.76 7.60 33.99
CA THR A 253 -9.56 7.47 32.54
C THR A 253 -8.13 7.07 32.21
N GLY A 254 -7.70 5.94 32.76
CA GLY A 254 -6.36 5.46 32.51
C GLY A 254 -6.35 4.10 31.84
N SER A 255 -5.69 3.99 30.70
CA SER A 255 -5.65 2.74 29.96
C SER A 255 -4.78 1.72 30.70
N VAL A 256 -4.73 0.52 30.14
CA VAL A 256 -3.98 -0.58 30.77
C VAL A 256 -2.48 -0.36 30.74
N SER A 257 -2.00 0.58 29.92
CA SER A 257 -0.58 0.90 29.92
C SER A 257 -0.23 1.86 31.05
N ILE A 258 -1.09 2.87 31.27
CA ILE A 258 -0.92 3.78 32.38
C ILE A 258 -0.87 3.00 33.69
N LEU A 259 -1.65 1.92 33.78
CA LEU A 259 -1.69 1.14 35.01
C LEU A 259 -0.32 0.57 35.34
N GLY A 260 0.32 -0.06 34.36
CA GLY A 260 1.65 -0.62 34.61
C GLY A 260 2.69 0.47 34.80
N TYR A 261 2.63 1.53 34.01
CA TYR A 261 3.60 2.61 34.14
C TYR A 261 3.51 3.31 35.49
N ASP A 262 2.34 3.25 36.13
CA ASP A 262 2.22 3.83 37.46
C ASP A 262 2.59 2.82 38.54
N ASN A 263 2.14 1.57 38.41
CA ASN A 263 2.46 0.60 39.45
C ASN A 263 3.90 0.13 39.41
N LEU A 264 4.67 0.52 38.40
CA LEU A 264 6.09 0.23 38.40
C LEU A 264 6.93 1.38 38.94
N PHE A 265 6.58 2.62 38.60
CA PHE A 265 7.43 3.76 38.94
C PHE A 265 6.91 4.57 40.12
N LYS A 266 5.64 4.44 40.49
CA LYS A 266 5.11 5.10 41.66
C LYS A 266 4.95 4.16 42.85
N GLY A 267 4.78 2.87 42.60
CA GLY A 267 4.65 1.92 43.68
C GLY A 267 5.89 1.09 43.88
N PHE A 268 6.81 1.15 42.91
CA PHE A 268 8.08 0.44 42.93
C PHE A 268 7.92 -1.07 42.99
N ASN A 269 6.71 -1.59 42.79
CA ASN A 269 6.46 -3.02 42.93
C ASN A 269 6.73 -3.68 41.59
N VAL A 270 7.89 -4.30 41.47
CA VAL A 270 8.20 -5.05 40.26
C VAL A 270 7.43 -6.36 40.22
N GLY A 271 7.27 -7.00 41.37
CA GLY A 271 6.63 -8.30 41.44
C GLY A 271 5.23 -8.35 40.88
N LEU A 272 4.53 -7.21 40.82
CA LEU A 272 3.23 -7.14 40.17
C LEU A 272 3.18 -6.17 39.01
N GLY A 273 4.06 -5.17 38.97
CA GLY A 273 4.24 -4.42 37.74
C GLY A 273 4.63 -5.30 36.57
N SER A 274 5.19 -6.47 36.85
CA SER A 274 5.50 -7.46 35.82
C SER A 274 4.33 -8.39 35.56
N ALA A 275 3.54 -8.72 36.59
CA ALA A 275 2.34 -9.50 36.38
C ALA A 275 1.36 -8.76 35.48
N ILE A 276 1.28 -7.45 35.63
CA ILE A 276 0.45 -6.65 34.73
C ILE A 276 0.90 -6.81 33.29
N SER A 277 2.21 -6.76 33.07
CA SER A 277 2.74 -6.93 31.72
C SER A 277 2.42 -8.32 31.19
N VAL A 278 2.53 -9.34 32.04
CA VAL A 278 2.22 -10.70 31.62
C VAL A 278 0.75 -10.82 31.21
N LEU A 279 -0.15 -10.23 32.00
CA LEU A 279 -1.56 -10.30 31.66
C LEU A 279 -1.87 -9.54 30.38
N ILE A 280 -1.23 -8.39 30.18
CA ILE A 280 -1.43 -7.64 28.95
C ILE A 280 -0.94 -8.44 27.75
N PHE A 281 0.19 -9.13 27.90
CA PHE A 281 0.69 -9.98 26.83
C PHE A 281 -0.30 -11.11 26.54
N GLY A 282 -0.82 -11.75 27.59
CA GLY A 282 -1.78 -12.82 27.39
C GLY A 282 -3.04 -12.36 26.68
N CYS A 283 -3.52 -11.16 27.02
CA CYS A 283 -4.75 -10.68 26.41
C CYS A 283 -4.54 -10.23 24.97
N VAL A 284 -3.41 -9.59 24.67
CA VAL A 284 -3.16 -9.27 23.27
C VAL A 284 -2.90 -10.54 22.47
N ALA A 285 -2.37 -11.59 23.12
CA ALA A 285 -2.24 -12.88 22.45
C ALA A 285 -3.61 -13.49 22.16
N VAL A 286 -4.57 -13.30 23.06
CA VAL A 286 -5.92 -13.78 22.80
C VAL A 286 -6.53 -13.02 21.62
N ILE A 287 -6.35 -11.70 21.60
CA ILE A 287 -6.82 -10.90 20.46
C ILE A 287 -6.22 -11.42 19.16
N ALA A 288 -4.90 -11.66 19.17
CA ALA A 288 -4.23 -12.16 17.98
C ALA A 288 -4.75 -13.53 17.58
N PHE A 289 -5.01 -14.40 18.56
CA PHE A 289 -5.54 -15.72 18.26
C PHE A 289 -6.91 -15.61 17.59
N ILE A 290 -7.77 -14.75 18.12
CA ILE A 290 -9.07 -14.52 17.48
C ILE A 290 -8.88 -14.09 16.03
N PHE A 291 -8.16 -12.98 15.83
CA PHE A 291 -7.98 -12.46 14.48
C PHE A 291 -7.32 -13.46 13.54
N ILE A 292 -6.47 -14.35 14.06
CA ILE A 292 -5.75 -15.27 13.19
C ILE A 292 -6.61 -16.48 12.85
N LYS A 293 -7.08 -17.20 13.87
CA LYS A 293 -7.89 -18.38 13.63
C LYS A 293 -9.18 -17.98 12.91
N LEU A 294 -10.02 -17.19 13.56
CA LEU A 294 -11.18 -16.68 12.83
C LEU A 294 -10.75 -15.52 11.95
N PHE A 295 -11.58 -15.21 10.96
CA PHE A 295 -11.40 -14.08 10.05
C PHE A 295 -10.19 -14.23 9.14
N GLY A 296 -9.39 -15.29 9.29
CA GLY A 296 -8.24 -15.50 8.44
C GLY A 296 -7.02 -14.69 8.83
N ALA A 297 -7.03 -13.40 8.46
CA ALA A 297 -5.94 -12.47 8.75
C ALA A 297 -4.58 -13.04 8.36
N ALA A 298 -4.54 -13.78 7.25
CA ALA A 298 -3.27 -14.30 6.77
C ALA A 298 -2.36 -13.16 6.33
N ALA A 299 -1.07 -13.45 6.29
CA ALA A 299 -0.11 -12.49 5.78
C ALA A 299 -0.33 -12.27 4.29
N PRO A 300 0.06 -11.10 3.77
CA PRO A 300 -0.14 -10.85 2.33
C PRO A 300 0.60 -11.84 1.44
N GLY A 301 1.68 -12.45 1.93
CA GLY A 301 2.39 -13.44 1.15
C GLY A 301 1.62 -14.74 1.00
N GLY A 302 1.23 -15.06 -0.23
CA GLY A 302 0.49 -16.28 -0.49
C GLY A 302 0.83 -16.90 -1.84
N GLY B 2 -16.49 17.96 -16.49
CA GLY B 2 -15.90 19.27 -16.67
C GLY B 2 -16.57 20.35 -15.84
N ALA B 3 -17.90 20.33 -15.82
CA ALA B 3 -18.68 21.29 -15.05
C ALA B 3 -19.04 20.77 -13.66
N ARG B 4 -19.74 19.64 -13.58
CA ARG B 4 -20.10 19.09 -12.29
C ARG B 4 -18.89 18.52 -11.57
N ARG B 5 -18.26 17.50 -12.18
CA ARG B 5 -17.22 16.73 -11.50
C ARG B 5 -16.10 17.61 -10.98
N ALA B 6 -15.74 18.66 -11.72
CA ALA B 6 -14.66 19.54 -11.31
C ALA B 6 -14.95 20.14 -9.94
N THR B 7 -16.04 20.90 -9.83
CA THR B 7 -16.39 21.52 -8.56
C THR B 7 -16.69 20.48 -7.49
N TYR B 8 -17.30 19.36 -7.89
CA TYR B 8 -17.58 18.28 -6.94
C TYR B 8 -16.30 17.84 -6.24
N TRP B 9 -15.31 17.42 -7.02
CA TRP B 9 -14.06 16.95 -6.42
C TRP B 9 -13.32 18.08 -5.73
N ALA B 10 -13.42 19.32 -6.23
CA ALA B 10 -12.75 20.44 -5.57
C ALA B 10 -13.27 20.63 -4.15
N VAL B 11 -14.59 20.80 -4.02
CA VAL B 11 -15.16 20.99 -2.69
C VAL B 11 -15.15 19.72 -1.86
N LEU B 12 -14.92 18.57 -2.48
CA LEU B 12 -14.81 17.34 -1.70
C LEU B 12 -13.41 17.17 -1.12
N ASP B 13 -12.39 17.50 -1.88
CA ASP B 13 -11.01 17.30 -1.45
C ASP B 13 -10.40 18.54 -0.82
N THR B 14 -11.12 19.66 -0.77
CA THR B 14 -10.70 20.72 0.14
C THR B 14 -11.10 20.41 1.57
N LEU B 15 -12.12 19.57 1.76
CA LEU B 15 -12.51 19.16 3.10
C LEU B 15 -11.39 18.37 3.77
N VAL B 16 -10.71 17.51 3.02
CA VAL B 16 -9.65 16.72 3.62
C VAL B 16 -8.43 17.59 3.91
N VAL B 17 -8.18 18.60 3.07
CA VAL B 17 -7.11 19.55 3.36
C VAL B 17 -7.39 20.27 4.67
N GLY B 18 -8.62 20.74 4.84
CA GLY B 18 -9.00 21.37 6.10
C GLY B 18 -8.85 20.43 7.27
N TYR B 19 -9.40 19.22 7.13
CA TYR B 19 -9.26 18.17 8.13
C TYR B 19 -7.81 18.01 8.58
N ALA B 20 -6.90 17.90 7.62
CA ALA B 20 -5.51 17.61 7.97
C ALA B 20 -4.77 18.82 8.51
N LEU B 21 -5.12 20.03 8.07
CA LEU B 21 -4.35 21.21 8.43
C LEU B 21 -4.87 21.99 9.61
N LEU B 22 -6.13 21.77 10.02
CA LEU B 22 -6.67 22.57 11.11
C LEU B 22 -5.94 22.33 12.44
N PRO B 23 -5.73 21.09 12.90
CA PRO B 23 -5.02 20.91 14.18
C PRO B 23 -3.57 21.37 14.16
N VAL B 24 -3.04 21.74 12.99
CA VAL B 24 -1.69 22.25 12.87
C VAL B 24 -1.69 23.77 12.79
N LEU B 25 -2.54 24.33 11.93
CA LEU B 25 -2.69 25.78 11.89
C LEU B 25 -3.13 26.33 13.24
N TRP B 26 -3.94 25.57 13.98
CA TRP B 26 -4.37 26.02 15.30
C TRP B 26 -3.18 26.26 16.21
N ILE B 27 -2.36 25.22 16.40
CA ILE B 27 -1.22 25.34 17.31
C ILE B 27 -0.21 26.34 16.76
N PHE B 28 -0.08 26.45 15.44
CA PHE B 28 0.86 27.44 14.90
C PHE B 28 0.39 28.85 15.18
N SER B 29 -0.92 29.09 15.15
CA SER B 29 -1.43 30.41 15.50
C SER B 29 -1.28 30.68 16.99
N LEU B 30 -1.52 29.66 17.82
CA LEU B 30 -1.22 29.79 19.24
C LEU B 30 0.21 30.20 19.47
N SER B 31 1.14 29.62 18.70
CA SER B 31 2.56 29.86 18.90
C SER B 31 2.98 31.28 18.58
N LEU B 32 2.15 32.07 17.91
CA LEU B 32 2.51 33.43 17.54
C LEU B 32 1.78 34.49 18.35
N LYS B 33 0.78 34.12 19.11
CA LYS B 33 0.03 35.11 19.89
C LYS B 33 0.93 35.67 21.00
N PRO B 34 0.93 36.98 21.21
CA PRO B 34 1.68 37.52 22.35
C PRO B 34 1.08 37.03 23.65
N THR B 35 1.93 36.96 24.68
CA THR B 35 1.56 36.35 25.95
C THR B 35 0.35 37.01 26.62
N SER B 36 -0.09 38.17 26.15
CA SER B 36 -1.27 38.79 26.73
C SER B 36 -2.55 38.26 26.10
N THR B 37 -2.64 38.32 24.78
CA THR B 37 -3.85 37.91 24.06
C THR B 37 -3.93 36.41 23.82
N VAL B 38 -2.99 35.62 24.35
CA VAL B 38 -2.98 34.19 24.09
C VAL B 38 -4.17 33.46 24.71
N LYS B 39 -4.94 34.14 25.56
CA LYS B 39 -6.02 33.50 26.30
C LYS B 39 -7.40 33.73 25.68
N ASP B 40 -7.49 34.46 24.58
CA ASP B 40 -8.76 34.61 23.87
C ASP B 40 -8.85 33.56 22.77
N GLY B 41 -10.07 33.11 22.50
CA GLY B 41 -10.28 32.02 21.57
C GLY B 41 -10.19 32.41 20.11
N LYS B 42 -9.47 33.48 19.81
CA LYS B 42 -9.30 33.90 18.42
C LYS B 42 -8.55 32.83 17.64
N LEU B 43 -9.22 32.28 16.63
CA LEU B 43 -8.55 31.29 15.77
C LEU B 43 -7.47 31.94 14.93
N ILE B 44 -7.67 33.18 14.52
CA ILE B 44 -6.68 33.94 13.74
C ILE B 44 -6.02 34.93 14.68
N PRO B 45 -4.70 34.91 14.81
CA PRO B 45 -4.04 35.80 15.78
C PRO B 45 -4.13 37.26 15.41
N SER B 46 -3.54 38.11 16.24
CA SER B 46 -3.52 39.55 16.00
C SER B 46 -2.26 40.12 16.61
N THR B 47 -1.51 40.88 15.83
CA THR B 47 -0.21 41.44 16.23
C THR B 47 0.72 40.32 16.70
N VAL B 48 1.03 39.43 15.76
CA VAL B 48 1.84 38.27 16.08
C VAL B 48 3.25 38.70 16.48
N THR B 49 3.89 37.89 17.32
CA THR B 49 5.26 38.12 17.75
C THR B 49 6.01 36.80 17.74
N PHE B 50 7.25 36.84 17.28
CA PHE B 50 8.12 35.66 17.29
C PHE B 50 8.87 35.51 18.61
N ASP B 51 8.36 36.12 19.67
CA ASP B 51 9.05 36.05 20.96
C ASP B 51 9.10 34.64 21.50
N ASN B 52 8.05 33.85 21.27
CA ASN B 52 8.06 32.46 21.73
C ASN B 52 9.18 31.68 21.06
N TYR B 53 9.30 31.78 19.74
CA TYR B 53 10.39 31.09 19.05
C TYR B 53 11.74 31.64 19.47
N ARG B 54 11.82 32.95 19.77
CA ARG B 54 13.06 33.51 20.27
C ARG B 54 13.48 32.85 21.58
N GLY B 55 12.53 32.73 22.51
CA GLY B 55 12.81 32.07 23.77
C GLY B 55 13.12 30.60 23.62
N ILE B 56 12.57 29.95 22.60
CA ILE B 56 12.87 28.55 22.34
C ILE B 56 14.30 28.40 21.82
N PHE B 57 14.66 29.21 20.82
CA PHE B 57 16.00 29.14 20.26
C PHE B 57 17.05 29.49 21.29
N ARG B 58 16.79 30.50 22.13
CA ARG B 58 17.69 30.80 23.24
C ARG B 58 17.63 29.63 24.21
N GLY B 59 18.67 28.80 24.19
CA GLY B 59 18.65 27.54 24.92
C GLY B 59 19.22 26.42 24.09
N ASP B 60 19.34 25.22 24.67
CA ASP B 60 19.96 24.09 23.99
C ASP B 60 19.21 22.79 24.24
N LEU B 61 17.98 22.86 24.73
CA LEU B 61 17.25 21.64 25.09
C LEU B 61 16.78 20.87 23.87
N PHE B 62 16.44 21.56 22.77
CA PHE B 62 15.84 20.88 21.63
C PHE B 62 16.86 20.40 20.62
N SER B 63 17.97 21.10 20.46
CA SER B 63 19.04 20.61 19.60
C SER B 63 19.58 19.28 20.12
N SER B 64 19.95 19.24 21.40
CA SER B 64 20.53 18.05 22.00
C SER B 64 19.55 16.92 22.17
N ALA B 65 18.31 17.07 21.72
CA ALA B 65 17.34 15.99 21.68
C ALA B 65 16.99 15.59 20.26
N LEU B 66 16.83 16.56 19.36
CA LEU B 66 16.71 16.24 17.95
C LEU B 66 17.91 15.43 17.47
N ILE B 67 19.11 15.80 17.92
CA ILE B 67 20.30 15.04 17.51
C ILE B 67 20.23 13.61 18.01
N ASN B 68 19.80 13.42 19.26
CA ASN B 68 19.69 12.07 19.80
C ASN B 68 18.67 11.25 19.00
N SER B 69 17.52 11.84 18.73
CA SER B 69 16.49 11.14 17.97
C SER B 69 17.01 10.75 16.59
N ILE B 70 17.65 11.67 15.89
CA ILE B 70 18.14 11.40 14.53
C ILE B 70 19.20 10.31 14.56
N GLY B 71 20.17 10.44 15.46
CA GLY B 71 21.22 9.45 15.54
C GLY B 71 20.71 8.06 15.87
N ILE B 72 19.83 7.97 16.87
CA ILE B 72 19.27 6.67 17.23
C ILE B 72 18.46 6.10 16.09
N GLY B 73 17.72 6.95 15.38
CA GLY B 73 16.97 6.48 14.22
C GLY B 73 17.87 5.89 13.16
N LEU B 74 18.96 6.59 12.84
CA LEU B 74 19.87 6.09 11.81
C LEU B 74 20.53 4.79 12.24
N ILE B 75 21.06 4.75 13.46
CA ILE B 75 21.77 3.55 13.90
C ILE B 75 20.81 2.38 14.03
N THR B 76 19.53 2.64 14.31
CA THR B 76 18.56 1.55 14.37
C THR B 76 18.21 1.06 12.98
N THR B 77 17.88 1.98 12.07
CA THR B 77 17.42 1.56 10.75
C THR B 77 18.53 0.89 9.96
N VAL B 78 19.79 1.26 10.17
CA VAL B 78 20.88 0.63 9.44
C VAL B 78 20.90 -0.87 9.74
N ILE B 79 20.98 -1.22 11.03
CA ILE B 79 21.06 -2.63 11.38
C ILE B 79 19.74 -3.34 11.12
N ALA B 80 18.62 -2.61 11.22
CA ALA B 80 17.33 -3.22 10.93
C ALA B 80 17.25 -3.63 9.47
N VAL B 81 17.59 -2.72 8.55
CA VAL B 81 17.56 -3.03 7.13
C VAL B 81 18.58 -4.13 6.82
N VAL B 82 19.76 -4.08 7.42
CA VAL B 82 20.78 -5.06 7.09
C VAL B 82 20.35 -6.46 7.52
N LEU B 83 19.89 -6.61 8.75
CA LEU B 83 19.46 -7.93 9.22
C LEU B 83 18.09 -8.33 8.70
N GLY B 84 17.34 -7.41 8.10
CA GLY B 84 16.03 -7.74 7.60
C GLY B 84 16.02 -8.09 6.13
N ALA B 85 16.95 -7.51 5.35
CA ALA B 85 17.05 -7.88 3.95
C ALA B 85 17.53 -9.31 3.79
N MET B 86 18.52 -9.71 4.59
CA MET B 86 19.04 -11.06 4.56
C MET B 86 18.01 -12.10 4.98
N ALA B 87 16.87 -11.68 5.50
CA ALA B 87 15.77 -12.58 5.80
C ALA B 87 14.65 -12.48 4.77
N ALA B 88 14.27 -11.26 4.40
CA ALA B 88 13.24 -11.07 3.39
C ALA B 88 13.63 -11.73 2.08
N TYR B 89 14.89 -11.59 1.67
CA TYR B 89 15.34 -12.29 0.46
C TYR B 89 15.21 -13.80 0.63
N ALA B 90 15.51 -14.30 1.83
CA ALA B 90 15.40 -15.73 2.08
C ALA B 90 13.96 -16.19 2.27
N VAL B 91 13.04 -15.27 2.58
CA VAL B 91 11.65 -15.66 2.77
C VAL B 91 10.85 -15.54 1.47
N ALA B 92 11.29 -14.72 0.53
CA ALA B 92 10.61 -14.57 -0.75
C ALA B 92 11.15 -15.50 -1.83
N ARG B 93 12.26 -16.17 -1.59
CA ARG B 93 12.87 -17.02 -2.61
C ARG B 93 13.11 -18.46 -2.17
N LEU B 94 13.11 -18.76 -0.88
CA LEU B 94 13.38 -20.09 -0.38
C LEU B 94 12.14 -20.63 0.33
N GLU B 95 12.16 -21.93 0.62
CA GLU B 95 10.98 -22.64 1.12
C GLU B 95 11.34 -23.50 2.32
N PHE B 96 12.05 -22.91 3.29
CA PHE B 96 12.40 -23.61 4.51
C PHE B 96 11.13 -23.98 5.28
N PRO B 97 11.20 -25.00 6.14
CA PRO B 97 10.03 -25.41 6.92
C PRO B 97 9.77 -24.46 8.08
N GLY B 98 8.70 -23.68 7.97
CA GLY B 98 8.32 -22.75 9.01
C GLY B 98 8.19 -21.32 8.52
N LYS B 99 8.05 -21.15 7.21
CA LYS B 99 8.02 -19.81 6.63
C LYS B 99 6.80 -19.03 7.09
N ARG B 100 5.62 -19.65 7.03
CA ARG B 100 4.40 -18.93 7.41
C ARG B 100 4.45 -18.51 8.87
N LEU B 101 5.02 -19.35 9.74
CA LEU B 101 5.20 -18.96 11.12
C LEU B 101 6.10 -17.74 11.24
N LEU B 102 7.20 -17.72 10.48
CA LEU B 102 8.12 -16.60 10.54
C LEU B 102 7.45 -15.31 10.09
N ILE B 103 6.70 -15.35 8.99
CA ILE B 103 6.09 -14.13 8.50
C ILE B 103 4.97 -13.68 9.42
N GLY B 104 4.23 -14.63 10.01
CA GLY B 104 3.24 -14.26 10.99
C GLY B 104 3.84 -13.58 12.21
N ALA B 105 4.98 -14.07 12.67
CA ALA B 105 5.67 -13.43 13.79
C ALA B 105 6.15 -12.04 13.39
N ALA B 106 6.77 -11.92 12.22
CA ALA B 106 7.22 -10.61 11.76
C ALA B 106 6.07 -9.65 11.58
N LEU B 107 4.86 -10.16 11.40
CA LEU B 107 3.68 -9.31 11.32
C LEU B 107 3.20 -8.89 12.71
N LEU B 108 3.14 -9.86 13.63
CA LEU B 108 2.54 -9.60 14.95
C LEU B 108 3.46 -8.75 15.82
N ILE B 109 4.71 -9.18 16.01
CA ILE B 109 5.62 -8.48 16.91
C ILE B 109 5.81 -7.02 16.55
N THR B 110 5.52 -6.63 15.30
CA THR B 110 5.63 -5.24 14.91
C THR B 110 4.83 -4.33 15.83
N MET B 111 3.55 -4.65 16.04
CA MET B 111 2.71 -3.91 16.98
C MET B 111 2.70 -4.56 18.36
N PHE B 112 3.89 -4.81 18.90
CA PHE B 112 3.99 -5.41 20.22
C PHE B 112 3.48 -4.42 21.27
N PRO B 113 2.86 -4.92 22.33
CA PRO B 113 2.49 -4.03 23.44
C PRO B 113 3.73 -3.58 24.20
N SER B 114 4.12 -2.33 24.01
CA SER B 114 5.38 -1.84 24.56
C SER B 114 5.40 -1.80 26.08
N ILE B 115 4.26 -1.99 26.74
CA ILE B 115 4.26 -1.99 28.19
C ILE B 115 4.76 -3.32 28.73
N SER B 116 4.63 -4.39 27.96
CA SER B 116 5.13 -5.69 28.40
C SER B 116 6.65 -5.75 28.41
N LEU B 117 7.33 -4.72 27.90
CA LEU B 117 8.78 -4.69 27.82
C LEU B 117 9.43 -3.83 28.90
N VAL B 118 8.78 -2.75 29.31
CA VAL B 118 9.46 -1.74 30.12
C VAL B 118 9.86 -2.30 31.48
N THR B 119 9.13 -3.29 32.00
CA THR B 119 9.50 -3.82 33.31
C THR B 119 10.77 -4.67 33.23
N PRO B 120 10.82 -5.76 32.44
CA PRO B 120 12.07 -6.51 32.37
C PRO B 120 13.21 -5.71 31.76
N LEU B 121 12.94 -4.86 30.78
CA LEU B 121 14.02 -4.06 30.20
C LEU B 121 14.61 -3.11 31.22
N PHE B 122 13.77 -2.45 32.00
CA PHE B 122 14.31 -1.59 33.06
C PHE B 122 15.10 -2.42 34.07
N ASN B 123 14.54 -3.55 34.51
CA ASN B 123 15.21 -4.37 35.51
C ASN B 123 16.51 -4.96 34.99
N ILE B 124 16.68 -5.04 33.67
CA ILE B 124 17.91 -5.56 33.08
C ILE B 124 18.93 -4.45 32.88
N GLU B 125 18.50 -3.33 32.29
CA GLU B 125 19.45 -2.27 31.96
C GLU B 125 19.92 -1.51 33.19
N ARG B 126 19.11 -1.45 34.25
CA ARG B 126 19.62 -0.88 35.48
C ARG B 126 20.75 -1.72 36.07
N ALA B 127 20.83 -3.00 35.72
CA ALA B 127 21.78 -3.91 36.33
C ALA B 127 22.93 -4.30 35.42
N ILE B 128 22.85 -4.04 34.12
CA ILE B 128 23.95 -4.31 33.21
C ILE B 128 24.81 -3.07 33.00
N GLY B 129 24.20 -1.90 32.89
CA GLY B 129 24.97 -0.68 32.82
C GLY B 129 24.51 0.28 31.75
N LEU B 130 23.73 -0.19 30.79
CA LEU B 130 23.26 0.66 29.71
C LEU B 130 21.84 1.18 30.01
N PHE B 131 21.75 1.94 31.10
CA PHE B 131 20.47 2.53 31.47
C PHE B 131 20.14 3.72 30.58
N ASP B 132 20.96 4.76 30.65
CA ASP B 132 20.75 5.97 29.85
C ASP B 132 21.88 6.06 28.83
N THR B 133 21.70 5.37 27.71
CA THR B 133 22.70 5.32 26.65
C THR B 133 22.00 5.14 25.33
N TRP B 134 22.75 5.36 24.25
CA TRP B 134 22.19 5.08 22.92
C TRP B 134 21.91 3.61 22.72
N PRO B 135 22.84 2.68 23.01
CA PRO B 135 22.48 1.26 22.84
C PRO B 135 21.32 0.82 23.70
N GLY B 136 21.18 1.38 24.91
CA GLY B 136 20.05 1.05 25.75
C GLY B 136 18.71 1.35 25.13
N LEU B 137 18.67 2.21 24.11
CA LEU B 137 17.47 2.51 23.36
C LEU B 137 17.43 1.78 22.02
N ILE B 138 18.57 1.65 21.36
CA ILE B 138 18.61 0.95 20.08
C ILE B 138 18.24 -0.51 20.26
N LEU B 139 18.56 -1.10 21.41
CA LEU B 139 18.29 -2.52 21.60
C LEU B 139 16.80 -2.82 21.68
N PRO B 140 15.99 -2.05 22.43
CA PRO B 140 14.55 -2.30 22.37
C PRO B 140 13.91 -1.89 21.05
N TYR B 141 14.43 -0.83 20.41
CA TYR B 141 13.81 -0.32 19.20
C TYR B 141 13.84 -1.32 18.05
N ILE B 142 14.76 -2.28 18.07
CA ILE B 142 14.79 -3.23 16.96
C ILE B 142 13.59 -4.16 17.03
N THR B 143 13.01 -4.36 18.21
CA THR B 143 11.81 -5.19 18.32
C THR B 143 10.69 -4.67 17.43
N PHE B 144 10.68 -3.37 17.16
CA PHE B 144 9.70 -2.78 16.25
C PHE B 144 10.28 -2.47 14.88
N ALA B 145 11.59 -2.28 14.79
CA ALA B 145 12.20 -1.98 13.49
C ALA B 145 12.34 -3.24 12.64
N LEU B 146 13.02 -4.25 13.16
CA LEU B 146 13.35 -5.43 12.37
C LEU B 146 12.12 -6.17 11.84
N PRO B 147 11.05 -6.41 12.61
CA PRO B 147 9.86 -7.01 12.01
C PRO B 147 9.26 -6.18 10.91
N LEU B 148 9.22 -4.86 11.08
CA LEU B 148 8.69 -3.99 10.04
C LEU B 148 9.54 -4.05 8.78
N ALA B 149 10.86 -4.07 8.96
CA ALA B 149 11.75 -4.16 7.80
C ALA B 149 11.58 -5.49 7.08
N ILE B 150 11.49 -6.58 7.84
CA ILE B 150 11.26 -7.89 7.23
C ILE B 150 9.96 -7.88 6.44
N TYR B 151 8.89 -7.39 7.06
CA TYR B 151 7.59 -7.35 6.38
C TYR B 151 7.65 -6.55 5.09
N THR B 152 8.19 -5.32 5.16
CA THR B 152 8.22 -4.45 3.99
C THR B 152 9.07 -5.06 2.87
N LEU B 153 10.28 -5.51 3.21
CA LEU B 153 11.17 -6.00 2.17
C LEU B 153 10.71 -7.35 1.62
N SER B 154 10.03 -8.16 2.42
CA SER B 154 9.45 -9.39 1.91
C SER B 154 8.29 -9.10 0.97
N ALA B 155 7.50 -8.07 1.28
CA ALA B 155 6.45 -7.66 0.36
C ALA B 155 7.04 -7.15 -0.94
N PHE B 156 8.13 -6.40 -0.87
CA PHE B 156 8.67 -5.80 -2.09
C PHE B 156 9.42 -6.82 -2.94
N PHE B 157 10.17 -7.73 -2.31
CA PHE B 157 10.99 -8.67 -3.07
C PHE B 157 10.14 -9.59 -3.94
N ARG B 158 8.93 -9.93 -3.51
CA ARG B 158 8.07 -10.81 -4.29
C ARG B 158 7.64 -10.17 -5.59
N GLU B 159 8.00 -8.91 -5.81
CA GLU B 159 7.69 -8.20 -7.04
C GLU B 159 8.90 -8.08 -7.96
N ILE B 160 9.91 -8.90 -7.76
CA ILE B 160 11.13 -8.87 -8.57
C ILE B 160 11.01 -9.94 -9.65
N PRO B 161 11.29 -9.62 -10.91
CA PRO B 161 11.21 -10.64 -11.97
C PRO B 161 12.34 -11.65 -11.85
N TRP B 162 12.15 -12.64 -10.97
CA TRP B 162 13.21 -13.59 -10.66
C TRP B 162 13.73 -14.31 -11.91
N ASP B 163 12.91 -14.43 -12.94
CA ASP B 163 13.33 -15.12 -14.17
C ASP B 163 14.60 -14.51 -14.76
N LEU B 164 14.85 -13.23 -14.49
CA LEU B 164 16.10 -12.61 -14.93
C LEU B 164 17.32 -13.36 -14.43
N GLU B 165 17.20 -14.08 -13.32
CA GLU B 165 18.28 -14.95 -12.87
C GLU B 165 18.64 -15.96 -13.95
N LYS B 166 17.66 -16.73 -14.41
CA LYS B 166 17.92 -17.69 -15.48
C LYS B 166 18.32 -16.99 -16.77
N ALA B 167 17.75 -15.81 -17.04
CA ALA B 167 18.15 -15.04 -18.21
C ALA B 167 19.65 -14.79 -18.21
N ALA B 168 20.16 -14.21 -17.12
CA ALA B 168 21.59 -13.95 -17.01
C ALA B 168 22.38 -15.25 -17.04
N LYS B 169 21.83 -16.33 -16.47
CA LYS B 169 22.48 -17.62 -16.56
C LYS B 169 22.56 -18.12 -17.99
N MET B 170 21.72 -17.61 -18.89
CA MET B 170 21.65 -18.10 -20.25
C MET B 170 22.43 -17.25 -21.25
N ASP B 171 22.75 -16.01 -20.92
CA ASP B 171 23.57 -15.18 -21.79
C ASP B 171 24.90 -14.77 -21.15
N GLY B 172 25.14 -15.16 -19.90
CA GLY B 172 26.37 -14.79 -19.22
C GLY B 172 26.98 -15.95 -18.48
N ALA B 173 27.35 -15.73 -17.23
CA ALA B 173 28.02 -16.74 -16.41
C ALA B 173 28.00 -16.28 -14.96
N THR B 174 28.63 -17.09 -14.10
CA THR B 174 28.89 -16.72 -12.71
C THR B 174 27.62 -16.29 -11.98
N PRO B 175 26.76 -17.24 -11.57
CA PRO B 175 25.55 -16.88 -10.81
C PRO B 175 25.81 -15.83 -9.72
N GLY B 176 27.01 -15.85 -9.15
CA GLY B 176 27.42 -14.78 -8.26
C GLY B 176 27.43 -13.43 -8.96
N GLN B 177 27.97 -13.37 -10.18
CA GLN B 177 27.98 -12.12 -10.91
C GLN B 177 26.58 -11.65 -11.24
N ALA B 178 25.66 -12.57 -11.50
CA ALA B 178 24.26 -12.20 -11.66
C ALA B 178 23.71 -11.59 -10.38
N PHE B 179 23.78 -12.37 -9.28
CA PHE B 179 23.36 -11.89 -7.97
C PHE B 179 23.94 -10.53 -7.63
N ARG B 180 25.10 -10.20 -8.20
CA ARG B 180 25.75 -8.92 -7.93
C ARG B 180 25.28 -7.81 -8.86
N LYS B 181 25.05 -8.12 -10.14
CA LYS B 181 24.90 -7.08 -11.15
C LYS B 181 23.48 -6.87 -11.65
N VAL B 182 22.60 -7.87 -11.54
CA VAL B 182 21.27 -7.75 -12.12
C VAL B 182 20.17 -7.60 -11.07
N ILE B 183 20.28 -8.25 -9.92
CA ILE B 183 19.21 -8.18 -8.93
C ILE B 183 19.49 -7.09 -7.92
N VAL B 184 20.77 -6.77 -7.72
CA VAL B 184 21.12 -5.69 -6.78
C VAL B 184 20.59 -4.33 -7.23
N PRO B 185 20.72 -3.93 -8.50
CA PRO B 185 20.00 -2.73 -8.94
C PRO B 185 18.50 -2.91 -8.92
N LEU B 186 18.01 -4.14 -8.98
CA LEU B 186 16.59 -4.43 -8.82
C LEU B 186 16.17 -4.49 -7.36
N ALA B 187 17.10 -4.36 -6.43
CA ALA B 187 16.78 -4.40 -5.01
C ALA B 187 17.28 -3.19 -4.23
N ALA B 188 17.93 -2.24 -4.89
CA ALA B 188 18.35 -1.03 -4.17
C ALA B 188 17.17 -0.16 -3.75
N PRO B 189 16.21 0.19 -4.64
CA PRO B 189 15.10 1.05 -4.20
C PRO B 189 14.29 0.46 -3.07
N GLY B 190 14.14 -0.87 -3.01
CA GLY B 190 13.44 -1.48 -1.89
C GLY B 190 14.12 -1.17 -0.57
N LEU B 191 15.45 -1.25 -0.55
CA LEU B 191 16.19 -0.89 0.65
C LEU B 191 16.05 0.59 0.96
N VAL B 192 16.15 1.43 -0.08
CA VAL B 192 16.05 2.88 0.13
C VAL B 192 14.69 3.25 0.70
N THR B 193 13.64 2.50 0.36
CA THR B 193 12.31 2.81 0.88
C THR B 193 12.07 2.20 2.26
N ALA B 194 12.51 0.97 2.48
CA ALA B 194 12.41 0.37 3.80
C ALA B 194 13.17 1.19 4.83
N ALA B 195 14.30 1.79 4.43
CA ALA B 195 15.03 2.65 5.34
C ALA B 195 14.17 3.82 5.79
N ILE B 196 13.53 4.49 4.85
CA ILE B 196 12.67 5.62 5.18
C ILE B 196 11.54 5.18 6.10
N LEU B 197 10.92 4.04 5.79
CA LEU B 197 9.81 3.57 6.60
C LEU B 197 10.24 3.29 8.03
N VAL B 198 11.34 2.55 8.20
CA VAL B 198 11.80 2.22 9.54
C VAL B 198 12.21 3.48 10.29
N PHE B 199 12.89 4.42 9.61
CA PHE B 199 13.31 5.65 10.26
C PHE B 199 12.10 6.43 10.76
N ILE B 200 11.10 6.62 9.91
CA ILE B 200 9.89 7.32 10.33
C ILE B 200 9.24 6.60 11.49
N PHE B 201 9.18 5.27 11.42
CA PHE B 201 8.55 4.50 12.48
C PHE B 201 9.30 4.63 13.80
N ALA B 202 10.59 4.95 13.75
CA ALA B 202 11.36 5.06 14.98
C ALA B 202 10.90 6.23 15.85
N TRP B 203 10.32 7.27 15.23
CA TRP B 203 10.05 8.50 15.96
C TRP B 203 8.83 8.42 16.86
N ASN B 204 7.87 7.54 16.57
CA ASN B 204 6.56 7.60 17.20
C ASN B 204 6.50 6.84 18.52
N ASP B 205 7.63 6.64 19.19
CA ASP B 205 7.66 5.94 20.46
C ASP B 205 7.85 6.92 21.61
N LEU B 206 7.08 6.72 22.66
CA LEU B 206 7.19 7.58 23.83
C LEU B 206 7.40 6.81 25.12
N LEU B 207 6.78 5.63 25.27
CA LEU B 207 6.86 4.91 26.54
C LEU B 207 8.27 4.45 26.82
N LEU B 208 8.90 3.77 25.88
CA LEU B 208 10.24 3.24 26.12
C LEU B 208 11.27 4.35 26.25
N ALA B 209 11.23 5.31 25.33
CA ALA B 209 12.17 6.44 25.39
C ALA B 209 11.92 7.31 26.62
N LEU B 210 10.74 7.20 27.23
CA LEU B 210 10.43 7.99 28.41
C LEU B 210 10.79 7.26 29.69
N SER B 211 10.76 5.93 29.69
CA SER B 211 11.04 5.16 30.88
C SER B 211 12.44 4.55 30.89
N LEU B 212 13.22 4.72 29.82
CA LEU B 212 14.58 4.18 29.80
C LEU B 212 15.64 5.23 29.51
N THR B 213 15.29 6.52 29.57
CA THR B 213 16.26 7.60 29.37
C THR B 213 16.15 8.58 30.53
N ALA B 214 17.29 9.15 30.89
CA ALA B 214 17.35 10.02 32.06
C ALA B 214 17.80 11.44 31.74
N THR B 215 18.89 11.60 31.02
CA THR B 215 19.53 12.91 30.89
C THR B 215 19.66 13.30 29.42
N LYS B 216 20.35 14.41 29.19
CA LYS B 216 20.54 14.97 27.86
C LYS B 216 21.28 14.03 26.93
N ALA B 217 21.93 13.00 27.46
CA ALA B 217 22.68 12.09 26.59
C ALA B 217 21.78 11.18 25.78
N ALA B 218 20.55 10.92 26.26
CA ALA B 218 19.71 9.93 25.60
C ALA B 218 18.25 10.31 25.50
N ILE B 219 17.86 11.55 25.80
CA ILE B 219 16.47 11.94 25.68
C ILE B 219 16.15 12.24 24.21
N THR B 220 15.08 11.64 23.71
CA THR B 220 14.66 11.84 22.33
C THR B 220 13.79 13.08 22.23
N ALA B 221 13.19 13.30 21.07
CA ALA B 221 12.35 14.47 20.84
C ALA B 221 10.98 14.33 21.50
N PRO B 222 10.25 13.24 21.30
CA PRO B 222 8.94 13.14 21.97
C PRO B 222 9.02 13.17 23.47
N VAL B 223 10.13 12.71 24.06
CA VAL B 223 10.31 12.83 25.49
C VAL B 223 10.67 14.26 25.86
N ALA B 224 11.48 14.92 25.05
CA ALA B 224 11.85 16.30 25.34
C ALA B 224 10.63 17.20 25.35
N ILE B 225 9.72 17.01 24.41
CA ILE B 225 8.55 17.88 24.36
C ILE B 225 7.52 17.48 25.40
N ALA B 226 7.49 16.21 25.81
CA ALA B 226 6.52 15.77 26.80
C ALA B 226 6.80 16.38 28.17
N ASN B 227 8.06 16.64 28.48
CA ASN B 227 8.44 17.21 29.76
C ASN B 227 8.66 18.72 29.69
N PHE B 228 8.37 19.35 28.55
CA PHE B 228 8.56 20.78 28.43
C PHE B 228 7.48 21.53 29.20
N THR B 229 7.85 22.71 29.69
CA THR B 229 6.93 23.50 30.51
C THR B 229 6.91 24.98 30.15
N GLY B 230 7.73 25.42 29.19
CA GLY B 230 7.77 26.83 28.85
C GLY B 230 9.14 27.44 29.07
N SER B 231 9.48 28.46 28.29
CA SER B 231 10.78 29.10 28.43
C SER B 231 10.94 29.71 29.81
N SER B 232 10.12 30.70 30.12
CA SER B 232 10.17 31.35 31.43
C SER B 232 9.41 30.54 32.46
N GLN B 233 9.56 30.93 33.72
CA GLN B 233 8.92 30.22 34.82
C GLN B 233 7.68 30.91 35.35
N PHE B 234 7.43 32.16 34.98
CA PHE B 234 6.28 32.90 35.48
C PHE B 234 5.30 33.33 34.42
N GLU B 235 5.69 33.32 33.15
CA GLU B 235 4.78 33.71 32.09
C GLU B 235 3.83 32.56 31.77
N GLU B 236 2.76 32.89 31.05
CA GLU B 236 1.80 31.87 30.64
C GLU B 236 2.47 30.89 29.68
N PRO B 237 2.43 29.58 29.94
CA PRO B 237 3.26 28.64 29.18
C PRO B 237 2.65 28.17 27.87
N THR B 238 1.43 28.60 27.52
CA THR B 238 0.76 28.04 26.35
C THR B 238 1.52 28.37 25.06
N GLY B 239 1.81 29.65 24.84
CA GLY B 239 2.51 30.03 23.63
C GLY B 239 3.89 29.40 23.52
N SER B 240 4.61 29.33 24.65
CA SER B 240 5.95 28.75 24.64
C SER B 240 5.90 27.28 24.31
N ILE B 241 4.95 26.54 24.91
CA ILE B 241 4.82 25.12 24.61
C ILE B 241 4.44 24.91 23.15
N ALA B 242 3.57 25.77 22.62
CA ALA B 242 3.17 25.64 21.23
C ALA B 242 4.36 25.86 20.29
N ALA B 243 5.14 26.91 20.55
CA ALA B 243 6.31 27.17 19.72
C ALA B 243 7.31 26.02 19.81
N GLY B 244 7.54 25.50 21.01
CA GLY B 244 8.43 24.35 21.14
C GLY B 244 7.94 23.16 20.37
N ALA B 245 6.63 22.89 20.39
CA ALA B 245 6.08 21.78 19.63
C ALA B 245 6.30 21.97 18.13
N ILE B 246 5.99 23.16 17.63
CA ILE B 246 6.20 23.43 16.21
C ILE B 246 7.65 23.19 15.82
N VAL B 247 8.58 23.74 16.61
CA VAL B 247 9.99 23.61 16.28
C VAL B 247 10.43 22.16 16.33
N ILE B 248 9.94 21.40 17.31
CA ILE B 248 10.35 20.00 17.43
C ILE B 248 9.69 19.10 16.41
N THR B 249 8.63 19.56 15.74
CA THR B 249 7.94 18.69 14.80
C THR B 249 8.16 19.05 13.34
N ILE B 250 8.68 20.24 13.03
CA ILE B 250 8.88 20.59 11.61
C ILE B 250 9.87 19.68 10.88
N PRO B 251 10.99 19.21 11.48
CA PRO B 251 11.95 18.43 10.69
C PRO B 251 11.38 17.16 10.08
N ILE B 252 10.78 16.31 10.91
CA ILE B 252 10.23 15.06 10.40
C ILE B 252 9.08 15.35 9.43
N ILE B 253 8.38 16.46 9.61
CA ILE B 253 7.31 16.82 8.69
C ILE B 253 7.87 17.11 7.31
N VAL B 254 8.92 17.93 7.24
CA VAL B 254 9.47 18.23 5.92
C VAL B 254 10.13 17.00 5.33
N PHE B 255 10.65 16.10 6.16
CA PHE B 255 11.20 14.85 5.65
C PHE B 255 10.11 14.01 4.98
N VAL B 256 8.99 13.83 5.68
CA VAL B 256 7.87 13.08 5.11
C VAL B 256 7.36 13.75 3.85
N LEU B 257 7.31 15.08 3.83
CA LEU B 257 6.84 15.77 2.64
C LEU B 257 7.80 15.55 1.47
N ILE B 258 9.10 15.52 1.74
CA ILE B 258 10.07 15.26 0.68
C ILE B 258 9.86 13.87 0.11
N PHE B 259 9.70 12.86 0.97
CA PHE B 259 9.68 11.48 0.52
C PHE B 259 8.28 10.92 0.34
N GLN B 260 7.26 11.77 0.32
CA GLN B 260 5.87 11.34 0.14
C GLN B 260 5.67 10.26 -0.93
N ARG B 261 6.29 10.43 -2.09
CA ARG B 261 6.08 9.48 -3.17
C ARG B 261 6.56 8.08 -2.77
N ARG B 262 7.81 7.99 -2.29
CA ARG B 262 8.33 6.73 -1.83
C ARG B 262 7.51 6.15 -0.69
N ILE B 263 7.03 7.01 0.20
CA ILE B 263 6.28 6.54 1.36
C ILE B 263 4.98 5.89 0.92
N VAL B 264 4.22 6.58 0.06
CA VAL B 264 2.94 6.02 -0.38
C VAL B 264 3.17 4.80 -1.27
N ALA B 265 4.28 4.76 -2.00
CA ALA B 265 4.57 3.57 -2.79
C ALA B 265 4.99 2.40 -1.92
N GLY B 266 5.53 2.67 -0.73
CA GLY B 266 5.99 1.62 0.14
C GLY B 266 4.92 1.05 1.05
N LEU B 267 4.17 1.90 1.72
CA LEU B 267 3.10 1.42 2.60
C LEU B 267 2.07 0.64 1.80
N THR B 268 1.53 1.24 0.74
CA THR B 268 0.78 0.47 -0.24
C THR B 268 1.77 -0.35 -1.05
N SER B 269 1.99 -1.59 -0.64
CA SER B 269 3.11 -2.37 -1.17
C SER B 269 2.98 -2.59 -2.67
N GLY B 270 3.80 -1.90 -3.44
CA GLY B 270 3.71 -1.97 -4.89
C GLY B 270 2.67 -1.05 -5.51
N ALA B 271 1.44 -1.09 -4.99
CA ALA B 271 0.37 -0.27 -5.54
C ALA B 271 0.72 1.22 -5.43
N VAL B 272 0.39 1.97 -6.48
CA VAL B 272 0.63 3.40 -6.54
C VAL B 272 2.10 3.72 -6.33
N CYS C 26 37.87 22.63 19.89
CA CYS C 26 36.62 21.87 19.79
C CYS C 26 36.91 20.38 19.60
N GLY C 27 35.84 19.59 19.51
CA GLY C 27 35.95 18.15 19.36
C GLY C 27 36.01 17.39 20.66
N ALA C 28 36.71 17.91 21.66
CA ALA C 28 36.83 17.28 22.98
C ALA C 28 36.83 18.39 24.02
N ASP C 29 35.66 18.67 24.57
CA ASP C 29 35.48 19.74 25.56
C ASP C 29 35.65 19.14 26.95
N SER C 30 36.90 19.14 27.43
CA SER C 30 37.21 18.60 28.74
C SER C 30 37.16 19.69 29.80
N GLN C 31 36.57 19.38 30.94
CA GLN C 31 36.44 20.34 32.03
C GLN C 31 36.38 19.58 33.34
N GLY C 32 36.40 20.33 34.44
CA GLY C 32 36.34 19.75 35.76
C GLY C 32 35.00 19.10 36.04
N LEU C 33 34.82 18.74 37.30
CA LEU C 33 33.59 18.09 37.72
C LEU C 33 32.40 19.04 37.56
N VAL C 34 31.25 18.47 37.29
CA VAL C 34 30.01 19.23 37.13
C VAL C 34 28.98 18.59 38.06
N VAL C 35 28.88 19.12 39.28
CA VAL C 35 27.87 18.64 40.21
C VAL C 35 26.50 18.97 39.66
N SER C 36 25.70 17.93 39.41
CA SER C 36 24.38 18.12 38.81
C SER C 36 23.36 18.38 39.91
N PHE C 37 22.58 19.45 39.74
CA PHE C 37 21.63 19.91 40.73
C PHE C 37 20.23 19.77 40.16
N TYR C 38 19.35 19.09 40.89
CA TYR C 38 18.02 18.73 40.40
C TYR C 38 16.97 19.47 41.22
N THR C 39 16.38 20.51 40.63
CA THR C 39 15.33 21.27 41.28
C THR C 39 14.07 21.25 40.43
N PRO C 40 12.90 21.34 41.05
CA PRO C 40 11.66 21.40 40.27
C PRO C 40 11.67 22.54 39.27
N ALA C 41 10.89 22.38 38.21
CA ALA C 41 10.83 23.38 37.16
C ALA C 41 10.09 24.64 37.60
N THR C 42 9.24 24.52 38.62
CA THR C 42 8.43 25.67 39.11
C THR C 42 9.35 26.82 39.55
N ASP C 43 10.58 26.51 39.95
CA ASP C 43 11.54 27.55 40.40
C ASP C 43 12.91 27.30 39.77
N GLY C 44 12.94 26.94 38.49
CA GLY C 44 14.19 26.68 37.82
C GLY C 44 15.03 27.92 37.64
N ALA C 45 14.42 28.98 37.09
CA ALA C 45 15.18 30.17 36.71
C ALA C 45 15.82 30.88 37.90
N THR C 46 15.34 30.63 39.11
CA THR C 46 15.97 31.22 40.28
C THR C 46 17.13 30.38 40.79
N PHE C 47 16.98 29.05 40.85
CA PHE C 47 18.09 28.22 41.26
C PHE C 47 19.18 28.19 40.20
N THR C 48 18.86 28.50 38.95
CA THR C 48 19.90 28.67 37.94
C THR C 48 20.79 29.85 38.27
N ALA C 49 20.18 31.00 38.59
CA ALA C 49 20.98 32.14 39.00
C ALA C 49 21.72 31.88 40.31
N ILE C 50 21.13 31.09 41.20
CA ILE C 50 21.84 30.70 42.42
C ILE C 50 23.10 29.91 42.07
N ALA C 51 22.96 28.93 41.18
CA ALA C 51 24.13 28.16 40.75
C ALA C 51 25.16 29.06 40.08
N GLN C 52 24.70 30.06 39.33
CA GLN C 52 25.62 31.00 38.71
C GLN C 52 26.41 31.78 39.76
N ARG C 53 25.72 32.23 40.81
CA ARG C 53 26.42 32.92 41.88
C ARG C 53 27.36 32.00 42.64
N CYS C 54 27.01 30.71 42.75
CA CYS C 54 27.83 29.77 43.50
C CYS C 54 29.05 29.31 42.72
N ASN C 55 28.99 29.35 41.39
CA ASN C 55 30.12 28.95 40.57
C ASN C 55 31.22 30.00 40.53
N GLN C 56 31.16 31.01 41.40
CA GLN C 56 32.24 31.96 41.57
C GLN C 56 33.07 31.70 42.82
N GLN C 57 32.42 31.38 43.94
CA GLN C 57 33.12 31.04 45.17
C GLN C 57 33.87 29.72 45.08
N PHE C 58 33.83 29.04 43.93
CA PHE C 58 34.54 27.79 43.76
C PHE C 58 35.79 27.92 42.91
N GLY C 59 35.95 29.00 42.18
CA GLY C 59 37.08 29.11 41.27
C GLY C 59 36.96 28.06 40.18
N GLY C 60 38.04 27.32 39.98
CA GLY C 60 38.09 26.28 38.97
C GLY C 60 38.00 24.87 39.49
N ARG C 61 37.65 24.67 40.77
CA ARG C 61 37.57 23.32 41.30
C ARG C 61 36.52 22.50 40.57
N PHE C 62 35.32 23.05 40.42
CA PHE C 62 34.24 22.40 39.70
C PHE C 62 33.16 23.45 39.44
N THR C 63 32.05 23.02 38.85
CA THR C 63 30.91 23.89 38.59
C THR C 63 29.63 23.13 38.91
N ILE C 64 28.55 23.88 39.11
CA ILE C 64 27.24 23.32 39.38
C ILE C 64 26.37 23.57 38.15
N ALA C 65 25.55 22.58 37.81
CA ALA C 65 24.67 22.66 36.65
C ALA C 65 23.27 22.27 37.08
N GLN C 66 22.33 23.20 36.94
CA GLN C 66 20.96 22.96 37.36
C GLN C 66 20.23 22.15 36.30
N VAL C 67 19.37 21.24 36.75
CA VAL C 67 18.58 20.39 35.87
C VAL C 67 17.16 20.36 36.43
N SER C 68 16.17 20.45 35.55
CA SER C 68 14.79 20.66 35.94
C SER C 68 14.05 19.35 36.06
N LEU C 69 13.23 19.23 37.10
CA LEU C 69 12.28 18.17 37.34
C LEU C 69 10.88 18.62 36.97
N PRO C 70 9.93 17.71 36.79
CA PRO C 70 8.57 18.13 36.46
C PRO C 70 7.95 19.00 37.53
N ARG C 71 6.89 19.70 37.16
CA ARG C 71 6.28 20.70 38.04
C ARG C 71 5.38 20.10 39.10
N SER C 72 5.09 18.80 39.04
CA SER C 72 4.17 18.26 40.02
C SER C 72 4.91 17.44 41.06
N PRO C 73 4.50 17.54 42.33
CA PRO C 73 5.22 16.80 43.37
C PRO C 73 5.12 15.29 43.22
N ASN C 74 4.00 14.78 42.73
CA ASN C 74 3.81 13.34 42.68
C ASN C 74 4.63 12.68 41.59
N GLU C 75 5.24 13.44 40.68
CA GLU C 75 6.07 12.88 39.63
C GLU C 75 7.54 13.26 39.75
N GLN C 76 7.82 14.24 40.61
CA GLN C 76 9.22 14.63 40.93
C GLN C 76 9.84 13.41 41.61
N ARG C 77 9.08 12.77 42.50
CA ARG C 77 9.53 11.54 43.14
C ARG C 77 9.69 10.42 42.13
N LEU C 78 8.79 10.35 41.16
CA LEU C 78 8.90 9.33 40.13
C LEU C 78 10.22 9.46 39.38
N GLN C 79 10.55 10.66 38.91
CA GLN C 79 11.79 10.88 38.19
C GLN C 79 12.99 10.57 39.06
N LEU C 80 13.00 11.09 40.29
CA LEU C 80 14.14 10.88 41.17
C LEU C 80 14.35 9.40 41.46
N ALA C 81 13.26 8.67 41.73
CA ALA C 81 13.40 7.26 42.06
C ALA C 81 13.80 6.44 40.85
N ARG C 82 13.30 6.81 39.66
CA ARG C 82 13.73 6.12 38.45
C ARG C 82 15.22 6.31 38.24
N ARG C 83 15.72 7.53 38.42
CA ARG C 83 17.15 7.78 38.24
C ARG C 83 17.98 7.09 39.30
N LEU C 84 17.48 7.05 40.53
CA LEU C 84 18.24 6.44 41.62
C LEU C 84 18.31 4.92 41.46
N THR C 85 17.21 4.28 41.11
CA THR C 85 17.20 2.84 40.93
C THR C 85 17.86 2.42 39.62
N GLY C 86 17.88 3.28 38.62
CA GLY C 86 18.57 2.96 37.39
C GLY C 86 20.06 3.21 37.39
N ASN C 87 20.63 3.52 38.56
CA ASN C 87 22.06 3.79 38.69
C ASN C 87 22.52 4.84 37.68
N ASP C 88 21.84 5.98 37.68
CA ASP C 88 22.24 7.11 36.86
C ASP C 88 23.37 7.83 37.56
N ARG C 89 24.60 7.59 37.10
CA ARG C 89 25.78 8.09 37.79
C ARG C 89 25.95 9.60 37.68
N THR C 90 25.03 10.30 37.02
CA THR C 90 25.13 11.75 36.88
C THR C 90 24.35 12.50 37.95
N LEU C 91 23.45 11.84 38.66
CA LEU C 91 22.65 12.49 39.69
C LEU C 91 23.53 12.76 40.90
N ASP C 92 23.73 14.04 41.22
CA ASP C 92 24.65 14.44 42.27
C ASP C 92 23.94 15.05 43.47
N VAL C 93 23.15 16.11 43.26
CA VAL C 93 22.43 16.78 44.32
C VAL C 93 20.98 16.92 43.89
N MET C 94 20.06 16.54 44.76
CA MET C 94 18.64 16.61 44.46
C MET C 94 17.92 17.42 45.53
N ALA C 95 17.02 18.30 45.08
CA ALA C 95 16.17 19.09 45.97
C ALA C 95 14.84 18.36 46.05
N LEU C 96 14.68 17.54 47.10
CA LEU C 96 13.52 16.69 47.24
C LEU C 96 12.50 17.31 48.18
N ASP C 97 11.25 16.88 48.02
CA ASP C 97 10.15 17.44 48.77
C ASP C 97 10.32 17.14 50.26
N VAL C 98 9.48 17.76 51.07
CA VAL C 98 9.69 17.80 52.51
C VAL C 98 9.02 16.61 53.18
N VAL C 99 8.50 15.69 52.38
CA VAL C 99 7.78 14.54 52.91
C VAL C 99 8.41 13.22 52.48
N TRP C 100 9.56 13.26 51.81
CA TRP C 100 10.15 12.06 51.23
C TRP C 100 11.35 11.53 51.99
N THR C 101 11.89 12.30 52.94
CA THR C 101 13.06 11.85 53.69
C THR C 101 12.82 10.51 54.35
N ALA C 102 11.66 10.34 54.98
CA ALA C 102 11.36 9.13 55.73
C ALA C 102 11.28 7.90 54.83
N GLU C 103 11.39 8.11 53.51
CA GLU C 103 11.38 7.03 52.55
C GLU C 103 12.72 6.86 51.86
N PHE C 104 13.29 7.97 51.37
CA PHE C 104 14.61 7.89 50.74
C PHE C 104 15.68 7.46 51.73
N ALA C 105 15.50 7.72 53.02
CA ALA C 105 16.50 7.31 54.00
C ALA C 105 16.48 5.81 54.19
N GLU C 106 15.29 5.23 54.41
CA GLU C 106 15.19 3.79 54.58
C GLU C 106 15.56 3.05 53.29
N ALA C 107 15.21 3.62 52.14
CA ALA C 107 15.48 2.92 50.89
C ALA C 107 16.94 2.96 50.50
N GLY C 108 17.86 3.44 51.33
CA GLY C 108 19.26 3.47 50.99
C GLY C 108 19.70 4.71 50.25
N TRP C 109 18.79 5.34 49.50
CA TRP C 109 19.11 6.54 48.75
C TRP C 109 19.34 7.69 49.71
N ALA C 110 19.66 8.87 49.14
CA ALA C 110 19.79 10.10 49.91
C ALA C 110 20.68 9.89 51.14
N LEU C 111 21.94 9.57 50.85
CA LEU C 111 22.86 9.12 51.88
C LEU C 111 22.96 10.14 53.01
N PRO C 112 23.14 9.68 54.24
CA PRO C 112 22.98 10.56 55.40
C PRO C 112 24.08 11.60 55.50
N LEU C 113 23.75 12.69 56.20
CA LEU C 113 24.72 13.76 56.40
C LEU C 113 25.92 13.28 57.19
N SER C 114 25.76 12.22 57.99
CA SER C 114 26.81 11.77 58.88
C SER C 114 28.10 11.38 58.16
N ASP C 115 28.04 11.07 56.86
CA ASP C 115 29.22 10.57 56.20
C ASP C 115 29.67 11.47 55.05
N ASP C 116 29.65 12.77 55.27
CA ASP C 116 30.37 13.68 54.39
C ASP C 116 31.86 13.56 54.67
N PRO C 117 32.69 13.19 53.68
CA PRO C 117 34.13 13.03 53.94
C PRO C 117 34.79 14.27 54.51
N ALA C 118 34.15 15.44 54.40
CA ALA C 118 34.66 16.63 55.07
C ALA C 118 34.14 16.78 56.50
N GLY C 119 33.07 16.07 56.85
CA GLY C 119 32.56 16.09 58.21
C GLY C 119 31.95 17.41 58.64
N LEU C 120 31.32 18.14 57.71
CA LEU C 120 30.80 19.47 58.01
C LEU C 120 29.29 19.61 57.84
N ALA C 121 28.63 18.70 57.14
CA ALA C 121 27.21 18.90 56.85
C ALA C 121 26.35 18.68 58.08
N GLU C 122 26.65 17.66 58.89
CA GLU C 122 25.82 17.33 60.04
C GLU C 122 25.75 18.45 61.06
N ASN C 123 26.60 19.48 60.92
CA ASN C 123 26.54 20.65 61.78
C ASN C 123 26.31 21.94 61.02
N ASP C 124 26.57 21.96 59.70
CA ASP C 124 26.16 23.10 58.89
C ASP C 124 24.64 23.14 58.73
N ALA C 125 24.00 21.98 58.72
CA ALA C 125 22.55 21.94 58.53
C ALA C 125 21.81 22.58 59.69
N VAL C 126 22.26 22.34 60.92
CA VAL C 126 21.56 22.79 62.11
C VAL C 126 22.08 24.13 62.63
N ALA C 127 22.93 24.80 61.86
CA ALA C 127 23.55 26.04 62.33
C ALA C 127 22.50 27.11 62.58
N ASP C 128 21.82 27.54 61.53
CA ASP C 128 20.87 28.64 61.63
C ASP C 128 19.47 28.29 61.16
N THR C 129 19.22 27.04 60.82
CA THR C 129 17.92 26.62 60.29
C THR C 129 16.79 26.92 61.27
N LEU C 130 15.61 27.15 60.73
CA LEU C 130 14.42 27.27 61.56
C LEU C 130 14.12 25.95 62.24
N PRO C 131 13.49 25.97 63.42
CA PRO C 131 13.25 24.70 64.14
C PRO C 131 12.17 23.84 63.50
N GLY C 132 11.29 24.42 62.69
CA GLY C 132 10.23 23.68 62.06
C GLY C 132 10.71 22.79 60.94
N PRO C 133 11.22 23.40 59.86
CA PRO C 133 11.67 22.60 58.71
C PRO C 133 12.75 21.59 59.05
N LEU C 134 13.60 21.89 60.04
CA LEU C 134 14.67 20.96 60.39
C LEU C 134 14.12 19.64 60.91
N ALA C 135 12.94 19.67 61.53
CA ALA C 135 12.34 18.45 62.05
C ALA C 135 11.86 17.52 60.95
N THR C 136 11.82 17.97 59.70
CA THR C 136 11.39 17.15 58.58
C THR C 136 12.51 16.39 57.92
N ALA C 137 13.77 16.72 58.22
CA ALA C 137 14.90 16.03 57.62
C ALA C 137 15.28 14.79 58.41
N GLY C 138 15.42 14.90 59.73
CA GLY C 138 15.81 13.76 60.53
C GLY C 138 14.73 12.69 60.53
N TRP C 139 15.11 11.46 60.20
CA TRP C 139 14.17 10.35 60.18
C TRP C 139 14.15 9.59 61.49
N ASN C 140 15.30 9.05 61.90
CA ASN C 140 15.42 8.35 63.17
C ASN C 140 16.39 9.11 64.07
N HIS C 141 16.24 10.42 64.12
CA HIS C 141 17.09 11.41 64.79
C HIS C 141 18.36 11.64 64.00
N LYS C 142 18.59 10.93 62.89
CA LYS C 142 19.72 11.18 62.02
C LYS C 142 19.26 12.01 60.83
N LEU C 143 20.03 13.04 60.51
CA LEU C 143 19.68 13.91 59.38
C LEU C 143 20.09 13.26 58.07
N TYR C 144 19.23 13.42 57.07
CA TYR C 144 19.52 12.94 55.73
C TYR C 144 19.47 14.02 54.68
N ALA C 145 19.13 15.25 55.05
CA ALA C 145 19.05 16.34 54.09
C ALA C 145 19.16 17.66 54.85
N ALA C 146 19.50 18.70 54.10
CA ALA C 146 19.63 20.03 54.67
C ALA C 146 18.53 20.93 54.14
N PRO C 147 17.71 21.53 55.00
CA PRO C 147 16.62 22.38 54.50
C PRO C 147 17.15 23.58 53.74
N VAL C 148 16.60 23.82 52.55
CA VAL C 148 17.00 24.94 51.73
C VAL C 148 15.91 26.00 51.63
N THR C 149 14.65 25.64 51.82
CA THR C 149 13.55 26.59 51.80
C THR C 149 12.36 25.97 52.52
N THR C 150 11.30 26.75 52.65
CA THR C 150 10.09 26.30 53.31
C THR C 150 8.91 27.00 52.67
N ASN C 151 7.70 26.57 53.05
CA ASN C 151 6.50 27.12 52.45
C ASN C 151 5.34 27.03 53.42
N THR C 152 4.33 27.85 53.16
CA THR C 152 3.05 27.85 53.85
C THR C 152 2.11 28.76 53.07
N GLN C 153 0.86 28.35 52.95
CA GLN C 153 -0.06 29.05 52.07
C GLN C 153 -0.62 30.30 52.73
N LEU C 154 -0.96 31.28 51.91
CA LEU C 154 -1.60 32.52 52.35
C LEU C 154 -2.91 32.68 51.60
N LEU C 155 -3.58 33.80 51.85
CA LEU C 155 -4.81 34.14 51.17
C LEU C 155 -4.60 35.43 50.41
N TRP C 156 -4.71 35.38 49.09
CA TRP C 156 -4.51 36.53 48.22
C TRP C 156 -5.84 36.97 47.66
N TYR C 157 -6.09 38.28 47.69
CA TYR C 157 -7.38 38.82 47.30
C TYR C 157 -7.19 40.14 46.58
N ARG C 158 -8.25 40.60 45.92
CA ARG C 158 -8.28 41.89 45.26
C ARG C 158 -8.92 42.90 46.20
N PRO C 159 -8.15 43.76 46.86
CA PRO C 159 -8.74 44.68 47.85
C PRO C 159 -9.61 45.75 47.23
N ASP C 160 -9.55 45.95 45.91
CA ASP C 160 -10.45 46.90 45.28
C ASP C 160 -11.86 46.33 45.15
N LEU C 161 -11.97 45.02 44.91
CA LEU C 161 -13.29 44.39 44.83
C LEU C 161 -13.81 44.05 46.22
N VAL C 162 -13.12 43.17 46.94
CA VAL C 162 -13.54 42.77 48.27
C VAL C 162 -12.96 43.74 49.29
N ASN C 163 -13.49 43.71 50.50
CA ASN C 163 -12.97 44.49 51.61
C ASN C 163 -13.01 43.63 52.86
N SER C 164 -12.00 43.80 53.72
CA SER C 164 -11.90 42.99 54.93
C SER C 164 -11.96 41.51 54.57
N PRO C 165 -10.86 40.96 54.05
CA PRO C 165 -10.87 39.57 53.53
C PRO C 165 -11.50 38.60 54.51
N PRO C 166 -12.04 37.48 54.01
CA PRO C 166 -12.95 36.65 54.80
C PRO C 166 -12.45 36.20 56.17
N THR C 167 -11.28 35.56 56.20
CA THR C 167 -10.73 34.96 57.43
C THR C 167 -11.62 33.83 57.95
N ASP C 168 -12.38 33.20 57.06
CA ASP C 168 -13.14 32.01 57.37
C ASP C 168 -13.68 31.44 56.07
N TRP C 169 -13.71 30.10 55.99
CA TRP C 169 -14.09 29.46 54.72
C TRP C 169 -15.54 29.75 54.37
N ASN C 170 -16.44 29.67 55.35
CA ASN C 170 -17.83 30.06 55.10
C ASN C 170 -17.90 31.52 54.66
N ALA C 171 -17.08 32.38 55.26
CA ALA C 171 -17.03 33.77 54.80
C ALA C 171 -16.46 33.86 53.39
N MET C 172 -15.49 33.00 53.05
CA MET C 172 -14.98 32.95 51.69
C MET C 172 -16.10 32.67 50.70
N ILE C 173 -16.91 31.65 50.99
CA ILE C 173 -17.97 31.27 50.07
C ILE C 173 -19.05 32.34 50.03
N ALA C 174 -19.34 32.97 51.17
CA ALA C 174 -20.31 34.06 51.19
C ALA C 174 -19.84 35.21 50.31
N GLU C 175 -18.56 35.57 50.40
CA GLU C 175 -18.04 36.65 49.56
C GLU C 175 -18.03 36.24 48.10
N ALA C 176 -17.76 34.97 47.81
CA ALA C 176 -17.80 34.50 46.44
C ALA C 176 -19.21 34.65 45.86
N ALA C 177 -20.22 34.20 46.60
CA ALA C 177 -21.59 34.35 46.15
C ALA C 177 -21.96 35.82 46.00
N ARG C 178 -21.50 36.67 46.92
CA ARG C 178 -21.78 38.09 46.84
C ARG C 178 -21.20 38.69 45.56
N LEU C 179 -19.96 38.32 45.22
CA LEU C 179 -19.35 38.83 44.00
C LEU C 179 -20.01 38.26 42.76
N HIS C 180 -20.48 37.01 42.82
CA HIS C 180 -21.16 36.43 41.68
C HIS C 180 -22.50 37.09 41.42
N ALA C 181 -23.20 37.48 42.49
CA ALA C 181 -24.48 38.18 42.32
C ALA C 181 -24.28 39.52 41.62
N ALA C 182 -23.13 40.15 41.81
CA ALA C 182 -22.82 41.42 41.15
C ALA C 182 -22.14 41.24 39.81
N GLY C 183 -22.08 40.01 39.29
CA GLY C 183 -21.46 39.75 38.01
C GLY C 183 -20.00 40.13 37.97
N GLU C 184 -19.21 39.59 38.88
CA GLU C 184 -17.80 39.89 39.05
C GLU C 184 -17.02 38.60 39.01
N PRO C 185 -15.67 38.69 38.91
CA PRO C 185 -14.86 37.48 39.03
C PRO C 185 -15.13 36.77 40.34
N SER C 186 -15.68 35.56 40.27
CA SER C 186 -16.19 34.87 41.45
C SER C 186 -15.61 33.47 41.55
N TRP C 187 -14.35 33.31 41.20
CA TRP C 187 -13.66 32.04 41.39
C TRP C 187 -12.87 32.09 42.69
N ILE C 188 -12.67 30.93 43.30
CA ILE C 188 -11.90 30.86 44.54
C ILE C 188 -10.47 30.40 44.30
N ALA C 189 -10.19 29.72 43.19
CA ALA C 189 -8.82 29.47 42.73
C ALA C 189 -8.00 28.73 43.79
N VAL C 190 -8.45 27.50 44.05
CA VAL C 190 -7.77 26.61 44.97
C VAL C 190 -7.18 25.46 44.16
N GLN C 191 -6.23 24.75 44.76
CA GLN C 191 -5.59 23.60 44.13
C GLN C 191 -6.42 22.36 44.42
N ALA C 192 -6.94 21.72 43.37
CA ALA C 192 -7.91 20.65 43.56
C ALA C 192 -7.69 19.46 42.63
N ASN C 193 -6.55 19.37 41.96
CA ASN C 193 -6.28 18.24 41.08
C ASN C 193 -6.13 16.95 41.89
N GLN C 194 -5.89 15.85 41.20
CA GLN C 194 -5.68 14.56 41.85
C GLN C 194 -4.24 14.37 42.31
N GLY C 195 -3.49 15.45 42.45
CA GLY C 195 -2.11 15.38 42.86
C GLY C 195 -1.94 15.43 44.37
N GLU C 196 -0.81 16.00 44.80
CA GLU C 196 -0.54 16.20 46.20
C GLU C 196 -1.08 17.53 46.73
N GLY C 197 -1.36 18.48 45.84
CA GLY C 197 -1.92 19.75 46.26
C GLY C 197 -3.31 19.63 46.85
N LEU C 198 -4.02 18.55 46.55
CA LEU C 198 -5.33 18.31 47.15
C LEU C 198 -5.21 17.61 48.50
N VAL C 199 -4.28 16.66 48.62
CA VAL C 199 -4.05 16.02 49.91
C VAL C 199 -3.50 17.03 50.91
N VAL C 200 -2.68 17.97 50.46
CA VAL C 200 -2.19 19.02 51.35
C VAL C 200 -3.35 19.83 51.90
N TRP C 201 -4.25 20.26 51.02
CA TRP C 201 -5.40 21.05 51.44
C TRP C 201 -6.29 20.28 52.40
N PHE C 202 -6.60 19.02 52.05
CA PHE C 202 -7.44 18.21 52.92
C PHE C 202 -6.78 17.99 54.27
N ASN C 203 -5.46 17.85 54.29
CA ASN C 203 -4.76 17.66 55.56
C ASN C 203 -4.82 18.94 56.40
N THR C 204 -4.61 20.09 55.76
CA THR C 204 -4.77 21.36 56.46
C THR C 204 -6.14 21.44 57.12
N LEU C 205 -7.19 21.18 56.35
CA LEU C 205 -8.54 21.28 56.89
C LEU C 205 -8.75 20.29 58.02
N LEU C 206 -8.36 19.03 57.81
CA LEU C 206 -8.60 18.00 58.81
C LEU C 206 -7.90 18.32 60.11
N VAL C 207 -6.61 18.69 60.04
CA VAL C 207 -5.88 18.94 61.27
C VAL C 207 -6.36 20.22 61.94
N SER C 208 -6.67 21.26 61.15
CA SER C 208 -7.21 22.47 61.74
C SER C 208 -8.59 22.26 62.34
N ALA C 209 -9.27 21.20 61.97
CA ALA C 209 -10.54 20.83 62.60
C ALA C 209 -10.35 19.85 63.74
N GLY C 210 -9.12 19.65 64.21
CA GLY C 210 -8.88 18.76 65.33
C GLY C 210 -8.80 17.30 64.97
N GLY C 211 -8.22 16.96 63.81
CA GLY C 211 -8.06 15.58 63.44
C GLY C 211 -6.65 15.26 62.98
N SER C 212 -6.46 14.07 62.40
CA SER C 212 -5.18 13.66 61.86
C SER C 212 -5.40 12.37 61.07
N VAL C 213 -4.59 12.18 60.02
CA VAL C 213 -4.76 11.02 59.16
C VAL C 213 -4.26 9.77 59.87
N LEU C 214 -2.98 9.72 60.18
CA LEU C 214 -2.39 8.60 60.88
C LEU C 214 -2.12 8.98 62.33
N SER C 215 -1.75 7.97 63.12
CA SER C 215 -1.33 8.22 64.50
C SER C 215 -0.03 9.01 64.51
N GLU C 216 0.43 9.35 65.72
CA GLU C 216 1.68 10.10 65.85
C GLU C 216 2.83 9.35 65.18
N ASP C 217 2.90 8.03 65.36
CA ASP C 217 3.76 7.16 64.59
C ASP C 217 2.87 6.38 63.62
N GLY C 218 3.24 6.35 62.35
CA GLY C 218 2.40 5.65 61.42
C GLY C 218 2.33 4.18 61.74
N ARG C 219 1.24 3.77 62.38
CA ARG C 219 1.00 2.37 62.71
C ARG C 219 -0.41 1.90 62.42
N HIS C 220 -1.40 2.79 62.46
CA HIS C 220 -2.79 2.42 62.21
C HIS C 220 -3.55 3.70 61.93
N VAL C 221 -4.41 3.66 60.92
CA VAL C 221 -5.12 4.85 60.47
C VAL C 221 -6.02 5.36 61.60
N THR C 222 -5.86 6.64 61.93
CA THR C 222 -6.66 7.30 62.97
C THR C 222 -7.60 8.32 62.35
N LEU C 223 -8.19 7.97 61.22
CA LEU C 223 -8.99 8.92 60.48
C LEU C 223 -10.43 8.99 61.00
N THR C 224 -11.12 7.86 61.04
CA THR C 224 -12.53 7.80 61.40
C THR C 224 -12.78 6.74 62.45
N ASP C 225 -11.97 6.72 63.51
CA ASP C 225 -12.22 5.84 64.65
C ASP C 225 -12.86 6.57 65.82
N THR C 226 -12.39 7.77 66.13
CA THR C 226 -12.93 8.58 67.22
C THR C 226 -14.10 9.41 66.70
N PRO C 227 -15.23 9.43 67.41
CA PRO C 227 -16.34 10.29 66.99
C PRO C 227 -15.94 11.72 66.74
N ALA C 228 -15.05 12.28 67.57
CA ALA C 228 -14.53 13.61 67.31
C ALA C 228 -13.72 13.62 66.01
N HIS C 229 -12.87 12.61 65.81
CA HIS C 229 -12.11 12.52 64.57
C HIS C 229 -13.02 12.38 63.37
N ARG C 230 -14.08 11.58 63.50
CA ARG C 230 -15.02 11.43 62.39
C ARG C 230 -15.73 12.74 62.09
N ALA C 231 -16.12 13.46 63.14
CA ALA C 231 -16.73 14.77 62.94
C ALA C 231 -15.77 15.72 62.23
N ALA C 232 -14.50 15.68 62.60
CA ALA C 232 -13.52 16.57 61.98
C ALA C 232 -13.36 16.25 60.50
N THR C 233 -13.13 14.97 60.17
CA THR C 233 -12.97 14.61 58.77
C THR C 233 -14.23 14.89 57.97
N VAL C 234 -15.41 14.73 58.58
CA VAL C 234 -16.64 15.02 57.87
C VAL C 234 -16.78 16.52 57.62
N SER C 235 -16.39 17.35 58.59
CA SER C 235 -16.42 18.79 58.39
C SER C 235 -15.47 19.21 57.28
N ALA C 236 -14.28 18.60 57.24
CA ALA C 236 -13.33 18.90 56.18
C ALA C 236 -13.89 18.52 54.81
N LEU C 237 -14.45 17.31 54.71
CA LEU C 237 -15.04 16.88 53.45
C LEU C 237 -16.21 17.77 53.06
N GLN C 238 -16.97 18.26 54.04
CA GLN C 238 -18.11 19.12 53.73
C GLN C 238 -17.64 20.47 53.22
N ILE C 239 -16.55 21.00 53.76
CA ILE C 239 -16.00 22.24 53.23
C ILE C 239 -15.49 22.03 51.81
N LEU C 240 -14.78 20.92 51.58
CA LEU C 240 -14.30 20.62 50.24
C LEU C 240 -15.43 20.53 49.25
N LYS C 241 -16.55 19.91 49.64
CA LYS C 241 -17.68 19.76 48.74
C LYS C 241 -18.45 21.07 48.57
N SER C 242 -18.54 21.88 49.62
CA SER C 242 -19.26 23.14 49.51
C SER C 242 -18.53 24.08 48.57
N VAL C 243 -17.20 24.15 48.69
CA VAL C 243 -16.43 24.71 47.59
C VAL C 243 -16.52 23.76 46.39
N ALA C 244 -16.29 24.31 45.20
CA ALA C 244 -16.33 23.59 43.93
C ALA C 244 -17.73 23.16 43.53
N THR C 245 -18.74 23.39 44.38
CA THR C 245 -20.15 23.24 44.00
C THR C 245 -20.86 24.45 44.59
N THR C 246 -20.90 25.52 43.83
CA THR C 246 -21.42 26.80 44.28
C THR C 246 -21.60 27.71 43.07
N PRO C 247 -22.55 28.63 43.09
CA PRO C 247 -22.77 29.49 41.92
C PRO C 247 -21.52 30.27 41.55
N GLY C 248 -21.21 30.28 40.26
CA GLY C 248 -20.08 31.02 39.76
C GLY C 248 -18.73 30.42 40.08
N ALA C 249 -18.70 29.14 40.45
CA ALA C 249 -17.43 28.48 40.73
C ALA C 249 -16.64 28.28 39.44
N ASP C 250 -15.38 27.91 39.60
CA ASP C 250 -14.54 27.59 38.46
C ASP C 250 -15.09 26.32 37.80
N PRO C 251 -15.37 26.33 36.50
CA PRO C 251 -15.86 25.11 35.85
C PRO C 251 -14.87 23.96 35.92
N SER C 252 -13.61 24.22 35.55
CA SER C 252 -12.56 23.19 35.62
C SER C 252 -11.82 23.26 36.95
N ILE C 253 -12.57 23.23 38.05
CA ILE C 253 -11.96 23.32 39.37
C ILE C 253 -11.19 22.05 39.70
N THR C 254 -11.61 20.91 39.17
CA THR C 254 -11.00 19.62 39.49
C THR C 254 -9.79 19.32 38.64
N ARG C 255 -9.16 20.34 38.06
CA ARG C 255 -7.94 20.15 37.27
C ARG C 255 -6.94 21.26 37.55
N THR C 256 -7.00 21.86 38.73
CA THR C 256 -6.20 23.03 39.07
C THR C 256 -5.09 22.67 40.04
N GLU C 257 -3.96 23.33 39.88
CA GLU C 257 -2.83 23.22 40.81
C GLU C 257 -2.20 24.59 40.92
N GLU C 258 -0.96 24.63 41.45
CA GLU C 258 -0.33 25.89 41.83
C GLU C 258 -0.29 26.88 40.68
N GLY C 259 0.38 26.51 39.60
CA GLY C 259 0.51 27.42 38.48
C GLY C 259 -0.83 27.83 37.90
N SER C 260 -1.75 26.87 37.77
CA SER C 260 -3.06 27.17 37.21
C SER C 260 -3.81 28.16 38.08
N ALA C 261 -3.78 27.97 39.39
CA ALA C 261 -4.46 28.90 40.30
C ALA C 261 -3.85 30.28 40.23
N ARG C 262 -2.52 30.36 40.29
CA ARG C 262 -1.84 31.64 40.22
C ARG C 262 -2.20 32.39 38.94
N LEU C 263 -2.16 31.68 37.81
CA LEU C 263 -2.46 32.31 36.53
C LEU C 263 -3.91 32.74 36.46
N ALA C 264 -4.84 31.85 36.83
CA ALA C 264 -6.25 32.19 36.82
C ALA C 264 -6.57 33.37 37.73
N PHE C 265 -5.76 33.60 38.76
CA PHE C 265 -5.95 34.81 39.56
C PHE C 265 -5.39 36.02 38.83
N GLU C 266 -4.19 35.90 38.26
CA GLU C 266 -3.56 37.07 37.66
C GLU C 266 -4.29 37.53 36.40
N GLN C 267 -4.98 36.63 35.72
CA GLN C 267 -5.76 37.02 34.55
C GLN C 267 -6.89 37.96 34.92
N GLY C 268 -7.44 37.81 36.12
CA GLY C 268 -8.63 38.53 36.53
C GLY C 268 -9.87 37.68 36.62
N LYS C 269 -9.75 36.36 36.47
CA LYS C 269 -10.90 35.48 36.56
C LYS C 269 -11.33 35.22 37.99
N ALA C 270 -10.45 35.46 38.96
CA ALA C 270 -10.76 35.20 40.36
C ALA C 270 -10.41 36.41 41.20
N ALA C 271 -11.08 36.55 42.33
CA ALA C 271 -10.81 37.61 43.28
C ALA C 271 -10.24 37.10 44.59
N LEU C 272 -10.24 35.79 44.81
CA LEU C 272 -9.63 35.17 45.98
C LEU C 272 -8.82 33.97 45.52
N GLU C 273 -7.77 33.67 46.25
CA GLU C 273 -7.02 32.45 45.99
C GLU C 273 -6.24 32.06 47.22
N VAL C 274 -5.95 30.77 47.33
CA VAL C 274 -5.09 30.22 48.36
C VAL C 274 -3.89 29.62 47.66
N ASN C 275 -2.71 30.23 47.85
CA ASN C 275 -1.54 29.81 47.12
C ASN C 275 -0.29 30.14 47.94
N TRP C 276 0.80 29.50 47.57
CA TRP C 276 2.05 29.68 48.29
C TRP C 276 2.60 31.08 48.06
N PRO C 277 3.56 31.53 48.89
CA PRO C 277 4.03 32.92 48.79
C PRO C 277 4.75 33.25 47.49
N PHE C 278 5.15 32.26 46.70
CA PHE C 278 5.87 32.56 45.46
C PHE C 278 5.01 33.29 44.43
N VAL C 279 3.75 33.58 44.74
CA VAL C 279 2.88 34.24 43.77
C VAL C 279 3.09 35.74 43.76
N PHE C 280 3.72 36.31 44.77
CA PHE C 280 3.91 37.75 44.82
C PHE C 280 4.95 38.21 43.80
N ALA C 281 6.11 37.53 43.79
CA ALA C 281 7.12 37.84 42.79
C ALA C 281 6.59 37.63 41.38
N SER C 282 5.82 36.55 41.18
CA SER C 282 5.20 36.31 39.88
C SER C 282 4.27 37.46 39.51
N MET C 283 3.44 37.88 40.45
CA MET C 283 2.56 39.03 40.22
C MET C 283 3.35 40.23 39.72
N LEU C 284 4.35 40.64 40.49
CA LEU C 284 5.10 41.85 40.13
C LEU C 284 5.79 41.70 38.79
N GLU C 285 6.51 40.60 38.59
CA GLU C 285 7.29 40.43 37.36
C GLU C 285 6.38 40.35 36.14
N ASN C 286 5.32 39.53 36.22
CA ASN C 286 4.43 39.37 35.09
C ASN C 286 3.63 40.64 34.81
N ALA C 287 3.42 41.47 35.83
CA ALA C 287 2.77 42.76 35.59
C ALA C 287 3.71 43.71 34.89
N VAL C 288 4.98 43.73 35.28
CA VAL C 288 5.94 44.62 34.63
C VAL C 288 6.16 44.19 33.19
N LYS C 289 6.19 42.89 32.93
CA LYS C 289 6.40 42.37 31.58
C LYS C 289 5.17 42.45 30.70
N GLY C 290 4.13 43.16 31.13
CA GLY C 290 2.87 43.16 30.42
C GLY C 290 1.81 42.38 31.18
N GLY C 291 1.16 41.44 30.52
CA GLY C 291 0.28 40.51 31.21
C GLY C 291 -0.88 41.15 31.95
N VAL C 292 -0.77 41.21 33.27
CA VAL C 292 -1.84 41.63 34.18
C VAL C 292 -2.52 42.91 33.69
N PRO C 293 -3.80 42.86 33.34
CA PRO C 293 -4.46 44.04 32.78
C PRO C 293 -4.90 45.05 33.82
N PHE C 294 -5.26 44.61 35.02
CA PHE C 294 -5.71 45.50 36.06
C PHE C 294 -4.57 46.13 36.84
N LEU C 295 -3.35 46.08 36.30
CA LEU C 295 -2.18 46.70 36.87
C LEU C 295 -1.16 46.89 35.76
N PRO C 296 -1.24 47.99 34.99
CA PRO C 296 -0.40 48.11 33.79
C PRO C 296 1.10 48.06 34.06
N LEU C 297 1.60 49.01 34.86
CA LEU C 297 3.02 49.08 35.25
C LEU C 297 3.96 49.07 34.05
N ASN C 298 3.44 49.30 32.85
CA ASN C 298 4.27 49.44 31.65
C ASN C 298 4.37 50.86 31.16
N ARG C 299 3.39 51.70 31.49
CA ARG C 299 3.37 53.09 31.07
C ARG C 299 4.16 53.98 32.02
N ILE C 300 4.95 53.38 32.90
CA ILE C 300 5.76 54.12 33.87
C ILE C 300 7.21 54.09 33.41
N PRO C 301 7.71 55.16 32.78
CA PRO C 301 9.09 55.15 32.30
C PRO C 301 10.12 54.91 33.39
N GLN C 302 9.76 55.11 34.66
CA GLN C 302 10.67 54.80 35.75
C GLN C 302 10.95 53.30 35.84
N LEU C 303 10.11 52.48 35.22
CA LEU C 303 10.31 51.04 35.18
C LEU C 303 10.95 50.57 33.88
N ALA C 304 11.44 51.49 33.06
CA ALA C 304 12.10 51.10 31.82
C ALA C 304 13.43 50.44 32.13
N GLY C 305 13.77 49.42 31.34
CA GLY C 305 14.99 48.66 31.58
C GLY C 305 15.02 47.87 32.87
N SER C 306 13.95 47.90 33.65
CA SER C 306 13.89 47.21 34.93
C SER C 306 13.53 45.74 34.79
N ILE C 307 13.72 45.15 33.61
CA ILE C 307 13.59 43.71 33.41
C ILE C 307 14.92 43.19 32.92
N ASN C 308 15.45 42.19 33.60
CA ASN C 308 16.73 41.61 33.23
C ASN C 308 16.66 41.03 31.82
N ASP C 309 17.83 40.89 31.19
CA ASP C 309 17.90 40.42 29.81
C ASP C 309 17.46 38.98 29.65
N ILE C 310 17.23 38.25 30.75
CA ILE C 310 16.75 36.87 30.67
C ILE C 310 15.32 36.73 31.14
N GLY C 311 14.72 37.76 31.72
CA GLY C 311 13.32 37.69 32.09
C GLY C 311 12.99 38.12 33.50
N THR C 312 13.89 37.85 34.46
CA THR C 312 13.59 38.14 35.85
C THR C 312 13.36 39.63 36.08
N PHE C 313 12.76 39.95 37.22
CA PHE C 313 12.35 41.32 37.48
C PHE C 313 13.55 42.20 37.85
N THR C 314 14.17 41.91 38.99
CA THR C 314 15.36 42.62 39.45
C THR C 314 15.17 44.14 39.46
N PRO C 315 14.40 44.68 40.40
CA PRO C 315 14.31 46.13 40.54
C PRO C 315 15.63 46.68 41.08
N SER C 316 15.77 48.01 41.03
CA SER C 316 17.07 48.55 41.42
C SER C 316 17.19 48.66 42.94
N ASP C 317 16.52 49.66 43.54
CA ASP C 317 16.19 49.59 44.96
C ASP C 317 14.85 50.26 45.21
N GLU C 318 14.51 51.19 44.32
CA GLU C 318 13.30 51.98 44.45
C GLU C 318 12.29 51.74 43.34
N GLN C 319 12.72 51.16 42.22
CA GLN C 319 11.77 50.58 41.28
C GLN C 319 10.87 49.59 41.99
N PHE C 320 11.43 48.85 42.96
CA PHE C 320 10.63 47.96 43.77
C PHE C 320 9.58 48.73 44.56
N ARG C 321 9.98 49.82 45.20
CA ARG C 321 9.04 50.61 45.96
C ARG C 321 7.92 51.15 45.08
N ILE C 322 8.28 51.63 43.88
CA ILE C 322 7.28 52.14 42.95
C ILE C 322 6.30 51.03 42.57
N ALA C 323 6.81 49.94 42.01
CA ALA C 323 5.96 48.86 41.53
C ALA C 323 5.25 48.10 42.63
N TYR C 324 5.64 48.30 43.90
CA TYR C 324 4.97 47.66 45.02
C TYR C 324 3.91 48.55 45.63
N ASP C 325 4.20 49.84 45.83
CA ASP C 325 3.16 50.77 46.25
C ASP C 325 2.06 50.89 45.21
N ALA C 326 2.40 50.71 43.93
CA ALA C 326 1.35 50.70 42.90
C ALA C 326 0.44 49.50 43.07
N SER C 327 1.02 48.32 43.26
CA SER C 327 0.22 47.10 43.39
C SER C 327 -0.47 46.99 44.73
N GLN C 328 -0.06 47.79 45.72
CA GLN C 328 -0.61 47.67 47.06
C GLN C 328 -2.10 48.00 47.13
N GLN C 329 -2.71 48.46 46.04
CA GLN C 329 -4.12 48.81 46.06
C GLN C 329 -4.95 47.99 45.08
N VAL C 330 -4.34 47.06 44.34
CA VAL C 330 -5.08 46.13 43.51
C VAL C 330 -4.61 44.72 43.84
N PHE C 331 -3.99 44.56 44.99
CA PHE C 331 -3.44 43.29 45.41
C PHE C 331 -3.20 43.33 46.90
N GLY C 332 -3.29 42.17 47.54
CA GLY C 332 -3.10 42.11 48.98
C GLY C 332 -3.17 40.67 49.44
N PHE C 333 -2.74 40.46 50.68
CA PHE C 333 -2.71 39.12 51.25
C PHE C 333 -3.22 39.16 52.68
N ALA C 334 -3.44 37.98 53.23
CA ALA C 334 -4.01 37.81 54.55
C ALA C 334 -3.78 36.38 54.99
N PRO C 335 -3.79 36.10 56.29
CA PRO C 335 -3.53 34.73 56.76
C PRO C 335 -4.57 33.75 56.26
N TYR C 336 -4.20 32.48 56.32
CA TYR C 336 -5.05 31.41 55.80
C TYR C 336 -6.40 31.41 56.52
N PRO C 337 -7.49 31.11 55.81
CA PRO C 337 -8.80 31.12 56.45
C PRO C 337 -8.99 29.91 57.35
N ALA C 338 -9.54 30.15 58.53
CA ALA C 338 -9.76 29.08 59.49
C ALA C 338 -10.99 28.27 59.09
N VAL C 339 -11.32 27.27 59.91
CA VAL C 339 -12.49 26.43 59.67
C VAL C 339 -13.62 26.89 60.57
N ALA C 340 -13.41 26.83 61.87
CA ALA C 340 -14.40 27.45 62.73
C ALA C 340 -13.92 28.84 63.15
N PRO C 341 -14.82 29.81 63.25
CA PRO C 341 -14.39 31.20 63.52
C PRO C 341 -13.65 31.39 64.84
N GLY C 342 -13.69 30.40 65.74
CA GLY C 342 -13.01 30.53 67.01
C GLY C 342 -11.51 30.29 66.94
N GLN C 343 -11.11 29.07 66.58
CA GLN C 343 -9.71 28.72 66.59
C GLN C 343 -9.05 29.12 65.27
N PRO C 344 -7.75 29.42 65.29
CA PRO C 344 -7.06 29.75 64.04
C PRO C 344 -6.81 28.51 63.20
N ALA C 345 -6.20 28.68 62.03
CA ALA C 345 -5.91 27.56 61.15
C ALA C 345 -4.57 26.94 61.51
N LYS C 346 -4.32 25.76 60.95
CA LYS C 346 -3.06 25.04 61.12
C LYS C 346 -2.59 24.66 59.72
N VAL C 347 -1.87 25.58 59.07
CA VAL C 347 -1.50 25.38 57.67
C VAL C 347 -0.43 24.31 57.57
N THR C 348 -0.55 23.47 56.55
CA THR C 348 0.41 22.39 56.34
C THR C 348 1.73 22.96 55.82
N ILE C 349 2.82 22.56 56.44
CA ILE C 349 4.14 23.04 56.08
C ILE C 349 4.63 22.32 54.84
N GLY C 350 5.46 22.98 54.05
CA GLY C 350 6.07 22.39 52.88
C GLY C 350 7.35 23.12 52.54
N GLY C 351 8.13 22.51 51.67
CA GLY C 351 9.38 23.11 51.25
C GLY C 351 10.23 22.12 50.50
N LEU C 352 11.53 22.43 50.42
CA LEU C 352 12.51 21.60 49.74
C LEU C 352 13.67 21.33 50.67
N ASN C 353 14.21 20.13 50.60
CA ASN C 353 15.45 19.78 51.29
C ASN C 353 16.48 19.36 50.26
N LEU C 354 17.74 19.70 50.54
CA LEU C 354 18.85 19.32 49.68
C LEU C 354 19.49 18.06 50.22
N ALA C 355 19.64 17.05 49.36
CA ALA C 355 20.23 15.79 49.74
C ALA C 355 21.17 15.32 48.64
N VAL C 356 22.10 14.45 49.01
CA VAL C 356 23.11 13.94 48.09
C VAL C 356 22.74 12.51 47.73
N ALA C 357 22.62 12.24 46.44
CA ALA C 357 22.17 10.93 45.98
C ALA C 357 23.22 9.88 46.27
N LYS C 358 22.76 8.64 46.46
CA LYS C 358 23.66 7.52 46.66
C LYS C 358 24.42 7.15 45.40
N THR C 359 23.87 7.48 44.23
CA THR C 359 24.53 7.20 42.96
C THR C 359 25.39 8.39 42.54
N THR C 360 26.36 8.72 43.37
CA THR C 360 27.28 9.81 43.12
C THR C 360 28.70 9.36 43.41
N ARG C 361 29.61 9.68 42.52
CA ARG C 361 31.02 9.38 42.72
C ARG C 361 31.79 10.55 43.31
N HIS C 362 31.30 11.77 43.14
CA HIS C 362 31.91 12.95 43.75
C HIS C 362 31.17 13.31 45.04
N ARG C 363 31.26 12.40 46.01
CA ARG C 363 30.47 12.50 47.23
C ARG C 363 31.04 13.52 48.21
N ALA C 364 32.09 14.24 47.83
CA ALA C 364 32.64 15.33 48.62
C ALA C 364 32.29 16.69 48.02
N GLU C 365 32.54 16.86 46.72
CA GLU C 365 32.16 18.09 46.05
C GLU C 365 30.66 18.34 46.16
N ALA C 366 29.86 17.27 46.20
CA ALA C 366 28.42 17.45 46.36
C ALA C 366 28.10 18.05 47.72
N PHE C 367 28.67 17.50 48.79
CA PHE C 367 28.44 18.07 50.11
C PHE C 367 29.03 19.46 50.26
N GLU C 368 30.02 19.81 49.44
CA GLU C 368 30.53 21.17 49.47
C GLU C 368 29.55 22.12 48.77
N ALA C 369 29.06 21.73 47.59
CA ALA C 369 28.13 22.57 46.86
C ALA C 369 26.81 22.73 47.59
N VAL C 370 26.39 21.72 48.36
CA VAL C 370 25.16 21.86 49.13
C VAL C 370 25.29 22.99 50.14
N ARG C 371 26.34 22.96 50.96
CA ARG C 371 26.50 24.02 51.94
C ARG C 371 26.87 25.34 51.31
N CYS C 372 27.37 25.33 50.07
CA CYS C 372 27.62 26.59 49.37
C CYS C 372 26.38 27.11 48.64
N LEU C 373 25.34 26.30 48.51
CA LEU C 373 24.11 26.73 47.86
C LEU C 373 23.21 27.51 48.82
N ARG C 374 23.22 27.12 50.09
CA ARG C 374 22.36 27.71 51.11
C ARG C 374 23.22 28.50 52.09
N ASP C 375 23.29 29.82 51.88
CA ASP C 375 24.00 30.70 52.78
C ASP C 375 23.32 32.07 52.76
N GLN C 376 23.80 32.96 53.63
CA GLN C 376 23.08 34.17 53.96
C GLN C 376 22.98 35.16 52.80
N HIS C 377 23.51 34.81 51.63
CA HIS C 377 23.29 35.61 50.44
C HIS C 377 22.40 34.94 49.42
N ASN C 378 22.60 33.65 49.16
CA ASN C 378 21.71 32.96 48.23
C ASN C 378 20.32 32.80 48.82
N GLN C 379 20.21 32.64 50.14
CA GLN C 379 18.89 32.62 50.77
C GLN C 379 18.18 33.95 50.57
N ARG C 380 18.88 35.05 50.85
CA ARG C 380 18.31 36.37 50.62
C ARG C 380 17.89 36.53 49.17
N TYR C 381 18.70 36.03 48.24
CA TYR C 381 18.36 36.18 46.83
C TYR C 381 17.11 35.39 46.47
N VAL C 382 17.02 34.13 46.90
CA VAL C 382 15.84 33.35 46.54
C VAL C 382 14.59 33.94 47.17
N SER C 383 14.70 34.46 48.39
CA SER C 383 13.50 34.99 49.03
C SER C 383 13.10 36.34 48.46
N LEU C 384 14.05 37.13 47.97
CA LEU C 384 13.71 38.45 47.45
C LEU C 384 13.48 38.47 45.94
N GLU C 385 13.78 37.38 45.22
CA GLU C 385 13.53 37.38 43.78
C GLU C 385 12.95 36.07 43.28
N GLY C 386 12.46 35.21 44.18
CA GLY C 386 11.79 34.00 43.74
C GLY C 386 10.61 33.67 44.62
N GLY C 387 10.35 34.51 45.61
CA GLY C 387 9.21 34.33 46.49
C GLY C 387 9.37 33.20 47.49
N LEU C 388 10.31 32.31 47.24
CA LEU C 388 10.49 31.14 48.11
C LEU C 388 10.95 31.58 49.49
N PRO C 389 10.21 31.26 50.54
CA PRO C 389 10.63 31.64 51.90
C PRO C 389 11.94 30.96 52.27
N ALA C 390 12.93 31.78 52.63
CA ALA C 390 14.19 31.25 53.13
C ALA C 390 13.96 30.49 54.44
N VAL C 391 14.99 29.77 54.87
CA VAL C 391 14.93 28.98 56.09
C VAL C 391 15.93 29.44 57.14
N ARG C 392 16.84 30.34 56.80
CA ARG C 392 17.77 30.90 57.78
C ARG C 392 17.01 31.78 58.76
N ALA C 393 16.87 31.31 60.00
CA ALA C 393 16.09 32.04 61.00
C ALA C 393 16.60 33.44 61.25
N SER C 394 17.83 33.75 60.85
CA SER C 394 18.37 35.08 61.10
C SER C 394 17.79 36.12 60.15
N LEU C 395 17.51 35.72 58.91
CA LEU C 395 17.08 36.69 57.89
C LEU C 395 15.79 37.38 58.28
N TYR C 396 14.91 36.71 59.00
CA TYR C 396 13.62 37.30 59.35
C TYR C 396 13.73 38.37 60.40
N SER C 397 14.93 38.77 60.80
CA SER C 397 15.12 39.86 61.75
C SER C 397 15.82 41.06 61.12
N ASP C 398 16.11 41.00 59.82
CA ASP C 398 16.74 42.10 59.11
C ASP C 398 15.68 43.12 58.68
N PRO C 399 15.97 44.42 58.80
CA PRO C 399 15.00 45.43 58.39
C PRO C 399 14.77 45.46 56.89
N GLN C 400 15.85 45.47 56.11
CA GLN C 400 15.74 45.57 54.66
C GLN C 400 15.01 44.35 54.09
N PHE C 401 15.43 43.16 54.52
CA PHE C 401 14.73 41.95 54.08
C PHE C 401 13.26 41.97 54.48
N GLN C 402 12.95 42.56 55.64
CA GLN C 402 11.56 42.72 56.02
C GLN C 402 10.86 43.76 55.17
N ALA C 403 11.60 44.66 54.53
CA ALA C 403 11.01 45.69 53.68
C ALA C 403 10.86 45.24 52.25
N LYS C 404 11.54 44.18 51.83
CA LYS C 404 11.36 43.63 50.49
C LYS C 404 10.68 42.27 50.50
N TYR C 405 10.10 41.86 51.63
CA TYR C 405 9.39 40.59 51.74
C TYR C 405 8.27 40.76 52.74
N PRO C 406 7.20 41.45 52.36
CA PRO C 406 6.23 41.94 53.35
C PRO C 406 5.44 40.85 54.05
N MET C 407 5.35 39.64 53.49
CA MET C 407 4.59 38.58 54.14
C MET C 407 5.42 37.79 55.15
N HIS C 408 6.57 38.33 55.56
CA HIS C 408 7.45 37.60 56.47
C HIS C 408 6.78 37.36 57.81
N ALA C 409 6.05 38.36 58.33
CA ALA C 409 5.42 38.21 59.63
C ALA C 409 4.38 37.11 59.60
N ILE C 410 3.54 37.09 58.56
CA ILE C 410 2.51 36.07 58.46
C ILE C 410 3.14 34.70 58.28
N ILE C 411 4.23 34.62 57.52
CA ILE C 411 4.88 33.32 57.34
C ILE C 411 5.45 32.82 58.66
N ARG C 412 6.16 33.68 59.38
CA ARG C 412 6.70 33.29 60.69
C ARG C 412 5.59 32.83 61.61
N GLN C 413 4.47 33.57 61.65
CA GLN C 413 3.36 33.19 62.52
C GLN C 413 2.81 31.82 62.14
N GLN C 414 2.53 31.61 60.85
CA GLN C 414 1.92 30.36 60.43
C GLN C 414 2.85 29.18 60.60
N LEU C 415 4.16 29.41 60.56
CA LEU C 415 5.11 28.31 60.72
C LEU C 415 5.19 27.81 62.15
N THR C 416 4.70 28.60 63.12
CA THR C 416 4.81 28.20 64.52
C THR C 416 3.95 26.99 64.82
N ASP C 417 2.64 27.07 64.53
CA ASP C 417 1.72 25.99 64.80
C ASP C 417 1.32 25.24 63.54
N ALA C 418 2.24 25.08 62.59
CA ALA C 418 1.94 24.38 61.36
C ALA C 418 1.63 22.92 61.63
N ALA C 419 0.97 22.28 60.66
CA ALA C 419 0.54 20.89 60.78
C ALA C 419 1.34 20.06 59.78
N VAL C 420 2.29 19.28 60.30
CA VAL C 420 3.13 18.45 59.45
C VAL C 420 2.32 17.27 58.95
N ARG C 421 2.88 16.60 57.93
CA ARG C 421 2.27 15.41 57.27
C ARG C 421 2.70 14.16 58.04
N PRO C 422 1.99 13.00 57.92
CA PRO C 422 2.32 11.80 58.70
C PRO C 422 3.79 11.43 58.81
N ALA C 423 4.57 11.63 57.74
CA ALA C 423 6.01 11.36 57.73
C ALA C 423 6.29 9.89 58.09
N THR C 424 5.82 9.01 57.22
CA THR C 424 6.05 7.59 57.30
C THR C 424 6.71 7.12 56.01
N PRO C 425 7.40 5.97 56.03
CA PRO C 425 8.02 5.50 54.79
C PRO C 425 7.03 5.24 53.67
N VAL C 426 5.77 4.97 54.00
CA VAL C 426 4.76 4.64 53.00
C VAL C 426 3.86 5.83 52.70
N TYR C 427 4.31 7.04 53.04
CA TYR C 427 3.44 8.21 52.87
C TYR C 427 2.99 8.38 51.43
N GLN C 428 3.94 8.54 50.51
CA GLN C 428 3.59 8.83 49.12
C GLN C 428 2.74 7.73 48.50
N ALA C 429 2.66 6.55 49.11
CA ALA C 429 1.70 5.54 48.69
C ALA C 429 0.34 5.74 49.34
N LEU C 430 0.27 6.50 50.42
CA LEU C 430 -0.98 6.85 51.09
C LEU C 430 -1.64 8.07 50.47
N SER C 431 -0.84 9.08 50.13
CA SER C 431 -1.38 10.26 49.49
C SER C 431 -1.99 9.94 48.14
N ILE C 432 -1.47 8.93 47.44
CA ILE C 432 -2.05 8.53 46.17
C ILE C 432 -3.46 7.98 46.39
N ARG C 433 -3.63 7.13 47.40
CA ARG C 433 -4.95 6.59 47.70
C ARG C 433 -5.91 7.71 48.10
N LEU C 434 -5.45 8.62 48.95
CA LEU C 434 -6.29 9.74 49.36
C LEU C 434 -6.75 10.56 48.15
N ALA C 435 -5.79 11.01 47.34
CA ALA C 435 -6.14 11.81 46.18
C ALA C 435 -7.01 11.03 45.20
N ALA C 436 -6.83 9.71 45.14
CA ALA C 436 -7.63 8.92 44.22
C ALA C 436 -9.08 8.84 44.67
N VAL C 437 -9.32 8.68 45.97
CA VAL C 437 -10.69 8.60 46.43
C VAL C 437 -11.34 9.95 46.64
N LEU C 438 -10.56 11.03 46.61
CA LEU C 438 -11.12 12.38 46.53
C LEU C 438 -10.99 13.00 45.15
N SER C 439 -10.64 12.21 44.14
CA SER C 439 -10.28 12.72 42.83
C SER C 439 -11.30 13.72 42.27
N PRO C 440 -12.57 13.36 42.05
CA PRO C 440 -13.53 14.39 41.68
C PRO C 440 -14.09 15.05 42.93
N ILE C 441 -13.74 16.32 43.17
CA ILE C 441 -14.25 16.98 44.37
C ILE C 441 -15.76 17.16 44.27
N THR C 442 -16.26 17.53 43.11
CA THR C 442 -17.69 17.74 42.95
C THR C 442 -18.49 16.47 43.26
N GLU C 443 -17.93 15.30 42.99
CA GLU C 443 -18.62 14.04 43.27
C GLU C 443 -18.27 13.50 44.66
N ILE C 444 -18.42 14.35 45.67
CA ILE C 444 -18.14 13.99 47.06
C ILE C 444 -19.45 14.01 47.83
N ASP C 445 -19.64 13.03 48.70
CA ASP C 445 -20.65 13.10 49.74
C ASP C 445 -19.98 12.74 51.05
N PRO C 446 -20.13 13.55 52.10
CA PRO C 446 -19.23 13.44 53.25
C PRO C 446 -19.32 12.11 53.99
N GLU C 447 -20.53 11.61 54.24
CA GLU C 447 -20.66 10.50 55.18
C GLU C 447 -20.09 9.20 54.61
N SER C 448 -20.28 8.94 53.32
CA SER C 448 -19.74 7.71 52.76
C SER C 448 -18.26 7.86 52.43
N THR C 449 -17.86 9.02 51.93
CA THR C 449 -16.45 9.22 51.58
C THR C 449 -15.57 9.20 52.81
N ALA C 450 -16.06 9.70 53.94
CA ALA C 450 -15.27 9.65 55.18
C ALA C 450 -15.03 8.21 55.61
N ASP C 451 -16.06 7.37 55.56
CA ASP C 451 -15.91 5.98 55.93
C ASP C 451 -15.13 5.20 54.88
N GLU C 452 -15.06 5.71 53.65
CA GLU C 452 -14.35 5.05 52.57
C GLU C 452 -12.86 5.37 52.57
N LEU C 453 -12.49 6.57 53.04
CA LEU C 453 -11.09 6.93 53.17
C LEU C 453 -10.34 5.95 54.08
N ALA C 454 -11.01 5.40 55.09
CA ALA C 454 -10.33 4.56 56.07
C ALA C 454 -9.83 3.27 55.45
N ALA C 455 -10.64 2.63 54.60
CA ALA C 455 -10.21 1.39 53.96
C ALA C 455 -8.99 1.63 53.09
N GLN C 456 -8.97 2.74 52.35
CA GLN C 456 -7.83 3.01 51.48
C GLN C 456 -6.59 3.34 52.28
N ALA C 457 -6.73 4.10 53.37
CA ALA C 457 -5.58 4.36 54.22
C ALA C 457 -5.04 3.07 54.82
N GLN C 458 -5.94 2.17 55.22
CA GLN C 458 -5.51 0.88 55.75
C GLN C 458 -4.75 0.08 54.71
N LYS C 459 -5.26 0.06 53.48
CA LYS C 459 -4.57 -0.66 52.40
C LYS C 459 -3.20 -0.05 52.12
N ALA C 460 -3.10 1.28 52.14
CA ALA C 460 -1.81 1.92 51.93
C ALA C 460 -0.84 1.56 53.05
N ILE C 461 -1.33 1.49 54.29
CA ILE C 461 -0.47 1.08 55.39
C ILE C 461 0.02 -0.35 55.18
N ASP C 462 -0.89 -1.25 54.81
CA ASP C 462 -0.51 -2.64 54.59
C ASP C 462 0.09 -2.87 53.21
N GLY C 463 0.10 -1.87 52.33
CA GLY C 463 0.64 -2.03 51.00
C GLY C 463 -0.03 -3.14 50.22
N MET C 464 -1.36 -3.18 50.24
CA MET C 464 -2.12 -4.17 49.50
C MET C 464 -2.71 -3.54 48.25
N GLY C 465 -3.30 -4.39 47.40
CA GLY C 465 -3.86 -3.92 46.16
C GLY C 465 -2.83 -3.25 45.27
N LEU C 466 -3.33 -2.54 44.29
CA LEU C 466 -2.48 -1.79 43.36
C LEU C 466 -3.04 -0.39 43.20
N LEU C 467 -2.17 0.61 43.32
CA LEU C 467 -2.60 1.98 43.25
C LEU C 467 -3.01 2.33 41.82
N PRO C 468 -3.91 3.31 41.65
CA PRO C 468 -4.34 3.76 40.32
C PRO C 468 -3.20 4.25 39.46
N MET D 1 -32.78 -4.40 -29.50
CA MET D 1 -34.24 -4.39 -29.56
C MET D 1 -34.77 -3.17 -30.29
N ALA D 2 -34.22 -2.00 -29.96
CA ALA D 2 -34.68 -0.74 -30.51
C ALA D 2 -33.55 -0.08 -31.29
N GLU D 3 -33.88 0.47 -32.46
CA GLU D 3 -32.90 1.17 -33.27
C GLU D 3 -32.23 2.28 -32.48
N ILE D 4 -30.96 2.52 -32.78
CA ILE D 4 -30.14 3.49 -32.07
C ILE D 4 -29.86 4.65 -33.02
N VAL D 5 -30.38 5.82 -32.67
CA VAL D 5 -30.32 6.99 -33.53
C VAL D 5 -29.13 7.85 -33.13
N LEU D 6 -28.45 8.42 -34.12
CA LEU D 6 -27.30 9.29 -33.91
C LEU D 6 -27.60 10.66 -34.51
N ASP D 7 -27.45 11.70 -33.70
CA ASP D 7 -27.67 13.09 -34.13
C ASP D 7 -26.35 13.85 -33.97
N HIS D 8 -25.53 13.83 -35.02
CA HIS D 8 -24.25 14.54 -35.09
C HIS D 8 -23.40 14.36 -33.82
N VAL D 9 -23.42 13.15 -33.26
CA VAL D 9 -22.64 12.89 -32.06
C VAL D 9 -21.16 12.94 -32.37
N ASN D 10 -20.41 13.63 -31.53
CA ASN D 10 -18.96 13.77 -31.71
C ASN D 10 -18.27 13.66 -30.37
N LYS D 11 -16.98 13.34 -30.42
CA LYS D 11 -16.15 13.27 -29.23
C LYS D 11 -14.91 14.11 -29.47
N SER D 12 -14.79 15.22 -28.74
CA SER D 12 -13.66 16.12 -28.85
C SER D 12 -13.17 16.47 -27.46
N TYR D 13 -11.87 16.59 -27.32
CA TYR D 13 -11.37 16.89 -25.98
C TYR D 13 -10.98 18.35 -25.87
N PRO D 14 -11.18 18.96 -24.69
CA PRO D 14 -10.57 20.28 -24.44
C PRO D 14 -9.05 20.22 -24.40
N ASP D 15 -8.47 19.03 -24.25
CA ASP D 15 -7.02 18.86 -24.31
C ASP D 15 -6.50 18.70 -25.74
N GLY D 16 -7.38 18.60 -26.72
CA GLY D 16 -6.99 18.62 -28.12
C GLY D 16 -7.32 17.37 -28.91
N HIS D 17 -7.50 16.21 -28.26
CA HIS D 17 -7.75 14.98 -28.99
C HIS D 17 -9.23 14.85 -29.32
N THR D 18 -9.58 15.00 -30.59
CA THR D 18 -10.96 14.82 -31.05
C THR D 18 -11.13 13.38 -31.52
N ALA D 19 -12.00 12.64 -30.84
CA ALA D 19 -12.17 11.23 -31.14
C ALA D 19 -13.25 10.96 -32.18
N VAL D 20 -14.31 11.75 -32.20
CA VAL D 20 -15.42 11.56 -33.13
C VAL D 20 -15.87 12.93 -33.62
N ARG D 21 -16.36 12.99 -34.86
CA ARG D 21 -16.85 14.23 -35.46
C ARG D 21 -18.20 14.00 -36.16
N ASP D 22 -19.28 14.18 -35.41
CA ASP D 22 -20.65 14.29 -35.95
C ASP D 22 -21.02 13.11 -36.84
N LEU D 23 -21.13 11.95 -36.19
CA LEU D 23 -21.57 10.74 -36.88
C LEU D 23 -23.07 10.54 -36.75
N ASN D 24 -23.68 10.01 -37.80
CA ASN D 24 -25.11 9.75 -37.84
C ASN D 24 -25.34 8.39 -38.47
N LEU D 25 -25.90 7.47 -37.69
CA LEU D 25 -26.18 6.11 -38.17
C LEU D 25 -27.23 5.49 -37.27
N THR D 26 -28.10 4.68 -37.86
CA THR D 26 -29.15 3.98 -37.13
C THR D 26 -28.88 2.48 -37.17
N ILE D 27 -28.80 1.87 -36.00
CA ILE D 27 -28.52 0.44 -35.88
C ILE D 27 -29.84 -0.30 -35.99
N ALA D 28 -30.04 -1.00 -37.11
CA ALA D 28 -31.29 -1.71 -37.33
C ALA D 28 -31.53 -2.76 -36.26
N ASP D 29 -32.80 -3.07 -36.04
CA ASP D 29 -33.16 -4.06 -35.03
C ASP D 29 -32.72 -5.46 -35.47
N GLY D 30 -32.05 -6.16 -34.55
CA GLY D 30 -31.60 -7.51 -34.81
C GLY D 30 -30.37 -7.65 -35.68
N GLU D 31 -29.93 -6.57 -36.34
CA GLU D 31 -28.75 -6.67 -37.20
C GLU D 31 -27.49 -6.85 -36.38
N PHE D 32 -26.58 -7.67 -36.90
CA PHE D 32 -25.32 -7.95 -36.22
C PHE D 32 -24.24 -6.96 -36.69
N LEU D 33 -24.54 -5.68 -36.51
CA LEU D 33 -23.67 -4.62 -36.97
C LEU D 33 -22.37 -4.62 -36.17
N ILE D 34 -21.25 -4.43 -36.85
CA ILE D 34 -19.93 -4.54 -36.25
C ILE D 34 -19.12 -3.29 -36.58
N LEU D 35 -18.43 -2.77 -35.58
CA LEU D 35 -17.50 -1.65 -35.75
C LEU D 35 -16.08 -2.20 -35.89
N VAL D 36 -15.38 -1.76 -36.93
CA VAL D 36 -14.00 -2.18 -37.18
C VAL D 36 -13.18 -0.94 -37.49
N GLY D 37 -11.89 -1.01 -37.15
CA GLY D 37 -10.98 0.08 -37.40
C GLY D 37 -9.67 -0.11 -36.66
N PRO D 38 -8.69 0.76 -36.95
CA PRO D 38 -7.40 0.67 -36.26
C PRO D 38 -7.51 1.03 -34.78
N SER D 39 -6.38 0.97 -34.07
CA SER D 39 -6.38 1.29 -32.65
C SER D 39 -6.64 2.79 -32.44
N GLY D 40 -7.47 3.10 -31.45
CA GLY D 40 -7.73 4.47 -31.07
C GLY D 40 -8.41 5.32 -32.13
N CYS D 41 -8.99 4.71 -33.16
CA CYS D 41 -9.63 5.47 -34.22
C CYS D 41 -11.03 5.96 -33.85
N GLY D 42 -11.44 5.80 -32.59
CA GLY D 42 -12.75 6.22 -32.15
C GLY D 42 -13.72 5.09 -31.84
N LYS D 43 -13.31 3.83 -32.05
CA LYS D 43 -14.22 2.71 -31.81
C LYS D 43 -14.63 2.65 -30.34
N THR D 44 -13.66 2.46 -29.44
CA THR D 44 -13.97 2.40 -28.03
C THR D 44 -14.59 3.69 -27.53
N THR D 45 -14.18 4.83 -28.10
CA THR D 45 -14.78 6.11 -27.73
C THR D 45 -16.28 6.11 -28.03
N THR D 46 -16.64 5.70 -29.25
CA THR D 46 -18.06 5.59 -29.60
C THR D 46 -18.79 4.62 -28.68
N LEU D 47 -18.17 3.46 -28.41
CA LEU D 47 -18.84 2.45 -27.61
C LEU D 47 -19.12 2.94 -26.19
N ASN D 48 -18.13 3.61 -25.58
CA ASN D 48 -18.33 4.12 -24.23
C ASN D 48 -19.21 5.36 -24.21
N MET D 49 -19.27 6.12 -25.32
CA MET D 49 -20.26 7.18 -25.41
C MET D 49 -21.67 6.61 -25.46
N ILE D 50 -21.85 5.49 -26.16
CA ILE D 50 -23.13 4.79 -26.14
C ILE D 50 -23.45 4.35 -24.72
N ALA D 51 -22.52 3.62 -24.10
CA ALA D 51 -22.73 3.09 -22.75
C ALA D 51 -22.81 4.18 -21.69
N GLY D 52 -22.63 5.44 -22.05
CA GLY D 52 -22.65 6.52 -21.08
C GLY D 52 -21.44 6.57 -20.18
N LEU D 53 -20.54 5.59 -20.24
CA LEU D 53 -19.32 5.65 -19.46
C LEU D 53 -18.39 6.76 -19.94
N GLU D 54 -18.54 7.20 -21.18
CA GLU D 54 -17.79 8.30 -21.73
C GLU D 54 -18.72 9.48 -21.98
N ASP D 55 -18.28 10.67 -21.58
CA ASP D 55 -19.08 11.87 -21.81
C ASP D 55 -19.11 12.22 -23.28
N ILE D 56 -20.28 12.60 -23.78
CA ILE D 56 -20.44 13.02 -25.16
C ILE D 56 -20.08 14.50 -25.26
N SER D 57 -19.17 14.83 -26.18
CA SER D 57 -18.80 16.22 -26.39
C SER D 57 -20.00 17.04 -26.86
N SER D 58 -20.64 16.63 -27.94
CA SER D 58 -21.84 17.27 -28.43
C SER D 58 -22.57 16.27 -29.33
N GLY D 59 -23.78 16.64 -29.73
CA GLY D 59 -24.64 15.73 -30.46
C GLY D 59 -25.64 15.05 -29.56
N GLU D 60 -26.44 14.18 -30.16
CA GLU D 60 -27.52 13.51 -29.44
C GLU D 60 -27.64 12.08 -29.91
N LEU D 61 -27.58 11.15 -28.96
CA LEU D 61 -27.78 9.73 -29.22
C LEU D 61 -29.16 9.35 -28.72
N ARG D 62 -29.94 8.68 -29.56
CA ARG D 62 -31.32 8.33 -29.23
C ARG D 62 -31.54 6.85 -29.47
N ILE D 63 -32.11 6.17 -28.48
CA ILE D 63 -32.59 4.81 -28.65
C ILE D 63 -34.03 4.95 -29.13
N ALA D 64 -34.20 5.09 -30.45
CA ALA D 64 -35.50 5.33 -31.06
C ALA D 64 -36.15 6.59 -30.48
N GLY D 65 -35.36 7.64 -30.33
CA GLY D 65 -35.87 8.93 -29.91
C GLY D 65 -35.90 9.19 -28.42
N GLU D 66 -35.22 8.37 -27.62
CA GLU D 66 -35.23 8.56 -26.17
C GLU D 66 -33.99 9.33 -25.73
N ARG D 67 -34.20 10.36 -24.91
CA ARG D 67 -33.11 11.17 -24.40
C ARG D 67 -32.24 10.35 -23.47
N VAL D 68 -31.02 10.04 -23.92
CA VAL D 68 -30.09 9.24 -23.13
C VAL D 68 -28.74 9.91 -22.94
N ASN D 69 -28.53 11.11 -23.48
CA ASN D 69 -27.24 11.79 -23.28
C ASN D 69 -27.01 12.08 -21.81
N GLU D 70 -28.07 12.37 -21.06
CA GLU D 70 -27.98 12.60 -19.62
C GLU D 70 -28.39 11.39 -18.81
N LYS D 71 -28.78 10.29 -19.46
CA LYS D 71 -29.26 9.12 -18.75
C LYS D 71 -28.11 8.35 -18.12
N ALA D 72 -28.32 7.89 -16.89
CA ALA D 72 -27.31 7.08 -16.23
C ALA D 72 -27.21 5.72 -16.90
N PRO D 73 -26.01 5.16 -17.04
CA PRO D 73 -25.87 3.84 -17.66
C PRO D 73 -26.72 2.78 -17.00
N LYS D 74 -26.95 2.87 -15.69
CA LYS D 74 -27.84 1.93 -15.02
C LYS D 74 -29.29 2.13 -15.44
N ASP D 75 -29.63 3.29 -15.99
CA ASP D 75 -31.00 3.60 -16.39
C ASP D 75 -31.18 3.60 -17.90
N ARG D 76 -30.26 3.00 -18.65
CA ARG D 76 -30.41 2.83 -20.08
C ARG D 76 -30.78 1.42 -20.49
N ASP D 77 -30.72 0.46 -19.55
CA ASP D 77 -31.04 -0.94 -19.79
C ASP D 77 -30.22 -1.49 -20.96
N ILE D 78 -28.90 -1.45 -20.78
CA ILE D 78 -27.96 -1.97 -21.75
C ILE D 78 -27.12 -3.04 -21.06
N ALA D 79 -26.43 -3.86 -21.86
CA ALA D 79 -25.50 -4.85 -21.35
C ALA D 79 -24.29 -4.87 -22.25
N MET D 80 -23.18 -5.41 -21.74
CA MET D 80 -21.95 -5.44 -22.50
C MET D 80 -21.03 -6.52 -21.96
N VAL D 81 -20.04 -6.88 -22.78
CA VAL D 81 -19.02 -7.86 -22.42
C VAL D 81 -17.67 -7.19 -22.57
N PHE D 82 -16.89 -7.18 -21.50
CA PHE D 82 -15.56 -6.59 -21.53
C PHE D 82 -14.53 -7.65 -21.84
N GLN D 83 -13.58 -7.31 -22.70
CA GLN D 83 -12.58 -8.30 -23.13
C GLN D 83 -11.76 -8.81 -21.96
N SER D 84 -11.65 -8.03 -20.89
CA SER D 84 -11.04 -8.48 -19.65
C SER D 84 -11.94 -9.40 -18.84
N TYR D 85 -13.10 -9.75 -19.39
CA TYR D 85 -14.06 -10.70 -18.84
C TYR D 85 -14.85 -10.12 -17.66
N ALA D 86 -14.40 -8.98 -17.14
CA ALA D 86 -15.10 -8.22 -16.09
C ALA D 86 -15.78 -9.14 -15.08
N LEU D 87 -15.01 -10.08 -14.53
CA LEU D 87 -15.57 -11.09 -13.65
C LEU D 87 -15.27 -10.76 -12.18
N TYR D 88 -16.23 -11.13 -11.32
CA TYR D 88 -16.09 -10.91 -9.89
C TYR D 88 -15.53 -12.17 -9.25
N PRO D 89 -14.28 -12.17 -8.79
CA PRO D 89 -13.69 -13.41 -8.29
C PRO D 89 -14.32 -13.91 -7.01
N HIS D 90 -14.85 -13.02 -6.17
CA HIS D 90 -15.35 -13.45 -4.87
C HIS D 90 -16.64 -14.25 -4.96
N MET D 91 -17.52 -13.91 -5.89
CA MET D 91 -18.78 -14.61 -6.05
C MET D 91 -18.68 -15.68 -7.13
N THR D 92 -19.38 -16.78 -6.93
CA THR D 92 -19.35 -17.89 -7.87
C THR D 92 -20.00 -17.49 -9.19
N VAL D 93 -19.83 -18.36 -10.19
CA VAL D 93 -20.37 -18.09 -11.51
C VAL D 93 -21.89 -17.99 -11.48
N ARG D 94 -22.55 -18.82 -10.67
CA ARG D 94 -23.99 -18.69 -10.50
C ARG D 94 -24.34 -17.31 -10.00
N GLN D 95 -23.70 -16.88 -8.91
CA GLN D 95 -23.90 -15.53 -8.39
C GLN D 95 -23.46 -14.48 -9.41
N ASN D 96 -22.41 -14.77 -10.18
CA ASN D 96 -21.98 -13.85 -11.23
C ASN D 96 -23.12 -13.56 -12.20
N ILE D 97 -23.70 -14.62 -12.76
CA ILE D 97 -24.80 -14.46 -13.70
C ILE D 97 -25.98 -13.78 -13.02
N ALA D 98 -26.27 -14.16 -11.77
CA ALA D 98 -27.45 -13.65 -11.09
C ALA D 98 -27.30 -12.20 -10.65
N PHE D 99 -26.08 -11.67 -10.61
CA PHE D 99 -25.83 -10.33 -10.09
C PHE D 99 -26.73 -9.25 -10.69
N PRO D 100 -26.78 -9.06 -12.02
CA PRO D 100 -27.67 -8.01 -12.54
C PRO D 100 -29.13 -8.31 -12.29
N LEU D 101 -29.52 -9.58 -12.25
CA LEU D 101 -30.87 -9.93 -11.82
C LEU D 101 -31.10 -9.54 -10.37
N THR D 102 -30.11 -9.78 -9.51
CA THR D 102 -30.21 -9.32 -8.12
C THR D 102 -30.44 -7.82 -8.06
N LEU D 103 -29.69 -7.06 -8.87
CA LEU D 103 -29.91 -5.62 -8.92
C LEU D 103 -31.29 -5.28 -9.46
N ALA D 104 -31.84 -6.14 -10.33
CA ALA D 104 -33.17 -5.91 -10.87
C ALA D 104 -34.29 -6.13 -9.86
N LYS D 105 -33.96 -6.60 -8.65
CA LYS D 105 -34.94 -6.85 -7.59
C LYS D 105 -35.99 -7.88 -8.03
N MET D 106 -35.62 -8.77 -8.94
CA MET D 106 -36.55 -9.80 -9.39
C MET D 106 -36.67 -10.91 -8.36
N ARG D 107 -37.62 -11.81 -8.60
CA ARG D 107 -37.85 -12.92 -7.68
C ARG D 107 -36.69 -13.91 -7.74
N LYS D 108 -36.11 -14.20 -6.58
CA LYS D 108 -34.91 -15.03 -6.53
C LYS D 108 -35.12 -16.39 -7.17
N ALA D 109 -36.33 -16.97 -7.01
CA ALA D 109 -36.60 -18.26 -7.62
C ALA D 109 -36.56 -18.17 -9.14
N ASP D 110 -37.31 -17.21 -9.71
CA ASP D 110 -37.26 -17.02 -11.16
C ASP D 110 -35.90 -16.51 -11.60
N ILE D 111 -35.18 -15.81 -10.72
CA ILE D 111 -33.80 -15.44 -11.04
C ILE D 111 -32.97 -16.69 -11.29
N ALA D 112 -32.97 -17.63 -10.33
CA ALA D 112 -32.23 -18.86 -10.50
C ALA D 112 -32.73 -19.65 -11.69
N GLN D 113 -34.03 -19.59 -11.96
CA GLN D 113 -34.58 -20.26 -13.14
C GLN D 113 -33.97 -19.69 -14.42
N LYS D 114 -33.96 -18.37 -14.55
CA LYS D 114 -33.37 -17.74 -15.73
C LYS D 114 -31.89 -18.06 -15.84
N VAL D 115 -31.18 -18.08 -14.70
CA VAL D 115 -29.75 -18.43 -14.74
C VAL D 115 -29.57 -19.84 -15.27
N SER D 116 -30.38 -20.78 -14.77
CA SER D 116 -30.29 -22.17 -15.24
C SER D 116 -30.56 -22.25 -16.74
N GLU D 117 -31.61 -21.56 -17.21
CA GLU D 117 -31.92 -21.54 -18.63
C GLU D 117 -30.74 -21.04 -19.45
N THR D 118 -30.28 -19.83 -19.16
CA THR D 118 -29.22 -19.22 -19.96
C THR D 118 -27.92 -20.01 -19.85
N ALA D 119 -27.68 -20.69 -18.73
CA ALA D 119 -26.47 -21.50 -18.61
C ALA D 119 -26.59 -22.76 -19.45
N LYS D 120 -27.78 -23.37 -19.48
CA LYS D 120 -27.97 -24.53 -20.34
C LYS D 120 -27.93 -24.14 -21.82
N ILE D 121 -28.25 -22.88 -22.13
CA ILE D 121 -28.01 -22.39 -23.48
C ILE D 121 -26.52 -22.39 -23.78
N LEU D 122 -25.68 -22.21 -22.77
CA LEU D 122 -24.24 -22.16 -22.94
C LEU D 122 -23.53 -23.40 -22.39
N ASP D 123 -24.26 -24.33 -21.78
CA ASP D 123 -23.70 -25.56 -21.24
C ASP D 123 -22.63 -25.24 -20.19
N LEU D 124 -23.04 -24.53 -19.15
CA LEU D 124 -22.19 -24.18 -18.03
C LEU D 124 -22.76 -24.71 -16.72
N THR D 125 -23.42 -25.86 -16.77
CA THR D 125 -24.19 -26.34 -15.63
C THR D 125 -23.31 -26.62 -14.42
N ASN D 126 -22.16 -27.26 -14.63
CA ASN D 126 -21.27 -27.60 -13.51
C ASN D 126 -20.28 -26.50 -13.20
N LEU D 127 -20.30 -25.40 -13.94
CA LEU D 127 -19.37 -24.30 -13.70
C LEU D 127 -19.98 -23.16 -12.92
N LEU D 128 -21.31 -23.06 -12.89
CA LEU D 128 -21.96 -21.94 -12.21
C LEU D 128 -21.63 -21.90 -10.73
N ASP D 129 -21.37 -23.06 -10.11
CA ASP D 129 -21.03 -23.11 -8.70
C ASP D 129 -19.53 -22.98 -8.45
N ARG D 130 -18.73 -22.80 -9.49
CA ARG D 130 -17.29 -22.71 -9.35
C ARG D 130 -16.84 -21.25 -9.30
N LYS D 131 -15.55 -21.05 -9.14
CA LYS D 131 -14.93 -19.74 -9.17
C LYS D 131 -14.27 -19.51 -10.53
N PRO D 132 -14.17 -18.25 -10.96
CA PRO D 132 -13.48 -17.96 -12.23
C PRO D 132 -12.09 -18.55 -12.32
N SER D 133 -11.38 -18.65 -11.19
CA SER D 133 -10.08 -19.31 -11.20
C SER D 133 -10.19 -20.77 -11.62
N GLN D 134 -11.28 -21.43 -11.24
CA GLN D 134 -11.49 -22.84 -11.58
C GLN D 134 -11.97 -23.05 -13.00
N LEU D 135 -11.97 -22.01 -13.83
CA LEU D 135 -12.50 -22.09 -15.18
C LEU D 135 -11.41 -21.78 -16.20
N SER D 136 -11.68 -22.15 -17.45
CA SER D 136 -10.79 -21.87 -18.57
C SER D 136 -11.20 -20.58 -19.25
N GLY D 137 -10.28 -20.04 -20.06
CA GLY D 137 -10.54 -18.78 -20.74
C GLY D 137 -11.81 -18.81 -21.58
N GLY D 138 -12.02 -19.91 -22.31
CA GLY D 138 -13.27 -20.06 -23.03
C GLY D 138 -14.46 -20.13 -22.09
N GLN D 139 -14.32 -20.87 -20.99
CA GLN D 139 -15.38 -20.93 -20.00
C GLN D 139 -15.67 -19.55 -19.40
N ARG D 140 -14.61 -18.79 -19.12
CA ARG D 140 -14.81 -17.45 -18.58
C ARG D 140 -15.51 -16.53 -19.57
N GLN D 141 -15.14 -16.62 -20.85
CA GLN D 141 -15.82 -15.85 -21.88
C GLN D 141 -17.29 -16.22 -21.98
N ARG D 142 -17.58 -17.53 -21.90
CA ARG D 142 -18.97 -17.97 -21.89
C ARG D 142 -19.71 -17.42 -20.67
N VAL D 143 -19.04 -17.37 -19.52
CA VAL D 143 -19.63 -16.79 -18.33
C VAL D 143 -19.97 -15.32 -18.55
N ALA D 144 -19.04 -14.58 -19.17
CA ALA D 144 -19.30 -13.17 -19.44
C ALA D 144 -20.51 -13.00 -20.35
N MET D 145 -20.56 -13.78 -21.43
CA MET D 145 -21.69 -13.68 -22.35
C MET D 145 -23.00 -14.01 -21.64
N GLY D 146 -22.99 -15.05 -20.80
CA GLY D 146 -24.19 -15.40 -20.05
C GLY D 146 -24.62 -14.30 -19.11
N ARG D 147 -23.65 -13.61 -18.50
CA ARG D 147 -23.97 -12.48 -17.64
C ARG D 147 -24.56 -11.34 -18.44
N ALA D 148 -24.18 -11.24 -19.72
CA ALA D 148 -24.69 -10.15 -20.55
C ALA D 148 -26.06 -10.45 -21.16
N ILE D 149 -26.41 -11.73 -21.34
CA ILE D 149 -27.63 -12.04 -22.08
C ILE D 149 -28.85 -12.02 -21.18
N VAL D 150 -28.72 -12.41 -19.91
CA VAL D 150 -29.89 -12.61 -19.06
C VAL D 150 -30.71 -11.34 -18.86
N ARG D 151 -30.15 -10.18 -19.16
CA ARG D 151 -30.84 -8.93 -18.87
C ARG D 151 -31.88 -8.56 -19.91
N HIS D 152 -31.83 -9.18 -21.10
CA HIS D 152 -32.70 -8.83 -22.22
C HIS D 152 -32.70 -7.32 -22.48
N PRO D 153 -31.53 -6.71 -22.65
CA PRO D 153 -31.48 -5.24 -22.72
C PRO D 153 -31.96 -4.70 -24.06
N LYS D 154 -31.88 -3.38 -24.22
CA LYS D 154 -32.21 -2.79 -25.51
C LYS D 154 -31.21 -3.21 -26.59
N ALA D 155 -29.95 -3.39 -26.21
CA ALA D 155 -28.92 -3.74 -27.18
C ALA D 155 -27.74 -4.36 -26.44
N PHE D 156 -26.96 -5.14 -27.17
CA PHE D 156 -25.71 -5.70 -26.68
C PHE D 156 -24.55 -4.85 -27.18
N LEU D 157 -23.53 -4.70 -26.33
CA LEU D 157 -22.33 -3.95 -26.68
C LEU D 157 -21.13 -4.84 -26.42
N MET D 158 -20.78 -5.68 -27.39
CA MET D 158 -19.64 -6.57 -27.24
C MET D 158 -18.37 -5.84 -27.67
N ASP D 159 -17.26 -6.19 -27.03
CA ASP D 159 -15.98 -5.52 -27.23
C ASP D 159 -14.90 -6.59 -27.31
N GLU D 160 -14.63 -7.04 -28.55
CA GLU D 160 -13.69 -8.10 -28.91
C GLU D 160 -13.62 -9.20 -27.85
N PRO D 161 -14.74 -9.82 -27.49
CA PRO D 161 -14.73 -10.78 -26.38
C PRO D 161 -13.96 -12.06 -26.67
N LEU D 162 -13.45 -12.24 -27.88
CA LEU D 162 -12.63 -13.40 -28.23
C LEU D 162 -11.23 -12.99 -28.68
N SER D 163 -10.81 -11.77 -28.34
CA SER D 163 -9.53 -11.26 -28.84
C SER D 163 -8.34 -11.96 -28.19
N ASN D 164 -8.50 -12.40 -26.94
CA ASN D 164 -7.38 -12.87 -26.14
C ASN D 164 -7.41 -14.37 -25.88
N LEU D 165 -7.78 -15.16 -26.88
CA LEU D 165 -7.83 -16.61 -26.76
C LEU D 165 -7.22 -17.25 -28.00
N ASP D 166 -7.27 -18.58 -28.04
CA ASP D 166 -6.76 -19.33 -29.19
C ASP D 166 -7.60 -19.04 -30.43
N ALA D 167 -7.01 -19.28 -31.60
CA ALA D 167 -7.68 -18.96 -32.85
C ALA D 167 -8.82 -19.93 -33.14
N LYS D 168 -8.63 -21.22 -32.82
CA LYS D 168 -9.69 -22.19 -33.07
C LYS D 168 -10.88 -21.96 -32.14
N LEU D 169 -10.61 -21.75 -30.85
CA LEU D 169 -11.66 -21.32 -29.93
C LEU D 169 -12.28 -20.03 -30.41
N ARG D 170 -11.46 -19.11 -30.93
CA ARG D 170 -11.99 -17.86 -31.46
C ARG D 170 -13.03 -18.10 -32.54
N VAL D 171 -12.70 -18.92 -33.53
CA VAL D 171 -13.61 -19.08 -34.67
C VAL D 171 -14.85 -19.88 -34.27
N GLN D 172 -14.68 -20.91 -33.43
CA GLN D 172 -15.86 -21.69 -33.06
C GLN D 172 -16.80 -20.89 -32.17
N MET D 173 -16.26 -20.14 -31.19
CA MET D 173 -17.12 -19.28 -30.40
C MET D 173 -17.65 -18.12 -31.22
N ARG D 174 -16.97 -17.76 -32.31
CA ARG D 174 -17.48 -16.74 -33.21
C ARG D 174 -18.74 -17.23 -33.91
N GLY D 175 -18.67 -18.43 -34.48
CA GLY D 175 -19.88 -19.06 -35.01
C GLY D 175 -20.96 -19.18 -33.96
N GLU D 176 -20.59 -19.55 -32.73
CA GLU D 176 -21.58 -19.69 -31.67
C GLU D 176 -22.22 -18.36 -31.32
N ILE D 177 -21.44 -17.28 -31.33
CA ILE D 177 -22.00 -15.95 -31.07
C ILE D 177 -22.97 -15.57 -32.17
N ALA D 178 -22.62 -15.85 -33.42
CA ALA D 178 -23.55 -15.61 -34.52
C ALA D 178 -24.86 -16.36 -34.30
N GLN D 179 -24.76 -17.64 -33.96
CA GLN D 179 -25.96 -18.45 -33.73
C GLN D 179 -26.79 -17.88 -32.58
N LEU D 180 -26.13 -17.53 -31.47
CA LEU D 180 -26.86 -17.02 -30.31
C LEU D 180 -27.55 -15.71 -30.62
N GLN D 181 -26.86 -14.80 -31.32
CA GLN D 181 -27.47 -13.53 -31.66
C GLN D 181 -28.65 -13.72 -32.60
N ARG D 182 -28.48 -14.54 -33.63
CA ARG D 182 -29.57 -14.74 -34.59
C ARG D 182 -30.77 -15.40 -33.92
N ARG D 183 -30.53 -16.41 -33.08
CA ARG D 183 -31.61 -16.98 -32.29
C ARG D 183 -32.28 -15.93 -31.42
N LEU D 184 -31.49 -15.06 -30.80
CA LEU D 184 -32.03 -14.03 -29.95
C LEU D 184 -32.51 -12.81 -30.72
N GLY D 185 -31.96 -12.60 -31.92
CA GLY D 185 -32.44 -11.54 -32.80
C GLY D 185 -32.40 -10.14 -32.22
N THR D 186 -31.46 -9.86 -31.32
CA THR D 186 -31.38 -8.58 -30.65
C THR D 186 -30.23 -7.75 -31.19
N THR D 187 -30.40 -6.43 -31.18
CA THR D 187 -29.37 -5.50 -31.59
C THR D 187 -28.08 -5.73 -30.81
N THR D 188 -26.97 -5.87 -31.54
CA THR D 188 -25.65 -5.97 -30.94
C THR D 188 -24.69 -5.05 -31.67
N VAL D 189 -23.90 -4.30 -30.92
CA VAL D 189 -22.90 -3.40 -31.47
C VAL D 189 -21.54 -3.99 -31.14
N TYR D 190 -20.99 -4.76 -32.06
CA TYR D 190 -19.72 -5.46 -31.86
C TYR D 190 -18.57 -4.56 -32.28
N VAL D 191 -17.61 -4.36 -31.38
CA VAL D 191 -16.44 -3.55 -31.63
C VAL D 191 -15.21 -4.44 -31.60
N THR D 192 -14.31 -4.23 -32.55
CA THR D 192 -13.10 -5.04 -32.64
C THR D 192 -12.08 -4.30 -33.49
N HIS D 193 -10.95 -4.96 -33.76
CA HIS D 193 -9.90 -4.43 -34.59
C HIS D 193 -9.62 -5.27 -35.82
N ASP D 194 -9.97 -6.55 -35.82
CA ASP D 194 -9.74 -7.43 -36.95
C ASP D 194 -10.93 -7.37 -37.91
N GLN D 195 -10.64 -7.42 -39.20
CA GLN D 195 -11.70 -7.37 -40.20
C GLN D 195 -12.35 -8.73 -40.43
N THR D 196 -11.58 -9.82 -40.27
CA THR D 196 -12.12 -11.15 -40.55
C THR D 196 -13.31 -11.46 -39.64
N GLU D 197 -13.23 -11.05 -38.37
CA GLU D 197 -14.35 -11.22 -37.46
C GLU D 197 -15.65 -10.70 -38.08
N ALA D 198 -15.64 -9.43 -38.51
CA ALA D 198 -16.82 -8.86 -39.14
C ALA D 198 -17.17 -9.58 -40.43
N MET D 199 -16.15 -9.96 -41.21
CA MET D 199 -16.42 -10.59 -42.51
C MET D 199 -17.13 -11.92 -42.35
N THR D 200 -16.87 -12.65 -41.28
CA THR D 200 -17.53 -13.93 -41.05
C THR D 200 -18.88 -13.81 -40.36
N LEU D 201 -19.15 -12.71 -39.67
CA LEU D 201 -20.36 -12.65 -38.86
C LEU D 201 -21.25 -11.44 -39.15
N GLY D 202 -20.65 -10.31 -39.51
CA GLY D 202 -21.39 -9.06 -39.49
C GLY D 202 -22.53 -9.04 -40.50
N ASP D 203 -23.75 -8.77 -40.02
CA ASP D 203 -24.83 -8.44 -40.93
C ASP D 203 -24.55 -7.13 -41.64
N ARG D 204 -23.70 -6.29 -41.04
CA ARG D 204 -23.22 -5.06 -41.65
C ARG D 204 -21.97 -4.64 -40.90
N VAL D 205 -21.06 -3.99 -41.62
CA VAL D 205 -19.78 -3.57 -41.06
C VAL D 205 -19.61 -2.07 -41.27
N VAL D 206 -19.06 -1.40 -40.28
CA VAL D 206 -18.81 0.04 -40.33
C VAL D 206 -17.34 0.25 -39.98
N VAL D 207 -16.56 0.68 -40.97
CA VAL D 207 -15.14 0.94 -40.74
C VAL D 207 -14.97 2.31 -40.10
N MET D 208 -14.22 2.36 -39.00
CA MET D 208 -14.01 3.58 -38.24
C MET D 208 -12.57 4.04 -38.39
N TYR D 209 -12.38 5.35 -38.47
CA TYR D 209 -11.03 5.91 -38.48
C TYR D 209 -11.07 7.35 -37.98
N GLY D 210 -10.41 7.60 -36.85
CA GLY D 210 -10.23 8.93 -36.31
C GLY D 210 -11.48 9.77 -36.23
N GLY D 211 -12.62 9.14 -35.93
CA GLY D 211 -13.88 9.84 -35.89
C GLY D 211 -14.61 9.94 -37.21
N ILE D 212 -14.18 9.20 -38.23
CA ILE D 212 -14.85 9.18 -39.52
C ILE D 212 -15.19 7.74 -39.85
N ALA D 213 -16.48 7.44 -40.01
CA ALA D 213 -16.93 6.14 -40.48
C ALA D 213 -16.81 6.14 -41.99
N GLN D 214 -15.71 5.56 -42.49
CA GLN D 214 -15.40 5.66 -43.93
C GLN D 214 -16.47 4.98 -44.78
N GLN D 215 -17.20 4.01 -44.22
CA GLN D 215 -18.17 3.27 -45.02
C GLN D 215 -19.13 2.55 -44.09
N ILE D 216 -20.35 2.35 -44.57
CA ILE D 216 -21.38 1.59 -43.87
C ILE D 216 -21.97 0.61 -44.88
N GLY D 217 -21.58 -0.66 -44.77
CA GLY D 217 -22.03 -1.65 -45.73
C GLY D 217 -21.80 -3.05 -45.24
N THR D 218 -22.19 -4.01 -46.08
CA THR D 218 -22.11 -5.42 -45.73
C THR D 218 -20.71 -5.97 -46.00
N PRO D 219 -20.35 -7.09 -45.34
CA PRO D 219 -18.99 -7.64 -45.55
C PRO D 219 -18.67 -7.93 -47.01
N GLU D 220 -19.58 -8.58 -47.73
CA GLU D 220 -19.36 -8.81 -49.15
C GLU D 220 -19.23 -7.50 -49.91
N GLU D 221 -19.96 -6.46 -49.50
CA GLU D 221 -19.86 -5.17 -50.17
C GLU D 221 -18.51 -4.52 -49.92
N LEU D 222 -17.99 -4.62 -48.69
CA LEU D 222 -16.65 -4.14 -48.42
C LEU D 222 -15.60 -4.95 -49.18
N TYR D 223 -15.87 -6.24 -49.39
CA TYR D 223 -14.93 -7.08 -50.11
C TYR D 223 -14.87 -6.72 -51.59
N GLU D 224 -16.04 -6.51 -52.20
CA GLU D 224 -16.07 -6.27 -53.64
C GLU D 224 -15.70 -4.83 -53.98
N ARG D 225 -16.15 -3.86 -53.17
CA ARG D 225 -15.99 -2.45 -53.48
C ARG D 225 -15.38 -1.70 -52.30
N PRO D 226 -14.05 -1.60 -52.25
CA PRO D 226 -13.42 -0.71 -51.26
C PRO D 226 -13.74 0.74 -51.59
N ALA D 227 -14.49 1.40 -50.71
CA ALA D 227 -14.95 2.77 -50.95
C ALA D 227 -13.80 3.76 -51.10
N ASN D 228 -12.58 3.38 -50.72
CA ASN D 228 -11.42 4.26 -50.79
C ASN D 228 -10.17 3.39 -50.71
N LEU D 229 -9.02 4.03 -50.54
CA LEU D 229 -7.76 3.30 -50.46
C LEU D 229 -7.47 2.79 -49.06
N PHE D 230 -7.90 3.52 -48.02
CA PHE D 230 -7.67 3.07 -46.65
C PHE D 230 -8.41 1.78 -46.37
N VAL D 231 -9.65 1.68 -46.83
CA VAL D 231 -10.41 0.45 -46.66
C VAL D 231 -9.82 -0.69 -47.50
N ALA D 232 -9.33 -0.37 -48.70
CA ALA D 232 -8.71 -1.39 -49.54
C ALA D 232 -7.48 -1.98 -48.85
N GLY D 233 -6.61 -1.12 -48.30
CA GLY D 233 -5.43 -1.61 -47.61
C GLY D 233 -5.74 -2.23 -46.27
N PHE D 234 -6.87 -1.86 -45.65
CA PHE D 234 -7.20 -2.34 -44.32
C PHE D 234 -8.13 -3.55 -44.34
N ILE D 235 -9.06 -3.62 -45.27
CA ILE D 235 -10.02 -4.71 -45.38
C ILE D 235 -9.53 -5.68 -46.43
N GLY D 236 -9.42 -6.95 -46.05
CA GLY D 236 -8.86 -7.97 -46.91
C GLY D 236 -7.61 -8.57 -46.29
N SER D 237 -7.36 -9.85 -46.53
CA SER D 237 -6.22 -10.50 -45.90
C SER D 237 -5.60 -11.52 -46.85
N PRO D 238 -4.44 -11.20 -47.44
CA PRO D 238 -3.78 -9.90 -47.32
C PRO D 238 -4.38 -8.85 -48.26
N ALA D 239 -3.87 -7.63 -48.20
CA ALA D 239 -4.39 -6.56 -49.04
C ALA D 239 -4.06 -6.83 -50.51
N MET D 240 -4.82 -6.17 -51.38
CA MET D 240 -4.64 -6.37 -52.81
C MET D 240 -3.33 -5.74 -53.29
N ASN D 241 -2.70 -6.40 -54.25
CA ASN D 241 -1.42 -5.92 -54.78
C ASN D 241 -1.60 -4.56 -55.45
N PHE D 242 -0.77 -3.60 -55.06
CA PHE D 242 -0.93 -2.21 -55.48
C PHE D 242 0.07 -1.89 -56.59
N PHE D 243 -0.41 -1.15 -57.60
CA PHE D 243 0.39 -0.83 -58.78
C PHE D 243 0.20 0.64 -59.14
N PRO D 244 1.28 1.36 -59.45
CA PRO D 244 1.15 2.75 -59.87
C PRO D 244 1.08 2.89 -61.39
N ALA D 245 0.30 3.87 -61.82
CA ALA D 245 0.17 4.18 -63.24
C ALA D 245 -0.40 5.59 -63.38
N ARG D 246 -0.43 6.07 -64.62
CA ARG D 246 -1.00 7.37 -64.93
C ARG D 246 -2.19 7.21 -65.86
N LEU D 247 -3.01 8.26 -65.93
CA LEU D 247 -4.29 8.18 -66.61
C LEU D 247 -4.10 7.92 -68.10
N THR D 248 -4.98 7.08 -68.64
CA THR D 248 -5.03 6.81 -70.07
C THR D 248 -6.49 6.85 -70.53
N ALA D 249 -6.70 7.35 -71.74
CA ALA D 249 -8.06 7.48 -72.25
C ALA D 249 -8.72 6.14 -72.49
N ILE D 250 -7.95 5.07 -72.68
CA ILE D 250 -8.48 3.74 -72.90
C ILE D 250 -8.22 2.81 -71.73
N GLY D 251 -7.58 3.29 -70.67
CA GLY D 251 -7.23 2.43 -69.55
C GLY D 251 -6.14 3.00 -68.67
N LEU D 252 -5.11 2.20 -68.42
CA LEU D 252 -3.99 2.62 -67.57
C LEU D 252 -2.69 2.05 -68.13
N THR D 253 -1.59 2.75 -67.86
CA THR D 253 -0.27 2.34 -68.32
C THR D 253 0.34 1.41 -67.26
N LEU D 254 0.01 0.13 -67.36
CA LEU D 254 0.54 -0.84 -66.42
C LEU D 254 2.02 -1.09 -66.69
N PRO D 255 2.83 -1.32 -65.65
CA PRO D 255 4.24 -1.66 -65.87
C PRO D 255 4.46 -2.94 -66.67
N PHE D 256 3.42 -3.65 -67.08
CA PHE D 256 3.56 -4.88 -67.84
C PHE D 256 2.75 -4.82 -69.14
N GLY D 257 2.49 -3.62 -69.64
CA GLY D 257 1.74 -3.46 -70.86
C GLY D 257 0.62 -2.46 -70.67
N GLU D 258 -0.20 -2.34 -71.71
CA GLU D 258 -1.34 -1.44 -71.68
C GLU D 258 -2.59 -2.19 -71.23
N VAL D 259 -3.27 -1.65 -70.23
CA VAL D 259 -4.51 -2.19 -69.71
C VAL D 259 -5.66 -1.41 -70.28
N THR D 260 -6.57 -2.11 -70.97
CA THR D 260 -7.78 -1.50 -71.50
C THR D 260 -8.93 -1.70 -70.52
N LEU D 261 -9.87 -0.78 -70.54
CA LEU D 261 -11.04 -0.82 -69.67
C LEU D 261 -12.32 -0.74 -70.51
N ALA D 262 -13.41 -1.23 -69.92
CA ALA D 262 -14.71 -1.18 -70.57
C ALA D 262 -15.15 0.27 -70.77
N PRO D 263 -16.08 0.51 -71.70
CA PRO D 263 -16.55 1.90 -71.90
C PRO D 263 -17.22 2.50 -70.67
N GLU D 264 -17.99 1.70 -69.93
CA GLU D 264 -18.70 2.22 -68.77
C GLU D 264 -17.72 2.60 -67.65
N VAL D 265 -16.74 1.75 -67.38
CA VAL D 265 -15.76 2.07 -66.34
C VAL D 265 -14.86 3.21 -66.81
N GLN D 266 -14.57 3.30 -68.10
CA GLN D 266 -13.86 4.46 -68.63
C GLN D 266 -14.66 5.73 -68.39
N GLY D 267 -15.97 5.68 -68.62
CA GLY D 267 -16.80 6.84 -68.39
C GLY D 267 -16.85 7.24 -66.92
N VAL D 268 -16.91 6.25 -66.02
CA VAL D 268 -17.02 6.58 -64.60
C VAL D 268 -15.70 7.10 -64.06
N ILE D 269 -14.57 6.58 -64.55
CA ILE D 269 -13.28 7.11 -64.11
C ILE D 269 -13.07 8.51 -64.69
N ALA D 270 -13.56 8.76 -65.90
CA ALA D 270 -13.52 10.10 -66.45
C ALA D 270 -14.42 11.05 -65.66
N ALA D 271 -15.52 10.55 -65.12
CA ALA D 271 -16.44 11.40 -64.35
C ALA D 271 -15.77 11.94 -63.09
N HIS D 272 -14.86 11.17 -62.50
CA HIS D 272 -14.12 11.64 -61.35
C HIS D 272 -13.13 12.72 -61.77
N PRO D 273 -12.69 13.56 -60.83
CA PRO D 273 -11.62 14.52 -61.15
C PRO D 273 -10.37 13.81 -61.63
N LYS D 274 -9.85 14.26 -62.78
CA LYS D 274 -8.75 13.57 -63.43
C LYS D 274 -7.50 13.59 -62.57
N PRO D 275 -6.95 12.44 -62.20
CA PRO D 275 -5.71 12.42 -61.42
C PRO D 275 -4.46 12.44 -62.30
N GLU D 276 -3.35 12.82 -61.69
CA GLU D 276 -2.07 12.75 -62.40
C GLU D 276 -1.48 11.36 -62.37
N ASN D 277 -1.66 10.64 -61.25
CA ASN D 277 -1.28 9.24 -61.13
C ASN D 277 -2.47 8.47 -60.59
N VAL D 278 -2.56 7.20 -60.97
CA VAL D 278 -3.64 6.34 -60.51
C VAL D 278 -3.02 5.18 -59.73
N ILE D 279 -3.75 4.75 -58.69
CA ILE D 279 -3.33 3.64 -57.84
C ILE D 279 -4.16 2.44 -58.24
N VAL D 280 -3.48 1.37 -58.68
CA VAL D 280 -4.13 0.17 -59.18
C VAL D 280 -3.99 -0.92 -58.13
N GLY D 281 -5.08 -1.62 -57.86
CA GLY D 281 -5.05 -2.71 -56.89
C GLY D 281 -5.69 -3.98 -57.39
N VAL D 282 -5.01 -5.11 -57.22
CA VAL D 282 -5.53 -6.41 -57.61
C VAL D 282 -5.26 -7.40 -56.48
N ARG D 283 -6.25 -8.23 -56.17
CA ARG D 283 -6.13 -9.14 -55.04
C ARG D 283 -5.36 -10.39 -55.42
N PRO D 284 -4.63 -10.98 -54.47
CA PRO D 284 -3.77 -12.12 -54.80
C PRO D 284 -4.50 -13.31 -55.38
N GLU D 285 -5.78 -13.49 -55.05
CA GLU D 285 -6.55 -14.58 -55.63
C GLU D 285 -6.87 -14.36 -57.11
N HIS D 286 -6.82 -13.12 -57.59
CA HIS D 286 -7.05 -12.87 -59.01
C HIS D 286 -5.82 -13.22 -59.84
N ILE D 287 -4.64 -12.82 -59.38
CA ILE D 287 -3.40 -13.06 -60.10
C ILE D 287 -3.08 -14.56 -60.00
N GLN D 288 -3.15 -15.25 -61.14
CA GLN D 288 -2.94 -16.69 -61.20
C GLN D 288 -2.01 -17.03 -62.35
N ASP D 289 -1.35 -18.18 -62.23
CA ASP D 289 -0.44 -18.65 -63.27
C ASP D 289 -1.19 -18.89 -64.56
N ALA D 290 -0.71 -18.28 -65.65
CA ALA D 290 -1.33 -18.44 -66.95
C ALA D 290 -1.14 -19.83 -67.54
N ALA D 291 -0.29 -20.66 -66.94
CA ALA D 291 -0.04 -22.01 -67.45
C ALA D 291 -1.17 -22.98 -67.13
N LEU D 292 -2.20 -22.55 -66.41
CA LEU D 292 -3.30 -23.42 -66.02
C LEU D 292 -4.67 -22.87 -66.37
N ILE D 293 -4.76 -21.64 -66.88
CA ILE D 293 -6.03 -20.99 -67.15
C ILE D 293 -6.32 -21.04 -68.65
N ASP D 294 -7.60 -20.96 -68.98
CA ASP D 294 -8.02 -21.01 -70.37
C ASP D 294 -7.78 -19.68 -71.07
N ALA D 295 -7.76 -19.74 -72.41
CA ALA D 295 -7.53 -18.55 -73.21
C ALA D 295 -8.73 -17.60 -73.19
N TYR D 296 -9.93 -18.10 -72.86
CA TYR D 296 -11.10 -17.24 -72.75
C TYR D 296 -10.90 -16.16 -71.69
N GLN D 297 -10.07 -16.43 -70.69
CA GLN D 297 -9.77 -15.42 -69.69
C GLN D 297 -8.77 -14.39 -70.22
N ARG D 298 -7.85 -14.83 -71.09
CA ARG D 298 -6.75 -13.99 -71.54
C ARG D 298 -7.16 -12.92 -72.55
N ILE D 299 -8.36 -13.01 -73.13
CA ILE D 299 -8.78 -11.99 -74.08
C ILE D 299 -8.95 -10.65 -73.38
N ARG D 300 -9.36 -10.67 -72.11
CA ARG D 300 -9.42 -9.47 -71.29
C ARG D 300 -8.25 -9.35 -70.33
N ALA D 301 -7.47 -10.41 -70.15
CA ALA D 301 -6.33 -10.39 -69.25
C ALA D 301 -5.07 -9.96 -69.99
N LEU D 302 -4.21 -9.23 -69.30
CA LEU D 302 -2.92 -8.83 -69.84
C LEU D 302 -1.84 -9.75 -69.27
N THR D 303 -1.33 -10.65 -70.11
CA THR D 303 -0.33 -11.63 -69.69
C THR D 303 1.04 -10.99 -69.63
N PHE D 304 1.87 -11.45 -68.69
CA PHE D 304 3.23 -10.96 -68.57
C PHE D 304 4.07 -11.99 -67.83
N GLN D 305 5.37 -11.75 -67.81
CA GLN D 305 6.35 -12.67 -67.25
C GLN D 305 6.93 -12.08 -65.97
N VAL D 306 7.24 -12.94 -65.00
CA VAL D 306 7.67 -12.50 -63.69
C VAL D 306 8.43 -13.62 -62.99
N LYS D 307 9.50 -13.24 -62.29
CA LYS D 307 10.29 -14.18 -61.51
C LYS D 307 9.92 -14.08 -60.03
N VAL D 308 10.19 -15.15 -59.29
CA VAL D 308 9.76 -15.30 -57.90
C VAL D 308 10.98 -15.36 -56.99
N ASN D 309 10.85 -14.76 -55.80
CA ASN D 309 11.88 -14.84 -54.76
C ASN D 309 11.41 -15.50 -53.48
N LEU D 310 10.11 -15.74 -53.32
CA LEU D 310 9.59 -16.34 -52.10
C LEU D 310 8.69 -17.51 -52.45
N VAL D 311 9.02 -18.69 -51.93
CA VAL D 311 8.31 -19.92 -52.24
C VAL D 311 8.01 -20.64 -50.93
N GLU D 312 6.79 -21.18 -50.81
CA GLU D 312 6.37 -21.90 -49.62
C GLU D 312 5.14 -22.71 -49.97
N SER D 313 4.98 -23.85 -49.30
CA SER D 313 3.76 -24.66 -49.41
C SER D 313 2.79 -24.17 -48.36
N LEU D 314 1.81 -23.36 -48.78
CA LEU D 314 0.81 -22.78 -47.89
C LEU D 314 -0.50 -23.55 -47.93
N GLY D 315 -0.42 -24.85 -48.07
CA GLY D 315 -1.61 -25.72 -48.03
C GLY D 315 -2.20 -25.94 -49.43
N ALA D 316 -3.45 -25.52 -49.62
CA ALA D 316 -4.09 -25.66 -50.92
C ALA D 316 -3.64 -24.59 -51.90
N ASP D 317 -3.62 -23.34 -51.46
CA ASP D 317 -3.11 -22.23 -52.26
C ASP D 317 -1.69 -21.88 -51.82
N LYS D 318 -1.03 -21.08 -52.65
CA LYS D 318 0.31 -20.59 -52.36
C LYS D 318 0.33 -19.09 -52.53
N TYR D 319 0.58 -18.37 -51.45
CA TYR D 319 0.77 -16.92 -51.51
C TYR D 319 2.21 -16.66 -51.92
N LEU D 320 2.41 -16.27 -53.16
CA LEU D 320 3.72 -16.32 -53.82
C LEU D 320 4.22 -14.90 -54.05
N TYR D 321 5.19 -14.49 -53.25
CA TYR D 321 5.86 -13.21 -53.47
C TYR D 321 6.90 -13.37 -54.57
N PHE D 322 6.85 -12.47 -55.56
CA PHE D 322 7.62 -12.60 -56.78
C PHE D 322 8.39 -11.32 -57.07
N THR D 323 9.58 -11.46 -57.64
CA THR D 323 10.36 -10.30 -58.10
C THR D 323 9.73 -9.80 -59.38
N THR D 324 8.92 -8.76 -59.29
CA THR D 324 8.15 -8.27 -60.42
C THR D 324 8.69 -6.93 -60.91
N GLU D 325 8.32 -6.59 -62.14
CA GLU D 325 8.74 -5.33 -62.77
C GLU D 325 7.67 -4.26 -62.53
N SER D 326 7.50 -3.91 -61.26
CA SER D 326 6.50 -2.93 -60.87
C SER D 326 7.05 -1.98 -59.81
N PRO D 327 7.17 -0.70 -60.12
CA PRO D 327 7.73 0.25 -59.14
C PRO D 327 6.77 0.50 -57.98
N ALA D 328 7.26 1.27 -57.02
CA ALA D 328 6.45 1.60 -55.84
C ALA D 328 5.31 2.54 -56.22
N VAL D 329 4.19 2.39 -55.53
CA VAL D 329 3.03 3.23 -55.75
C VAL D 329 3.17 4.49 -54.91
N HIS D 330 2.85 5.65 -55.50
CA HIS D 330 2.95 6.93 -54.80
C HIS D 330 1.62 7.66 -54.90
N SER D 331 1.18 8.21 -53.76
CA SER D 331 -0.05 8.98 -53.68
C SER D 331 -0.01 9.82 -52.42
N VAL D 332 -0.77 10.90 -52.42
CA VAL D 332 -0.72 11.84 -51.30
C VAL D 332 -1.28 11.21 -50.03
N GLN D 333 -2.18 10.24 -50.17
CA GLN D 333 -2.73 9.55 -49.02
C GLN D 333 -2.09 8.21 -48.74
N LEU D 334 -1.33 7.67 -49.70
CA LEU D 334 -0.68 6.38 -49.49
C LEU D 334 0.42 6.44 -48.44
N ASP D 335 0.94 7.63 -48.15
CA ASP D 335 2.00 7.76 -47.15
C ASP D 335 1.49 7.43 -45.75
N GLU D 336 0.29 7.91 -45.39
CA GLU D 336 -0.25 7.63 -44.08
C GLU D 336 -0.63 6.17 -43.92
N LEU D 337 -0.72 5.42 -45.00
CA LEU D 337 -0.98 3.98 -44.95
C LEU D 337 0.30 3.14 -45.01
N ALA D 338 1.47 3.78 -45.11
CA ALA D 338 2.69 3.02 -45.36
C ALA D 338 3.36 2.53 -44.07
N GLU D 339 3.54 3.43 -43.09
CA GLU D 339 4.34 3.15 -41.92
C GLU D 339 3.60 2.32 -40.86
N VAL D 340 2.54 1.60 -41.24
CA VAL D 340 1.74 0.88 -40.24
C VAL D 340 2.54 -0.24 -39.59
N GLU D 341 3.36 -0.96 -40.37
CA GLU D 341 4.03 -2.15 -39.86
C GLU D 341 5.49 -1.93 -39.52
N GLY D 342 6.19 -1.04 -40.23
CA GLY D 342 7.59 -0.79 -39.94
C GLY D 342 8.52 -1.24 -41.04
N GLU D 343 8.33 -2.45 -41.55
CA GLU D 343 9.08 -2.94 -42.71
C GLU D 343 8.32 -2.64 -44.00
N SER D 344 8.04 -1.35 -44.19
CA SER D 344 7.25 -0.89 -45.32
C SER D 344 8.14 -0.68 -46.53
N ALA D 345 7.64 -1.09 -47.70
CA ALA D 345 8.29 -0.89 -48.99
C ALA D 345 9.62 -1.63 -49.11
N LEU D 346 10.00 -2.42 -48.10
CA LEU D 346 11.22 -3.22 -48.22
C LEU D 346 11.03 -4.41 -49.15
N HIS D 347 9.81 -4.97 -49.21
CA HIS D 347 9.47 -5.96 -50.21
C HIS D 347 8.66 -5.36 -51.35
N GLU D 348 8.63 -4.04 -51.44
CA GLU D 348 8.03 -3.38 -52.60
C GLU D 348 8.83 -3.75 -53.85
N ASN D 349 8.16 -3.71 -55.00
CA ASN D 349 8.60 -4.29 -56.26
C ASN D 349 8.53 -5.81 -56.22
N GLN D 350 8.05 -6.39 -55.12
CA GLN D 350 7.85 -7.83 -54.98
C GLN D 350 6.48 -8.06 -54.36
N PHE D 351 5.49 -8.36 -55.19
CA PHE D 351 4.12 -8.54 -54.73
C PHE D 351 3.77 -10.02 -54.64
N VAL D 352 2.64 -10.31 -54.00
CA VAL D 352 2.23 -11.67 -53.68
C VAL D 352 1.15 -12.10 -54.66
N ALA D 353 1.12 -13.40 -54.97
CA ALA D 353 0.10 -14.01 -55.81
C ALA D 353 -0.44 -15.24 -55.12
N ARG D 354 -1.74 -15.27 -54.87
CA ARG D 354 -2.39 -16.45 -54.31
C ARG D 354 -2.67 -17.44 -55.43
N VAL D 355 -1.81 -18.44 -55.55
CA VAL D 355 -1.95 -19.45 -56.60
C VAL D 355 -2.06 -20.82 -55.95
N PRO D 356 -2.73 -21.79 -56.57
CA PRO D 356 -2.81 -23.13 -55.99
C PRO D 356 -1.43 -23.75 -55.85
N ALA D 357 -1.30 -24.62 -54.85
CA ALA D 357 -0.01 -25.25 -54.54
C ALA D 357 0.38 -26.33 -55.55
N GLU D 358 -0.41 -26.53 -56.60
CA GLU D 358 -0.10 -27.59 -57.57
C GLU D 358 1.13 -27.22 -58.41
N SER D 359 1.24 -25.95 -58.79
CA SER D 359 2.40 -25.50 -59.53
C SER D 359 3.66 -25.65 -58.70
N LYS D 360 4.78 -25.93 -59.38
CA LYS D 360 6.05 -26.16 -58.73
C LYS D 360 7.12 -25.16 -59.13
N VAL D 361 6.70 -23.95 -59.54
CA VAL D 361 7.67 -22.92 -59.90
C VAL D 361 8.35 -22.42 -58.63
N ALA D 362 9.65 -22.65 -58.53
CA ALA D 362 10.45 -22.25 -57.39
C ALA D 362 11.22 -20.97 -57.72
N ILE D 363 11.99 -20.50 -56.75
CA ILE D 363 12.73 -19.25 -56.91
C ILE D 363 13.67 -19.36 -58.11
N GLY D 364 13.88 -18.22 -58.78
CA GLY D 364 14.70 -18.15 -59.97
C GLY D 364 13.98 -18.47 -61.26
N GLN D 365 13.00 -19.37 -61.22
CA GLN D 365 12.23 -19.73 -62.39
C GLN D 365 11.15 -18.69 -62.65
N SER D 366 11.27 -17.98 -63.78
CA SER D 366 10.29 -16.97 -64.15
C SER D 366 9.08 -17.64 -64.78
N VAL D 367 7.90 -17.41 -64.21
CA VAL D 367 6.66 -18.05 -64.63
C VAL D 367 5.71 -16.99 -65.19
N GLU D 368 5.10 -17.30 -66.33
CA GLU D 368 4.23 -16.36 -67.02
C GLU D 368 2.81 -16.51 -66.50
N LEU D 369 2.26 -15.44 -65.93
CA LEU D 369 0.93 -15.43 -65.36
C LEU D 369 0.05 -14.39 -66.05
N ALA D 370 -1.24 -14.43 -65.71
CA ALA D 370 -2.23 -13.52 -66.28
C ALA D 370 -3.42 -13.40 -65.33
N PHE D 371 -3.95 -12.18 -65.22
CA PHE D 371 -5.13 -11.93 -64.40
C PHE D 371 -6.04 -10.94 -65.13
N ASP D 372 -7.33 -11.01 -64.84
CA ASP D 372 -8.29 -10.14 -65.49
C ASP D 372 -7.97 -8.68 -65.24
N THR D 373 -8.13 -7.86 -66.28
CA THR D 373 -7.78 -6.45 -66.17
C THR D 373 -8.86 -5.64 -65.44
N ALA D 374 -10.13 -6.01 -65.63
CA ALA D 374 -11.23 -5.29 -64.99
C ALA D 374 -11.27 -5.49 -63.48
N ARG D 375 -10.44 -6.37 -62.93
CA ARG D 375 -10.41 -6.65 -61.49
C ARG D 375 -9.48 -5.70 -60.75
N LEU D 376 -9.23 -4.52 -61.31
CA LEU D 376 -8.34 -3.55 -60.70
C LEU D 376 -9.08 -2.69 -59.68
N ALA D 377 -8.33 -2.21 -58.68
CA ALA D 377 -8.85 -1.25 -57.71
C ALA D 377 -8.25 0.11 -58.01
N VAL D 378 -9.10 1.04 -58.41
CA VAL D 378 -8.68 2.36 -58.89
C VAL D 378 -8.87 3.37 -57.79
N PHE D 379 -7.94 4.32 -57.68
CA PHE D 379 -7.97 5.33 -56.62
C PHE D 379 -7.52 6.67 -57.18
N ASP D 380 -8.14 7.74 -56.68
CA ASP D 380 -7.81 9.09 -57.10
C ASP D 380 -6.47 9.53 -56.50
N ALA D 381 -5.89 10.57 -57.11
CA ALA D 381 -4.63 11.10 -56.60
C ALA D 381 -4.81 11.86 -55.29
N ASP D 382 -5.97 12.51 -55.12
CA ASP D 382 -6.24 13.30 -53.92
C ASP D 382 -7.31 12.69 -53.03
N SER D 383 -8.36 12.12 -53.60
CA SER D 383 -9.44 11.53 -52.82
C SER D 383 -9.19 10.07 -52.48
N GLY D 384 -8.53 9.33 -53.37
CA GLY D 384 -8.26 7.92 -53.16
C GLY D 384 -9.49 7.04 -53.12
N ALA D 385 -10.65 7.56 -53.51
CA ALA D 385 -11.84 6.72 -53.57
C ALA D 385 -11.83 5.88 -54.84
N ASN D 386 -12.65 4.82 -54.83
CA ASN D 386 -12.73 3.92 -55.97
C ASN D 386 -13.40 4.65 -57.13
N LEU D 387 -12.60 5.02 -58.14
CA LEU D 387 -13.12 5.81 -59.25
C LEU D 387 -14.06 5.03 -60.15
N THR D 388 -14.09 3.69 -60.04
CA THR D 388 -15.14 2.92 -60.70
C THR D 388 -16.52 3.25 -60.14
N ILE D 389 -16.58 3.85 -58.96
CA ILE D 389 -17.80 4.39 -58.39
C ILE D 389 -17.75 5.91 -58.55
N PRO D 390 -18.78 6.54 -59.11
CA PRO D 390 -18.74 7.99 -59.29
C PRO D 390 -18.72 8.71 -57.95
N HIS D 391 -18.11 9.89 -57.94
CA HIS D 391 -18.07 10.69 -56.72
C HIS D 391 -19.49 11.04 -56.29
N ARG D 392 -19.85 10.60 -55.10
CA ARG D 392 -21.24 10.66 -54.64
C ARG D 392 -21.68 12.11 -54.49
N ALA D 393 -22.63 12.53 -55.33
CA ALA D 393 -23.21 13.86 -55.28
C ALA D 393 -22.14 14.95 -55.38
N MET E 1 24.79 -23.52 -35.35
CA MET E 1 26.09 -23.41 -36.00
C MET E 1 26.87 -24.72 -35.89
N ALA E 2 26.75 -25.39 -34.74
CA ALA E 2 27.36 -26.68 -34.51
C ALA E 2 26.27 -27.73 -34.37
N GLU E 3 26.54 -28.93 -34.87
CA GLU E 3 25.55 -29.99 -34.85
C GLU E 3 25.09 -30.28 -33.42
N ILE E 4 23.87 -30.77 -33.31
CA ILE E 4 23.24 -31.07 -32.02
C ILE E 4 22.60 -32.44 -32.15
N VAL E 5 23.22 -33.45 -31.56
CA VAL E 5 22.81 -34.84 -31.72
C VAL E 5 22.29 -35.35 -30.38
N LEU E 6 21.00 -35.71 -30.35
CA LEU E 6 20.35 -36.21 -29.15
C LEU E 6 20.46 -37.74 -29.11
N ASP E 7 20.52 -38.28 -27.89
CA ASP E 7 20.70 -39.73 -27.74
C ASP E 7 20.02 -40.17 -26.43
N HIS E 8 18.78 -40.64 -26.57
CA HIS E 8 18.06 -41.38 -25.52
C HIS E 8 18.15 -40.71 -24.15
N VAL E 9 17.96 -39.39 -24.13
CA VAL E 9 17.95 -38.67 -22.87
C VAL E 9 16.74 -39.11 -22.05
N ASN E 10 16.95 -39.34 -20.75
CA ASN E 10 15.90 -39.82 -19.88
C ASN E 10 15.94 -39.08 -18.55
N LYS E 11 14.82 -39.12 -17.83
CA LYS E 11 14.56 -38.27 -16.69
C LYS E 11 14.55 -39.07 -15.40
N SER E 12 14.60 -38.35 -14.29
CA SER E 12 14.07 -38.80 -13.01
C SER E 12 13.56 -37.60 -12.23
N TYR E 13 12.29 -37.26 -12.44
CA TYR E 13 11.64 -36.25 -11.63
C TYR E 13 11.52 -36.77 -10.19
N PRO E 14 11.57 -35.87 -9.20
CA PRO E 14 11.25 -36.28 -7.83
C PRO E 14 9.87 -36.91 -7.73
N ASP E 15 8.92 -36.50 -8.57
CA ASP E 15 7.60 -37.11 -8.62
C ASP E 15 7.56 -38.35 -9.50
N GLY E 16 8.63 -38.65 -10.23
CA GLY E 16 8.63 -39.75 -11.17
C GLY E 16 7.87 -39.50 -12.45
N HIS E 17 7.26 -38.33 -12.61
CA HIS E 17 6.48 -38.01 -13.80
C HIS E 17 7.34 -38.09 -15.05
N THR E 18 6.81 -38.71 -16.10
CA THR E 18 7.54 -38.97 -17.34
C THR E 18 7.34 -37.79 -18.29
N ALA E 19 8.38 -36.96 -18.45
CA ALA E 19 8.35 -35.86 -19.39
C ALA E 19 9.16 -36.12 -20.65
N VAL E 20 10.05 -37.11 -20.65
CA VAL E 20 10.90 -37.42 -21.79
C VAL E 20 11.01 -38.93 -21.94
N ARG E 21 11.16 -39.38 -23.19
CA ARG E 21 11.28 -40.81 -23.47
C ARG E 21 12.19 -41.00 -24.69
N ASP E 22 13.48 -41.20 -24.43
CA ASP E 22 14.44 -41.66 -25.44
C ASP E 22 14.43 -40.77 -26.69
N LEU E 23 14.84 -39.53 -26.49
CA LEU E 23 14.91 -38.58 -27.59
C LEU E 23 16.23 -38.75 -28.33
N ASN E 24 16.14 -38.92 -29.65
CA ASN E 24 17.32 -39.07 -30.51
C ASN E 24 17.09 -38.25 -31.77
N LEU E 25 17.89 -37.20 -31.96
CA LEU E 25 17.75 -36.37 -33.16
C LEU E 25 18.98 -35.50 -33.38
N THR E 26 19.43 -35.42 -34.62
CA THR E 26 20.54 -34.54 -35.00
C THR E 26 19.95 -33.22 -35.52
N ILE E 27 20.12 -32.16 -34.74
CA ILE E 27 19.63 -30.84 -35.11
C ILE E 27 20.69 -30.24 -36.02
N ALA E 28 20.50 -30.40 -37.32
CA ALA E 28 21.52 -30.03 -38.29
C ALA E 28 21.74 -28.51 -38.31
N ASP E 29 22.85 -28.12 -38.95
CA ASP E 29 23.24 -26.72 -38.98
C ASP E 29 22.64 -26.01 -40.19
N GLY E 30 22.39 -24.72 -40.03
CA GLY E 30 21.78 -23.93 -41.06
C GLY E 30 20.27 -24.12 -41.15
N GLU E 31 19.78 -25.21 -40.58
CA GLU E 31 18.37 -25.51 -40.60
C GLU E 31 17.63 -24.72 -39.53
N PHE E 32 16.30 -24.69 -39.64
CA PHE E 32 15.45 -24.02 -38.67
C PHE E 32 14.50 -25.09 -38.13
N LEU E 33 14.97 -25.84 -37.14
CA LEU E 33 14.18 -26.93 -36.58
C LEU E 33 13.21 -26.40 -35.54
N ILE E 34 11.96 -26.87 -35.60
CA ILE E 34 10.88 -26.34 -34.78
C ILE E 34 10.28 -27.48 -33.95
N LEU E 35 10.17 -27.25 -32.65
CA LEU E 35 9.45 -28.15 -31.75
C LEU E 35 8.08 -27.56 -31.48
N VAL E 36 7.03 -28.26 -31.90
CA VAL E 36 5.67 -27.77 -31.79
C VAL E 36 4.80 -28.83 -31.13
N GLY E 37 3.86 -28.38 -30.31
CA GLY E 37 3.01 -29.27 -29.56
C GLY E 37 2.19 -28.55 -28.51
N PRO E 38 1.33 -29.28 -27.82
CA PRO E 38 0.46 -28.69 -26.80
C PRO E 38 1.23 -28.47 -25.51
N SER E 39 0.49 -28.08 -24.47
CA SER E 39 1.09 -27.87 -23.16
C SER E 39 1.63 -29.18 -22.60
N GLY E 40 2.76 -29.10 -21.90
CA GLY E 40 3.32 -30.25 -21.22
C GLY E 40 3.80 -31.37 -22.11
N CYS E 41 3.79 -31.21 -23.43
CA CYS E 41 4.24 -32.26 -24.32
C CYS E 41 5.76 -32.40 -24.37
N GLY E 42 6.50 -31.51 -23.70
CA GLY E 42 7.93 -31.65 -23.56
C GLY E 42 8.76 -30.62 -24.29
N LYS E 43 8.15 -29.76 -25.12
CA LYS E 43 8.92 -28.77 -25.86
C LYS E 43 9.78 -27.93 -24.93
N THR E 44 9.14 -27.24 -23.98
CA THR E 44 9.88 -26.45 -23.00
C THR E 44 10.80 -27.35 -22.17
N THR E 45 10.34 -28.56 -21.85
CA THR E 45 11.15 -29.49 -21.08
C THR E 45 12.46 -29.80 -21.80
N THR E 46 12.36 -30.32 -23.03
CA THR E 46 13.58 -30.62 -23.79
C THR E 46 14.38 -29.37 -24.10
N LEU E 47 13.74 -28.21 -24.20
CA LEU E 47 14.50 -27.00 -24.45
C LEU E 47 15.37 -26.63 -23.25
N ASN E 48 14.79 -26.71 -22.05
CA ASN E 48 15.59 -26.51 -20.84
C ASN E 48 16.70 -27.55 -20.74
N MET E 49 16.41 -28.80 -21.13
CA MET E 49 17.44 -29.83 -21.12
C MET E 49 18.55 -29.49 -22.11
N ILE E 50 18.21 -28.91 -23.26
CA ILE E 50 19.21 -28.39 -24.18
C ILE E 50 20.05 -27.32 -23.49
N ALA E 51 19.39 -26.40 -22.79
CA ALA E 51 20.09 -25.43 -21.97
C ALA E 51 20.67 -26.05 -20.70
N GLY E 52 20.44 -27.34 -20.46
CA GLY E 52 20.96 -27.99 -19.28
C GLY E 52 20.32 -27.57 -17.98
N LEU E 53 19.22 -26.82 -18.03
CA LEU E 53 18.54 -26.42 -16.80
C LEU E 53 17.93 -27.61 -16.08
N GLU E 54 17.41 -28.57 -16.81
CA GLU E 54 16.89 -29.82 -16.24
C GLU E 54 17.91 -30.93 -16.48
N ASP E 55 18.17 -31.72 -15.45
CA ASP E 55 19.20 -32.75 -15.52
C ASP E 55 18.58 -34.10 -15.84
N ILE E 56 19.36 -34.93 -16.55
CA ILE E 56 18.88 -36.22 -17.00
C ILE E 56 19.25 -37.29 -15.99
N SER E 57 18.54 -38.42 -16.04
CA SER E 57 19.00 -39.62 -15.35
C SER E 57 19.99 -40.39 -16.22
N SER E 58 19.68 -40.52 -17.50
CA SER E 58 20.52 -41.23 -18.44
C SER E 58 20.22 -40.69 -19.84
N GLY E 59 21.18 -40.86 -20.73
CA GLY E 59 21.09 -40.32 -22.07
C GLY E 59 22.33 -39.55 -22.44
N GLU E 60 22.36 -39.12 -23.70
CA GLU E 60 23.53 -38.48 -24.26
C GLU E 60 23.11 -37.39 -25.24
N LEU E 61 23.92 -36.34 -25.30
CA LEU E 61 23.73 -35.26 -26.26
C LEU E 61 25.07 -34.58 -26.49
N ARG E 62 25.37 -34.25 -27.75
CA ARG E 62 26.65 -33.65 -28.10
C ARG E 62 26.41 -32.46 -29.01
N ILE E 63 27.05 -31.34 -28.68
CA ILE E 63 27.20 -30.21 -29.59
C ILE E 63 28.67 -30.11 -29.95
N ALA E 64 28.96 -30.07 -31.25
CA ALA E 64 30.33 -30.15 -31.75
C ALA E 64 31.03 -31.41 -31.24
N GLY E 65 30.26 -32.49 -31.11
CA GLY E 65 30.81 -33.80 -30.79
C GLY E 65 31.07 -34.08 -29.33
N GLU E 66 31.14 -33.06 -28.48
CA GLU E 66 31.48 -33.25 -27.08
C GLU E 66 30.24 -33.38 -26.21
N ARG E 67 30.34 -34.22 -25.19
CA ARG E 67 29.20 -34.47 -24.30
C ARG E 67 28.84 -33.22 -23.53
N VAL E 68 27.54 -32.91 -23.49
CA VAL E 68 27.03 -31.75 -22.77
C VAL E 68 25.95 -32.14 -21.77
N ASN E 69 25.94 -33.40 -21.32
CA ASN E 69 24.99 -33.81 -20.30
C ASN E 69 25.26 -33.13 -18.96
N GLU E 70 26.48 -32.61 -18.78
CA GLU E 70 26.86 -31.93 -17.56
C GLU E 70 27.36 -30.50 -17.79
N LYS E 71 27.61 -30.12 -19.04
CA LYS E 71 28.16 -28.81 -19.34
C LYS E 71 27.19 -27.71 -18.92
N ALA E 72 27.74 -26.62 -18.38
CA ALA E 72 26.91 -25.56 -17.84
C ALA E 72 26.32 -24.71 -18.97
N PRO E 73 25.15 -24.11 -18.73
CA PRO E 73 24.61 -23.16 -19.72
C PRO E 73 25.54 -22.00 -19.98
N LYS E 74 26.28 -21.56 -18.97
CA LYS E 74 27.30 -20.54 -19.17
C LYS E 74 28.44 -21.02 -20.06
N ASP E 75 28.53 -22.33 -20.29
CA ASP E 75 29.67 -22.90 -21.00
C ASP E 75 29.36 -23.31 -22.43
N ARG E 76 28.13 -23.75 -22.71
CA ARG E 76 27.81 -24.32 -24.02
C ARG E 76 27.74 -23.28 -25.13
N ASP E 77 27.77 -21.99 -24.81
CA ASP E 77 27.70 -20.92 -25.80
C ASP E 77 26.48 -21.10 -26.71
N ILE E 78 25.30 -20.99 -26.10
CA ILE E 78 24.04 -21.01 -26.82
C ILE E 78 23.20 -19.83 -26.37
N ALA E 79 22.53 -19.18 -27.31
CA ALA E 79 21.71 -18.02 -27.04
C ALA E 79 20.24 -18.42 -27.04
N MET E 80 19.54 -18.09 -25.98
CA MET E 80 18.12 -18.39 -25.83
C MET E 80 17.32 -17.10 -25.69
N VAL E 81 16.16 -17.06 -26.33
CA VAL E 81 15.25 -15.92 -26.26
C VAL E 81 14.02 -16.35 -25.47
N PHE E 82 13.58 -15.49 -24.56
CA PHE E 82 12.56 -15.85 -23.58
C PHE E 82 11.23 -15.19 -23.94
N GLN E 83 10.15 -15.95 -23.73
CA GLN E 83 8.82 -15.41 -23.96
C GLN E 83 8.52 -14.23 -23.04
N SER E 84 9.07 -14.24 -21.82
CA SER E 84 8.98 -13.09 -20.94
C SER E 84 9.87 -11.93 -21.38
N TYR E 85 10.65 -12.14 -22.45
CA TYR E 85 11.51 -11.13 -23.06
C TYR E 85 12.73 -10.85 -22.18
N ALA E 86 12.73 -11.40 -20.97
CA ALA E 86 13.89 -11.44 -20.08
C ALA E 86 14.72 -10.16 -20.10
N LEU E 87 14.06 -9.01 -20.01
CA LEU E 87 14.74 -7.73 -20.15
C LEU E 87 15.16 -7.18 -18.81
N TYR E 88 16.39 -6.68 -18.74
CA TYR E 88 16.90 -6.05 -17.52
C TYR E 88 16.50 -4.59 -17.52
N PRO E 89 15.62 -4.15 -16.61
CA PRO E 89 15.16 -2.75 -16.66
C PRO E 89 16.22 -1.73 -16.27
N HIS E 90 17.26 -2.14 -15.54
CA HIS E 90 18.26 -1.19 -15.08
C HIS E 90 19.30 -0.84 -16.15
N MET E 91 19.29 -1.53 -17.29
CA MET E 91 20.24 -1.27 -18.36
C MET E 91 19.52 -0.66 -19.56
N THR E 92 20.17 0.29 -20.21
CA THR E 92 19.63 0.83 -21.45
C THR E 92 19.77 -0.20 -22.57
N VAL E 93 19.11 0.08 -23.70
CA VAL E 93 19.05 -0.86 -24.81
C VAL E 93 20.44 -1.31 -25.22
N ARG E 94 21.31 -0.35 -25.56
CA ARG E 94 22.67 -0.71 -25.95
C ARG E 94 23.38 -1.45 -24.83
N GLN E 95 23.19 -0.98 -23.58
CA GLN E 95 23.75 -1.71 -22.45
C GLN E 95 23.08 -3.06 -22.26
N ASN E 96 21.76 -3.12 -22.45
CA ASN E 96 21.04 -4.38 -22.28
C ASN E 96 21.57 -5.45 -23.21
N ILE E 97 21.92 -5.08 -24.45
CA ILE E 97 22.40 -6.08 -25.40
C ILE E 97 23.90 -6.24 -25.31
N ALA E 98 24.62 -5.24 -24.81
CA ALA E 98 26.06 -5.37 -24.59
C ALA E 98 26.37 -6.23 -23.37
N PHE E 99 25.40 -6.39 -22.47
CA PHE E 99 25.61 -7.15 -21.23
C PHE E 99 26.29 -8.50 -21.45
N PRO E 100 25.86 -9.36 -22.36
CA PRO E 100 26.58 -10.63 -22.55
C PRO E 100 27.99 -10.46 -23.06
N LEU E 101 28.25 -9.43 -23.88
CA LEU E 101 29.61 -9.18 -24.35
C LEU E 101 30.51 -8.78 -23.20
N THR E 102 30.04 -7.87 -22.34
CA THR E 102 30.82 -7.50 -21.16
C THR E 102 31.02 -8.69 -20.24
N LEU E 103 30.03 -9.58 -20.17
CA LEU E 103 30.19 -10.80 -19.38
C LEU E 103 31.27 -11.69 -19.97
N ALA E 104 31.33 -11.79 -21.30
CA ALA E 104 32.29 -12.66 -21.97
C ALA E 104 33.71 -12.09 -21.99
N LYS E 105 33.95 -10.97 -21.29
CA LYS E 105 35.29 -10.39 -21.16
C LYS E 105 35.85 -9.98 -22.52
N MET E 106 35.10 -9.17 -23.25
CA MET E 106 35.53 -8.65 -24.54
C MET E 106 35.97 -7.19 -24.38
N ARG E 107 36.28 -6.56 -25.51
CA ARG E 107 36.84 -5.21 -25.50
C ARG E 107 35.72 -4.17 -25.58
N LYS E 108 35.80 -3.15 -24.72
CA LYS E 108 34.79 -2.09 -24.71
C LYS E 108 34.52 -1.55 -26.11
N ALA E 109 35.58 -1.28 -26.87
CA ALA E 109 35.43 -0.71 -28.20
C ALA E 109 34.69 -1.66 -29.13
N ASP E 110 35.18 -2.89 -29.28
CA ASP E 110 34.54 -3.81 -30.20
C ASP E 110 33.19 -4.28 -29.68
N ILE E 111 33.01 -4.31 -28.35
CA ILE E 111 31.69 -4.57 -27.79
C ILE E 111 30.70 -3.53 -28.28
N ALA E 112 31.02 -2.24 -28.08
CA ALA E 112 30.12 -1.18 -28.52
C ALA E 112 29.90 -1.21 -30.03
N GLN E 113 30.96 -1.51 -30.80
CA GLN E 113 30.82 -1.57 -32.24
C GLN E 113 29.87 -2.68 -32.66
N LYS E 114 30.12 -3.91 -32.18
CA LYS E 114 29.25 -5.04 -32.48
C LYS E 114 27.82 -4.77 -32.03
N VAL E 115 27.65 -4.05 -30.92
CA VAL E 115 26.32 -3.66 -30.48
C VAL E 115 25.65 -2.78 -31.53
N SER E 116 26.37 -1.77 -32.00
CA SER E 116 25.83 -0.90 -33.05
C SER E 116 25.45 -1.70 -34.29
N GLU E 117 26.30 -2.65 -34.68
CA GLU E 117 26.03 -3.44 -35.88
C GLU E 117 24.79 -4.31 -35.71
N THR E 118 24.75 -5.11 -34.64
CA THR E 118 23.60 -5.95 -34.37
C THR E 118 22.33 -5.14 -34.20
N ALA E 119 22.44 -3.89 -33.75
CA ALA E 119 21.27 -3.01 -33.72
C ALA E 119 20.85 -2.62 -35.12
N LYS E 120 21.83 -2.31 -36.00
CA LYS E 120 21.50 -2.04 -37.39
C LYS E 120 20.79 -3.23 -38.03
N ILE E 121 21.18 -4.45 -37.67
CA ILE E 121 20.50 -5.63 -38.19
C ILE E 121 19.02 -5.60 -37.82
N LEU E 122 18.71 -5.04 -36.65
CA LEU E 122 17.34 -4.91 -36.19
C LEU E 122 16.86 -3.47 -36.19
N ASP E 123 17.64 -2.55 -36.78
CA ASP E 123 17.28 -1.13 -36.87
C ASP E 123 17.04 -0.50 -35.50
N LEU E 124 17.65 -1.07 -34.46
CA LEU E 124 17.52 -0.53 -33.11
C LEU E 124 18.49 0.59 -32.81
N THR E 125 19.32 1.00 -33.78
CA THR E 125 20.19 2.15 -33.57
C THR E 125 19.41 3.43 -33.33
N ASN E 126 18.13 3.46 -33.73
CA ASN E 126 17.29 4.62 -33.49
C ASN E 126 17.00 4.84 -32.02
N LEU E 127 16.97 3.78 -31.21
CA LEU E 127 16.59 3.87 -29.81
C LEU E 127 17.54 3.07 -28.93
N LEU E 128 18.85 3.21 -29.16
CA LEU E 128 19.82 2.42 -28.41
C LEU E 128 19.97 2.90 -26.97
N ASP E 129 19.48 4.09 -26.64
CA ASP E 129 19.70 4.70 -25.33
C ASP E 129 18.53 4.53 -24.38
N ARG E 130 17.39 4.02 -24.86
CA ARG E 130 16.19 4.02 -24.04
C ARG E 130 16.23 2.90 -23.01
N LYS E 131 15.18 2.83 -22.21
CA LYS E 131 14.95 1.79 -21.22
C LYS E 131 13.86 0.83 -21.71
N PRO E 132 13.92 -0.44 -21.31
CA PRO E 132 12.97 -1.42 -21.86
C PRO E 132 11.52 -1.08 -21.61
N SER E 133 11.22 -0.33 -20.54
CA SER E 133 9.84 0.00 -20.22
C SER E 133 9.23 0.97 -21.22
N GLN E 134 9.97 2.00 -21.61
CA GLN E 134 9.45 3.09 -22.42
C GLN E 134 9.46 2.79 -23.91
N LEU E 135 9.48 1.52 -24.30
CA LEU E 135 9.34 1.10 -25.68
C LEU E 135 8.36 -0.04 -25.78
N SER E 136 7.81 -0.23 -26.97
CA SER E 136 6.69 -1.16 -27.16
C SER E 136 7.15 -2.61 -27.06
N GLY E 137 6.17 -3.52 -26.99
CA GLY E 137 6.48 -4.93 -26.79
C GLY E 137 7.18 -5.55 -27.97
N GLY E 138 6.77 -5.20 -29.19
CA GLY E 138 7.52 -5.64 -30.36
C GLY E 138 8.96 -5.17 -30.32
N GLN E 139 9.18 -3.93 -29.84
CA GLN E 139 10.54 -3.45 -29.66
C GLN E 139 11.26 -4.23 -28.57
N ARG E 140 10.56 -4.67 -27.52
CA ARG E 140 11.18 -5.54 -26.53
C ARG E 140 11.62 -6.85 -27.18
N GLN E 141 10.80 -7.40 -28.06
CA GLN E 141 11.18 -8.57 -28.83
C GLN E 141 12.42 -8.29 -29.67
N ARG E 142 12.49 -7.09 -30.24
CA ARG E 142 13.66 -6.70 -31.02
C ARG E 142 14.91 -6.64 -30.14
N VAL E 143 14.76 -6.19 -28.90
CA VAL E 143 15.91 -6.17 -27.98
C VAL E 143 16.31 -7.59 -27.61
N ALA E 144 15.32 -8.49 -27.47
CA ALA E 144 15.64 -9.90 -27.28
C ALA E 144 16.46 -10.43 -28.44
N MET E 145 16.05 -10.09 -29.67
CA MET E 145 16.84 -10.43 -30.84
C MET E 145 18.24 -9.84 -30.76
N GLY E 146 18.35 -8.61 -30.25
CA GLY E 146 19.66 -8.00 -30.10
C GLY E 146 20.56 -8.78 -29.18
N ARG E 147 20.03 -9.21 -28.03
CA ARG E 147 20.80 -10.05 -27.13
C ARG E 147 21.12 -11.40 -27.76
N ALA E 148 20.23 -11.90 -28.63
CA ALA E 148 20.48 -13.19 -29.27
C ALA E 148 21.62 -13.12 -30.27
N ILE E 149 21.60 -12.13 -31.16
CA ILE E 149 22.51 -12.11 -32.30
C ILE E 149 23.95 -11.95 -31.85
N VAL E 150 24.18 -11.10 -30.84
CA VAL E 150 25.51 -10.57 -30.58
C VAL E 150 26.54 -11.68 -30.36
N ARG E 151 26.26 -12.57 -29.41
CA ARG E 151 27.29 -13.48 -28.92
C ARG E 151 27.74 -14.50 -29.96
N HIS E 152 27.02 -14.64 -31.08
CA HIS E 152 27.33 -15.62 -32.12
C HIS E 152 27.54 -17.00 -31.51
N PRO E 153 26.48 -17.63 -31.03
CA PRO E 153 26.62 -18.91 -30.33
C PRO E 153 26.63 -20.07 -31.31
N LYS E 154 26.71 -21.28 -30.75
CA LYS E 154 26.66 -22.50 -31.54
C LYS E 154 25.24 -22.88 -31.93
N ALA E 155 24.23 -22.33 -31.24
CA ALA E 155 22.85 -22.65 -31.53
C ALA E 155 21.96 -21.53 -31.01
N PHE E 156 20.72 -21.53 -31.50
CA PHE E 156 19.70 -20.58 -31.06
C PHE E 156 18.53 -21.32 -30.45
N LEU E 157 17.95 -20.75 -29.39
CA LEU E 157 16.76 -21.28 -28.74
C LEU E 157 15.76 -20.14 -28.62
N MET E 158 14.98 -19.91 -29.66
CA MET E 158 14.02 -18.81 -29.71
C MET E 158 12.68 -19.34 -29.24
N ASP E 159 12.48 -19.37 -27.92
CA ASP E 159 11.32 -20.00 -27.31
C ASP E 159 10.12 -19.06 -27.41
N GLU E 160 9.16 -19.40 -28.26
CA GLU E 160 7.90 -18.66 -28.39
C GLU E 160 8.08 -17.14 -28.41
N PRO E 161 9.00 -16.63 -29.23
CA PRO E 161 9.25 -15.18 -29.21
C PRO E 161 8.06 -14.35 -29.65
N LEU E 162 7.09 -14.96 -30.33
CA LEU E 162 5.96 -14.25 -30.90
C LEU E 162 4.68 -14.48 -30.11
N SER E 163 4.81 -14.94 -28.86
CA SER E 163 3.64 -15.29 -28.07
C SER E 163 2.75 -14.09 -27.80
N ASN E 164 3.35 -12.92 -27.58
CA ASN E 164 2.60 -11.76 -27.12
C ASN E 164 2.32 -10.75 -28.24
N LEU E 165 2.82 -10.97 -29.44
CA LEU E 165 2.61 -10.04 -30.53
C LEU E 165 1.28 -10.32 -31.23
N ASP E 166 0.99 -9.54 -32.26
CA ASP E 166 -0.25 -9.68 -33.01
C ASP E 166 -0.01 -10.46 -34.30
N ALA E 167 -1.11 -10.78 -34.99
CA ALA E 167 -1.06 -11.69 -36.13
C ALA E 167 -0.15 -11.16 -37.23
N LYS E 168 -0.47 -9.99 -37.78
CA LYS E 168 0.35 -9.41 -38.84
C LYS E 168 1.78 -9.16 -38.36
N LEU E 169 1.91 -8.60 -37.15
CA LEU E 169 3.23 -8.41 -36.58
C LEU E 169 3.99 -9.72 -36.51
N ARG E 170 3.32 -10.79 -36.05
CA ARG E 170 4.03 -12.05 -35.86
C ARG E 170 4.40 -12.68 -37.20
N VAL E 171 3.56 -12.54 -38.23
CA VAL E 171 3.89 -13.17 -39.50
C VAL E 171 5.07 -12.44 -40.15
N GLN E 172 5.04 -11.11 -40.15
CA GLN E 172 6.16 -10.38 -40.74
C GLN E 172 7.43 -10.59 -39.93
N MET E 173 7.30 -10.67 -38.60
CA MET E 173 8.48 -10.84 -37.76
C MET E 173 9.05 -12.24 -37.87
N ARG E 174 8.21 -13.26 -38.08
CA ARG E 174 8.76 -14.58 -38.27
C ARG E 174 9.37 -14.75 -39.66
N GLY E 175 8.85 -14.03 -40.66
CA GLY E 175 9.58 -13.96 -41.92
C GLY E 175 10.95 -13.36 -41.74
N GLU E 176 11.02 -12.24 -41.00
CA GLU E 176 12.31 -11.66 -40.64
C GLU E 176 13.19 -12.65 -39.90
N ILE E 177 12.61 -13.42 -38.98
CA ILE E 177 13.37 -14.39 -38.20
C ILE E 177 13.97 -15.45 -39.11
N ALA E 178 13.15 -16.01 -40.00
CA ALA E 178 13.62 -17.05 -40.91
C ALA E 178 14.73 -16.53 -41.80
N GLN E 179 14.53 -15.35 -42.40
CA GLN E 179 15.56 -14.83 -43.30
C GLN E 179 16.83 -14.46 -42.54
N LEU E 180 16.71 -14.02 -41.29
CA LEU E 180 17.89 -13.71 -40.50
C LEU E 180 18.64 -14.98 -40.11
N GLN E 181 17.91 -16.02 -39.74
CA GLN E 181 18.54 -17.31 -39.45
C GLN E 181 19.27 -17.84 -40.67
N ARG E 182 18.65 -17.72 -41.85
CA ARG E 182 19.34 -18.12 -43.08
C ARG E 182 20.59 -17.27 -43.31
N ARG E 183 20.47 -15.95 -43.10
CA ARG E 183 21.62 -15.06 -43.20
C ARG E 183 22.75 -15.49 -42.27
N LEU E 184 22.41 -16.04 -41.10
CA LEU E 184 23.40 -16.47 -40.13
C LEU E 184 23.62 -17.97 -40.11
N GLY E 185 22.75 -18.75 -40.77
CA GLY E 185 22.94 -20.19 -40.82
C GLY E 185 23.07 -20.86 -39.47
N THR E 186 22.35 -20.35 -38.48
CA THR E 186 22.48 -20.82 -37.11
C THR E 186 21.46 -21.92 -36.82
N THR E 187 21.90 -22.96 -36.12
CA THR E 187 21.01 -24.02 -35.70
C THR E 187 20.04 -23.49 -34.64
N THR E 188 18.75 -23.48 -34.96
CA THR E 188 17.75 -22.93 -34.05
C THR E 188 16.81 -24.03 -33.57
N VAL E 189 16.15 -23.75 -32.46
CA VAL E 189 15.04 -24.56 -31.96
C VAL E 189 13.93 -23.60 -31.58
N TYR E 190 12.91 -23.51 -32.44
CA TYR E 190 11.82 -22.54 -32.28
C TYR E 190 10.68 -23.24 -31.54
N VAL E 191 10.81 -23.34 -30.23
CA VAL E 191 9.81 -24.01 -29.41
C VAL E 191 8.55 -23.16 -29.42
N THR E 192 7.52 -23.62 -30.12
CA THR E 192 6.25 -22.91 -30.23
C THR E 192 5.12 -23.91 -30.15
N HIS E 193 3.89 -23.41 -30.33
CA HIS E 193 2.70 -24.25 -30.34
C HIS E 193 1.80 -24.02 -31.54
N ASP E 194 1.83 -22.83 -32.14
CA ASP E 194 0.96 -22.53 -33.28
C ASP E 194 1.47 -23.24 -34.53
N GLN E 195 0.53 -23.77 -35.31
CA GLN E 195 0.92 -24.59 -36.46
C GLN E 195 1.42 -23.75 -37.62
N THR E 196 0.95 -22.51 -37.75
CA THR E 196 1.40 -21.64 -38.83
C THR E 196 2.90 -21.39 -38.73
N GLU E 197 3.35 -20.80 -37.61
CA GLU E 197 4.77 -20.60 -37.39
C GLU E 197 5.54 -21.92 -37.50
N ALA E 198 4.93 -23.01 -37.04
CA ALA E 198 5.59 -24.31 -37.08
C ALA E 198 5.92 -24.72 -38.50
N MET E 199 4.93 -24.71 -39.39
CA MET E 199 5.12 -25.26 -40.73
C MET E 199 5.64 -24.24 -41.73
N THR E 200 5.60 -22.95 -41.43
CA THR E 200 6.14 -21.97 -42.36
C THR E 200 7.61 -21.66 -42.11
N LEU E 201 8.16 -22.10 -40.97
CA LEU E 201 9.57 -21.88 -40.69
C LEU E 201 10.37 -23.15 -40.47
N GLY E 202 9.73 -24.32 -40.43
CA GLY E 202 10.42 -25.54 -40.02
C GLY E 202 11.03 -26.27 -41.19
N ASP E 203 12.31 -26.64 -41.04
CA ASP E 203 12.94 -27.52 -42.01
C ASP E 203 12.73 -28.97 -41.64
N ARG E 204 12.70 -29.28 -40.35
CA ARG E 204 12.31 -30.59 -39.83
C ARG E 204 11.43 -30.35 -38.62
N VAL E 205 10.12 -30.26 -38.85
CA VAL E 205 9.18 -30.00 -37.78
C VAL E 205 9.04 -31.23 -36.91
N VAL E 206 9.23 -31.06 -35.60
CA VAL E 206 9.17 -32.16 -34.64
C VAL E 206 7.97 -31.92 -33.74
N VAL E 207 7.05 -32.86 -33.71
CA VAL E 207 5.85 -32.78 -32.89
C VAL E 207 6.06 -33.65 -31.66
N MET E 208 5.41 -33.25 -30.56
CA MET E 208 5.55 -33.94 -29.29
C MET E 208 4.18 -34.27 -28.71
N TYR E 209 4.16 -35.26 -27.82
CA TYR E 209 2.95 -35.62 -27.09
C TYR E 209 3.35 -36.42 -25.86
N GLY E 210 3.11 -35.86 -24.67
CA GLY E 210 3.34 -36.55 -23.42
C GLY E 210 4.69 -37.21 -23.27
N GLY E 211 5.68 -36.76 -24.03
CA GLY E 211 6.99 -37.36 -24.02
C GLY E 211 7.28 -38.32 -25.16
N ILE E 212 6.47 -38.30 -26.22
CA ILE E 212 6.63 -39.20 -27.36
C ILE E 212 6.72 -38.34 -28.60
N ALA E 213 7.81 -38.50 -29.35
CA ALA E 213 8.00 -37.79 -30.62
C ALA E 213 7.23 -38.55 -31.70
N GLN E 214 6.01 -38.07 -31.98
CA GLN E 214 5.13 -38.78 -32.90
C GLN E 214 5.73 -38.89 -34.30
N GLN E 215 5.94 -37.75 -34.95
CA GLN E 215 6.49 -37.72 -36.31
C GLN E 215 7.52 -36.61 -36.40
N ILE E 216 8.69 -36.94 -36.96
CA ILE E 216 9.82 -36.01 -36.99
C ILE E 216 10.28 -35.89 -38.44
N GLY E 217 10.21 -34.69 -38.99
CA GLY E 217 10.70 -34.46 -40.33
C GLY E 217 10.14 -33.19 -40.92
N THR E 218 10.34 -33.06 -42.23
CA THR E 218 9.88 -31.88 -42.96
C THR E 218 8.38 -31.71 -42.79
N PRO E 219 7.88 -30.47 -42.80
CA PRO E 219 6.43 -30.25 -42.67
C PRO E 219 5.61 -30.97 -43.74
N GLU E 220 6.19 -31.18 -44.92
CA GLU E 220 5.43 -31.76 -46.01
C GLU E 220 5.16 -33.25 -45.77
N GLU E 221 6.15 -33.96 -45.21
CA GLU E 221 5.95 -35.37 -44.91
C GLU E 221 4.84 -35.59 -43.90
N LEU E 222 4.87 -34.84 -42.79
CA LEU E 222 3.79 -34.93 -41.81
C LEU E 222 2.47 -34.46 -42.40
N TYR E 223 2.51 -33.44 -43.25
CA TYR E 223 1.29 -32.83 -43.78
C TYR E 223 0.55 -33.79 -44.70
N GLU E 224 1.28 -34.45 -45.61
CA GLU E 224 0.60 -35.41 -46.48
C GLU E 224 0.40 -36.74 -45.77
N ARG E 225 1.40 -37.19 -45.01
CA ARG E 225 1.40 -38.53 -44.41
C ARG E 225 1.53 -38.40 -42.90
N PRO E 226 0.45 -38.04 -42.22
CA PRO E 226 0.48 -38.04 -40.75
C PRO E 226 0.71 -39.46 -40.23
N ALA E 227 1.66 -39.58 -39.29
CA ALA E 227 2.01 -40.89 -38.78
C ALA E 227 0.85 -41.55 -38.04
N ASN E 228 0.02 -40.76 -37.38
CA ASN E 228 -1.11 -41.27 -36.63
C ASN E 228 -2.10 -40.14 -36.40
N LEU E 229 -3.09 -40.40 -35.54
CA LEU E 229 -4.19 -39.46 -35.37
C LEU E 229 -3.77 -38.19 -34.66
N PHE E 230 -2.77 -38.27 -33.78
CA PHE E 230 -2.37 -37.09 -33.02
C PHE E 230 -1.85 -36.00 -33.95
N VAL E 231 -0.93 -36.35 -34.86
CA VAL E 231 -0.44 -35.35 -35.81
C VAL E 231 -1.52 -35.01 -36.83
N ALA E 232 -2.37 -35.97 -37.18
CA ALA E 232 -3.44 -35.69 -38.13
C ALA E 232 -4.39 -34.63 -37.60
N GLY E 233 -4.63 -34.62 -36.29
CA GLY E 233 -5.52 -33.64 -35.68
C GLY E 233 -4.84 -32.34 -35.30
N PHE E 234 -3.74 -32.46 -34.54
CA PHE E 234 -3.02 -31.28 -34.08
C PHE E 234 -2.47 -30.44 -35.23
N ILE E 235 -2.26 -31.04 -36.39
CA ILE E 235 -1.81 -30.34 -37.59
C ILE E 235 -2.97 -30.30 -38.58
N GLY E 236 -3.25 -29.11 -39.09
CA GLY E 236 -4.34 -28.93 -40.04
C GLY E 236 -5.20 -27.73 -39.70
N SER E 237 -5.63 -26.99 -40.72
CA SER E 237 -6.43 -25.78 -40.53
C SER E 237 -7.58 -25.77 -41.53
N PRO E 238 -8.70 -26.44 -41.21
CA PRO E 238 -8.90 -27.27 -40.02
C PRO E 238 -8.28 -28.65 -40.17
N ALA E 239 -8.42 -29.49 -39.16
CA ALA E 239 -7.81 -30.81 -39.20
C ALA E 239 -8.46 -31.68 -40.27
N MET E 240 -7.80 -32.80 -40.58
CA MET E 240 -8.31 -33.73 -41.58
C MET E 240 -9.64 -34.33 -41.14
N ASN E 241 -10.62 -34.31 -42.03
CA ASN E 241 -11.95 -34.76 -41.71
C ASN E 241 -11.99 -36.28 -41.58
N PHE E 242 -12.35 -36.77 -40.39
CA PHE E 242 -12.27 -38.18 -40.06
C PHE E 242 -13.62 -38.85 -40.28
N PHE E 243 -13.62 -39.94 -41.05
CA PHE E 243 -14.83 -40.71 -41.31
C PHE E 243 -14.66 -42.14 -40.80
N PRO E 244 -15.43 -42.57 -39.80
CA PRO E 244 -15.36 -43.97 -39.38
C PRO E 244 -15.87 -44.89 -40.49
N ALA E 245 -15.36 -46.12 -40.47
CA ALA E 245 -15.71 -47.09 -41.50
C ALA E 245 -15.48 -48.51 -40.99
N ARG E 246 -15.94 -49.47 -41.77
CA ARG E 246 -15.80 -50.88 -41.45
C ARG E 246 -14.78 -51.53 -42.39
N LEU E 247 -14.07 -52.53 -41.88
CA LEU E 247 -12.95 -53.12 -42.60
C LEU E 247 -13.42 -53.82 -43.88
N THR E 248 -12.70 -53.58 -44.98
CA THR E 248 -12.92 -54.27 -46.24
C THR E 248 -11.57 -54.54 -46.90
N ALA E 249 -11.44 -55.72 -47.52
CA ALA E 249 -10.18 -56.09 -48.16
C ALA E 249 -10.08 -55.61 -49.60
N ILE E 250 -11.19 -55.21 -50.22
CA ILE E 250 -11.19 -54.66 -51.56
C ILE E 250 -11.38 -53.15 -51.58
N GLY E 251 -11.53 -52.54 -50.42
CA GLY E 251 -11.81 -51.12 -50.30
C GLY E 251 -12.01 -50.79 -48.84
N LEU E 252 -13.09 -50.07 -48.51
CA LEU E 252 -13.44 -49.86 -47.12
C LEU E 252 -14.93 -49.65 -47.03
N THR E 253 -15.55 -50.24 -46.00
CA THR E 253 -17.00 -50.22 -45.85
C THR E 253 -17.35 -48.94 -45.07
N LEU E 254 -17.66 -47.90 -45.82
CA LEU E 254 -18.09 -46.64 -45.22
C LEU E 254 -19.56 -46.71 -44.85
N PRO E 255 -20.02 -45.83 -43.96
CA PRO E 255 -21.47 -45.76 -43.67
C PRO E 255 -22.31 -45.35 -44.87
N PHE E 256 -21.69 -45.02 -46.00
CA PHE E 256 -22.41 -44.64 -47.21
C PHE E 256 -21.94 -45.41 -48.44
N GLY E 257 -21.34 -46.59 -48.27
CA GLY E 257 -20.98 -47.47 -49.36
C GLY E 257 -19.53 -47.90 -49.26
N GLU E 258 -19.01 -48.43 -50.36
CA GLU E 258 -17.60 -48.80 -50.47
C GLU E 258 -16.88 -47.82 -51.38
N VAL E 259 -15.67 -47.44 -50.99
CA VAL E 259 -14.85 -46.49 -51.75
C VAL E 259 -13.90 -47.29 -52.64
N THR E 260 -13.97 -47.04 -53.94
CA THR E 260 -13.22 -47.83 -54.92
C THR E 260 -11.85 -47.19 -55.11
N LEU E 261 -10.83 -47.74 -54.45
CA LEU E 261 -9.47 -47.27 -54.58
C LEU E 261 -8.60 -48.41 -55.14
N ALA E 262 -7.33 -48.09 -55.36
CA ALA E 262 -6.41 -49.09 -55.89
C ALA E 262 -6.12 -50.16 -54.84
N PRO E 263 -5.92 -51.41 -55.27
CA PRO E 263 -5.83 -52.51 -54.30
C PRO E 263 -4.51 -52.60 -53.53
N GLU E 264 -3.41 -52.02 -54.03
CA GLU E 264 -2.15 -52.13 -53.31
C GLU E 264 -2.22 -51.44 -51.96
N VAL E 265 -3.08 -50.43 -51.82
CA VAL E 265 -3.32 -49.83 -50.50
C VAL E 265 -3.94 -50.86 -49.57
N GLN E 266 -4.90 -51.64 -50.08
CA GLN E 266 -5.48 -52.71 -49.28
C GLN E 266 -4.45 -53.78 -48.94
N GLY E 267 -3.50 -54.02 -49.85
CA GLY E 267 -2.42 -54.93 -49.52
C GLY E 267 -1.53 -54.40 -48.41
N VAL E 268 -1.24 -53.10 -48.44
CA VAL E 268 -0.47 -52.48 -47.36
C VAL E 268 -1.22 -52.61 -46.04
N ILE E 269 -2.54 -52.42 -46.07
CA ILE E 269 -3.34 -52.59 -44.86
C ILE E 269 -3.26 -54.03 -44.37
N ALA E 270 -3.40 -55.00 -45.28
CA ALA E 270 -3.36 -56.40 -44.90
C ALA E 270 -1.99 -56.86 -44.45
N ALA E 271 -0.94 -56.10 -44.78
CA ALA E 271 0.41 -56.46 -44.32
C ALA E 271 0.49 -56.49 -42.79
N HIS E 272 -0.34 -55.72 -42.12
CA HIS E 272 -0.39 -55.70 -40.66
C HIS E 272 -1.45 -56.67 -40.16
N PRO E 273 -1.42 -57.02 -38.87
CA PRO E 273 -2.55 -57.75 -38.30
C PRO E 273 -3.83 -56.94 -38.43
N LYS E 274 -4.91 -57.62 -38.79
CA LYS E 274 -6.16 -56.95 -39.16
C LYS E 274 -6.71 -56.14 -37.99
N PRO E 275 -7.01 -54.86 -38.17
CA PRO E 275 -7.60 -54.08 -37.10
C PRO E 275 -9.11 -54.29 -37.01
N GLU E 276 -9.67 -53.81 -35.90
CA GLU E 276 -11.10 -54.00 -35.65
C GLU E 276 -11.94 -52.89 -36.26
N ASN E 277 -11.53 -51.64 -36.06
CA ASN E 277 -12.23 -50.50 -36.63
C ASN E 277 -11.23 -49.60 -37.35
N VAL E 278 -11.75 -48.79 -38.28
CA VAL E 278 -10.92 -47.90 -39.09
C VAL E 278 -11.66 -46.58 -39.27
N ILE E 279 -10.87 -45.51 -39.40
CA ILE E 279 -11.38 -44.17 -39.68
C ILE E 279 -10.77 -43.70 -40.99
N VAL E 280 -11.51 -42.89 -41.76
CA VAL E 280 -11.09 -42.42 -43.06
C VAL E 280 -10.93 -40.91 -43.00
N GLY E 281 -9.81 -40.41 -43.51
CA GLY E 281 -9.51 -38.99 -43.40
C GLY E 281 -9.30 -38.28 -44.72
N VAL E 282 -9.95 -37.13 -44.89
CA VAL E 282 -9.79 -36.30 -46.07
C VAL E 282 -9.83 -34.84 -45.64
N ARG E 283 -8.79 -34.08 -46.01
CA ARG E 283 -8.73 -32.69 -45.61
C ARG E 283 -9.83 -31.89 -46.30
N PRO E 284 -10.35 -30.86 -45.64
CA PRO E 284 -11.39 -30.03 -46.26
C PRO E 284 -11.02 -29.48 -47.62
N GLU E 285 -9.72 -29.28 -47.88
CA GLU E 285 -9.26 -28.75 -49.16
C GLU E 285 -9.46 -29.72 -50.31
N HIS E 286 -9.73 -31.00 -50.02
CA HIS E 286 -9.91 -31.97 -51.10
C HIS E 286 -11.37 -32.10 -51.51
N ILE E 287 -12.31 -31.72 -50.65
CA ILE E 287 -13.73 -31.86 -50.90
C ILE E 287 -14.23 -30.62 -51.63
N GLN E 288 -14.93 -30.81 -52.73
CA GLN E 288 -15.50 -29.74 -53.52
C GLN E 288 -16.98 -29.99 -53.74
N ASP E 289 -17.64 -29.03 -54.36
CA ASP E 289 -19.06 -29.14 -54.67
C ASP E 289 -19.24 -29.73 -56.05
N ALA E 290 -19.94 -30.87 -56.14
CA ALA E 290 -20.19 -31.50 -57.42
C ALA E 290 -21.10 -30.66 -58.31
N ALA E 291 -21.84 -29.71 -57.74
CA ALA E 291 -22.62 -28.78 -58.55
C ALA E 291 -21.72 -27.83 -59.35
N LEU E 292 -20.42 -27.86 -59.11
CA LEU E 292 -19.45 -27.06 -59.84
C LEU E 292 -18.46 -27.90 -60.64
N ILE E 293 -18.01 -29.01 -60.09
CA ILE E 293 -17.09 -29.93 -60.77
C ILE E 293 -17.84 -31.19 -61.12
N ASP E 294 -17.63 -31.69 -62.34
CA ASP E 294 -18.33 -32.88 -62.81
C ASP E 294 -17.83 -34.12 -62.08
N ALA E 295 -18.47 -35.25 -62.37
CA ALA E 295 -18.08 -36.53 -61.79
C ALA E 295 -16.89 -37.16 -62.49
N TYR E 296 -16.15 -36.39 -63.30
CA TYR E 296 -14.99 -36.91 -64.02
C TYR E 296 -14.02 -37.62 -63.07
N GLN E 297 -13.50 -36.90 -62.09
CA GLN E 297 -12.66 -37.53 -61.08
C GLN E 297 -13.46 -38.38 -60.10
N ARG E 298 -14.76 -38.12 -59.98
CA ARG E 298 -15.62 -38.83 -59.05
C ARG E 298 -16.10 -40.17 -59.57
N ILE E 299 -15.62 -40.61 -60.73
CA ILE E 299 -16.02 -41.92 -61.26
C ILE E 299 -15.60 -43.03 -60.31
N ARG E 300 -14.50 -42.88 -59.60
CA ARG E 300 -14.02 -43.88 -58.65
C ARG E 300 -14.34 -43.51 -57.20
N ALA E 301 -14.83 -42.31 -56.96
CA ALA E 301 -15.06 -41.83 -55.60
C ALA E 301 -16.43 -42.28 -55.09
N LEU E 302 -16.49 -42.55 -53.79
CA LEU E 302 -17.71 -42.95 -53.13
C LEU E 302 -18.47 -41.69 -52.74
N THR E 303 -19.55 -41.39 -53.47
CA THR E 303 -20.26 -40.12 -53.34
C THR E 303 -21.52 -40.30 -52.50
N PHE E 304 -21.83 -39.29 -51.70
CA PHE E 304 -23.06 -39.28 -50.92
C PHE E 304 -23.32 -37.85 -50.46
N GLN E 305 -24.42 -37.68 -49.74
CA GLN E 305 -24.93 -36.36 -49.37
C GLN E 305 -24.85 -36.13 -47.87
N VAL E 306 -24.70 -34.85 -47.49
CA VAL E 306 -24.59 -34.42 -46.10
C VAL E 306 -25.44 -33.17 -45.91
N LYS E 307 -26.00 -33.04 -44.70
CA LYS E 307 -26.85 -31.90 -44.36
C LYS E 307 -25.97 -30.75 -43.88
N VAL E 308 -25.97 -29.65 -44.62
CA VAL E 308 -25.18 -28.48 -44.26
C VAL E 308 -25.89 -27.71 -43.15
N ASN E 309 -25.14 -27.31 -42.13
CA ASN E 309 -25.68 -26.60 -40.97
C ASN E 309 -25.27 -25.14 -40.95
N LEU E 310 -23.99 -24.84 -41.23
CA LEU E 310 -23.49 -23.47 -41.28
C LEU E 310 -22.71 -23.28 -42.57
N VAL E 311 -22.74 -22.06 -43.09
CA VAL E 311 -21.99 -21.68 -44.28
C VAL E 311 -21.17 -20.44 -43.96
N GLU E 312 -19.96 -20.38 -44.50
CA GLU E 312 -19.03 -19.30 -44.22
C GLU E 312 -18.58 -18.67 -45.54
N SER E 313 -18.62 -17.35 -45.61
CA SER E 313 -18.17 -16.61 -46.77
C SER E 313 -16.80 -16.01 -46.48
N LEU E 314 -15.78 -16.46 -47.21
CA LEU E 314 -14.42 -16.03 -46.98
C LEU E 314 -13.90 -15.05 -48.04
N GLY E 315 -14.61 -14.90 -49.16
CA GLY E 315 -14.07 -14.16 -50.28
C GLY E 315 -13.52 -15.09 -51.34
N ALA E 316 -12.20 -15.29 -51.36
CA ALA E 316 -11.60 -16.18 -52.36
C ALA E 316 -12.12 -17.61 -52.24
N ASP E 317 -12.55 -18.01 -51.05
CA ASP E 317 -13.01 -19.38 -50.81
C ASP E 317 -14.33 -19.34 -50.05
N LYS E 318 -14.93 -20.52 -49.89
CA LYS E 318 -16.18 -20.68 -49.17
C LYS E 318 -16.11 -21.91 -48.27
N TYR E 319 -16.68 -21.80 -47.08
CA TYR E 319 -16.68 -22.87 -46.09
C TYR E 319 -18.11 -23.19 -45.69
N LEU E 320 -18.43 -24.49 -45.62
CA LEU E 320 -19.74 -24.96 -45.20
C LEU E 320 -19.58 -25.99 -44.11
N TYR E 321 -20.39 -25.88 -43.06
CA TYR E 321 -20.41 -26.85 -41.98
C TYR E 321 -21.59 -27.79 -42.17
N PHE E 322 -21.32 -29.10 -42.17
CA PHE E 322 -22.34 -30.07 -42.55
C PHE E 322 -22.22 -31.34 -41.71
N THR E 323 -23.36 -31.79 -41.19
CA THR E 323 -23.44 -33.00 -40.39
C THR E 323 -24.27 -34.05 -41.11
N THR E 324 -23.79 -35.29 -41.09
CA THR E 324 -24.45 -36.41 -41.75
C THR E 324 -24.91 -37.44 -40.73
N GLU E 325 -25.60 -38.47 -41.23
CA GLU E 325 -26.08 -39.57 -40.39
C GLU E 325 -25.04 -40.69 -40.31
N SER E 326 -23.82 -40.32 -39.95
CA SER E 326 -22.72 -41.26 -39.79
C SER E 326 -22.32 -41.34 -38.33
N PRO E 327 -21.79 -42.49 -37.88
CA PRO E 327 -21.42 -42.62 -36.46
C PRO E 327 -20.40 -41.57 -36.04
N ALA E 328 -20.46 -41.21 -34.76
CA ALA E 328 -19.55 -40.23 -34.21
C ALA E 328 -18.11 -40.74 -34.28
N VAL E 329 -17.19 -39.85 -34.61
CA VAL E 329 -15.79 -40.23 -34.77
C VAL E 329 -15.24 -40.58 -33.41
N HIS E 330 -15.05 -41.88 -33.16
CA HIS E 330 -14.55 -42.39 -31.89
C HIS E 330 -13.28 -43.19 -32.15
N SER E 331 -12.18 -42.78 -31.53
CA SER E 331 -10.91 -43.45 -31.68
C SER E 331 -10.16 -43.38 -30.36
N VAL E 332 -9.30 -44.38 -30.12
CA VAL E 332 -8.51 -44.40 -28.89
C VAL E 332 -7.54 -43.23 -28.86
N GLN E 333 -6.97 -42.86 -30.02
CA GLN E 333 -6.06 -41.73 -30.07
C GLN E 333 -6.81 -40.40 -30.04
N LEU E 334 -8.04 -40.38 -30.53
CA LEU E 334 -8.86 -39.17 -30.43
C LEU E 334 -9.45 -39.01 -29.03
N ASP E 335 -9.69 -40.11 -28.32
CA ASP E 335 -10.24 -40.01 -26.98
C ASP E 335 -9.22 -39.44 -26.00
N GLU E 336 -7.92 -39.65 -26.25
CA GLU E 336 -6.91 -39.01 -25.43
C GLU E 336 -6.88 -37.50 -25.64
N LEU E 337 -7.34 -37.04 -26.80
CA LEU E 337 -7.40 -35.61 -27.11
C LEU E 337 -8.75 -34.99 -26.80
N ALA E 338 -9.69 -35.77 -26.26
CA ALA E 338 -11.04 -35.24 -26.01
C ALA E 338 -11.05 -34.16 -24.93
N GLU E 339 -10.02 -34.09 -24.10
CA GLU E 339 -9.99 -33.14 -22.99
C GLU E 339 -9.57 -31.73 -23.41
N VAL E 340 -9.53 -31.44 -24.71
CA VAL E 340 -8.99 -30.17 -25.17
C VAL E 340 -10.10 -29.21 -25.59
N GLU E 341 -11.11 -29.71 -26.29
CA GLU E 341 -12.01 -28.83 -27.03
C GLU E 341 -12.93 -28.05 -26.10
N GLY E 342 -13.77 -28.74 -25.34
CA GLY E 342 -14.72 -28.10 -24.45
C GLY E 342 -16.15 -28.06 -24.95
N GLU E 343 -16.36 -27.75 -26.24
CA GLU E 343 -17.68 -27.81 -26.85
C GLU E 343 -17.80 -29.10 -27.65
N SER E 344 -18.07 -30.19 -26.92
CA SER E 344 -18.05 -31.53 -27.48
C SER E 344 -19.44 -31.98 -27.92
N ALA E 345 -19.46 -32.86 -28.92
CA ALA E 345 -20.64 -33.60 -29.34
C ALA E 345 -21.75 -32.73 -29.91
N LEU E 346 -21.53 -31.43 -30.03
CA LEU E 346 -22.53 -30.57 -30.66
C LEU E 346 -22.48 -30.67 -32.18
N HIS E 347 -21.28 -30.75 -32.74
CA HIS E 347 -21.08 -30.81 -34.18
C HIS E 347 -20.09 -31.93 -34.51
N GLU E 348 -20.28 -33.08 -33.90
CA GLU E 348 -19.46 -34.24 -34.23
C GLU E 348 -19.69 -34.66 -35.67
N ASN E 349 -18.61 -34.99 -36.36
CA ASN E 349 -18.61 -35.36 -37.78
C ASN E 349 -19.10 -34.21 -38.67
N GLN E 350 -19.29 -33.02 -38.11
CA GLN E 350 -19.63 -31.84 -38.89
C GLN E 350 -18.35 -31.29 -39.50
N PHE E 351 -18.19 -31.44 -40.80
CA PHE E 351 -16.95 -31.08 -41.48
C PHE E 351 -17.17 -29.88 -42.38
N VAL E 352 -16.06 -29.37 -42.90
CA VAL E 352 -16.07 -28.16 -43.72
C VAL E 352 -15.52 -28.49 -45.10
N ALA E 353 -16.07 -27.82 -46.11
CA ALA E 353 -15.68 -28.01 -47.50
C ALA E 353 -14.98 -26.74 -47.97
N ARG E 354 -13.67 -26.85 -48.20
CA ARG E 354 -12.88 -25.73 -48.72
C ARG E 354 -13.19 -25.59 -50.20
N VAL E 355 -14.20 -24.78 -50.51
CA VAL E 355 -14.65 -24.61 -51.89
C VAL E 355 -14.52 -23.15 -52.29
N PRO E 356 -14.20 -22.86 -53.55
CA PRO E 356 -14.02 -21.46 -53.96
C PRO E 356 -15.31 -20.65 -53.91
N ALA E 357 -15.22 -19.38 -54.30
CA ALA E 357 -16.34 -18.47 -54.16
C ALA E 357 -17.51 -18.80 -55.08
N GLU E 358 -17.25 -19.42 -56.24
CA GLU E 358 -18.32 -19.62 -57.21
C GLU E 358 -19.34 -20.65 -56.72
N SER E 359 -18.94 -21.51 -55.78
CA SER E 359 -19.89 -22.44 -55.19
C SER E 359 -20.91 -21.67 -54.35
N LYS E 360 -22.19 -21.83 -54.68
CA LYS E 360 -23.28 -21.11 -54.03
C LYS E 360 -24.27 -22.07 -53.38
N VAL E 361 -23.77 -23.07 -52.66
CA VAL E 361 -24.64 -24.04 -52.01
C VAL E 361 -25.48 -23.35 -50.96
N ALA E 362 -26.78 -23.66 -50.94
CA ALA E 362 -27.70 -23.07 -49.99
C ALA E 362 -27.56 -23.73 -48.63
N ILE E 363 -28.04 -23.03 -47.60
CA ILE E 363 -27.94 -23.53 -46.24
C ILE E 363 -29.06 -24.54 -45.99
N GLY E 364 -28.78 -25.52 -45.14
CA GLY E 364 -29.74 -26.56 -44.81
C GLY E 364 -29.93 -27.63 -45.87
N GLN E 365 -29.60 -27.36 -47.13
CA GLN E 365 -29.88 -28.31 -48.18
C GLN E 365 -28.86 -29.43 -48.21
N SER E 366 -29.34 -30.65 -48.37
CA SER E 366 -28.47 -31.82 -48.48
C SER E 366 -27.86 -31.86 -49.86
N VAL E 367 -26.53 -31.83 -49.93
CA VAL E 367 -25.83 -31.79 -51.20
C VAL E 367 -24.76 -32.88 -51.21
N GLU E 368 -24.53 -33.43 -52.40
CA GLU E 368 -23.50 -34.44 -52.57
C GLU E 368 -22.11 -33.82 -52.40
N LEU E 369 -21.12 -34.68 -52.14
CA LEU E 369 -19.75 -34.24 -51.95
C LEU E 369 -18.88 -34.70 -53.11
N ALA E 370 -18.09 -33.77 -53.63
CA ALA E 370 -17.14 -34.05 -54.70
C ALA E 370 -15.72 -33.96 -54.15
N PHE E 371 -14.93 -35.01 -54.38
CA PHE E 371 -13.57 -35.08 -53.86
C PHE E 371 -12.84 -36.20 -54.56
N ASP E 372 -11.51 -36.05 -54.65
CA ASP E 372 -10.68 -37.04 -55.31
C ASP E 372 -10.73 -38.36 -54.55
N THR E 373 -10.70 -39.47 -55.30
CA THR E 373 -10.83 -40.79 -54.69
C THR E 373 -9.63 -41.11 -53.80
N ALA E 374 -8.44 -40.74 -54.23
CA ALA E 374 -7.22 -41.13 -53.54
C ALA E 374 -6.79 -40.14 -52.46
N ARG E 375 -7.45 -38.99 -52.36
CA ARG E 375 -7.04 -38.01 -51.37
C ARG E 375 -7.42 -38.41 -49.94
N LEU E 376 -8.11 -39.54 -49.77
CA LEU E 376 -8.44 -40.05 -48.46
C LEU E 376 -7.43 -41.10 -48.04
N ALA E 377 -7.12 -41.13 -46.74
CA ALA E 377 -6.15 -42.04 -46.18
C ALA E 377 -6.83 -43.02 -45.24
N VAL E 378 -6.24 -44.21 -45.11
CA VAL E 378 -6.77 -45.27 -44.28
C VAL E 378 -5.95 -45.35 -43.00
N PHE E 379 -6.62 -45.18 -41.87
CA PHE E 379 -5.98 -45.33 -40.57
C PHE E 379 -6.97 -45.96 -39.61
N ASP E 380 -6.55 -47.01 -38.92
CA ASP E 380 -7.46 -47.75 -38.06
C ASP E 380 -7.65 -47.04 -36.73
N ALA E 381 -8.89 -47.10 -36.22
CA ALA E 381 -9.19 -46.51 -34.93
C ALA E 381 -8.51 -47.23 -33.78
N ASP E 382 -7.98 -48.43 -34.02
CA ASP E 382 -7.36 -49.20 -32.94
C ASP E 382 -5.92 -48.78 -32.70
N SER E 383 -5.08 -48.87 -33.74
CA SER E 383 -3.69 -48.46 -33.61
C SER E 383 -3.47 -46.97 -33.86
N GLY E 384 -4.43 -46.30 -34.51
CA GLY E 384 -4.32 -44.89 -34.78
C GLY E 384 -3.35 -44.50 -35.87
N ALA E 385 -2.43 -45.39 -36.26
CA ALA E 385 -1.46 -45.06 -37.29
C ALA E 385 -2.09 -45.12 -38.67
N ASN E 386 -1.56 -44.32 -39.58
CA ASN E 386 -2.07 -44.27 -40.95
C ASN E 386 -1.69 -45.57 -41.67
N LEU E 387 -2.68 -46.43 -41.90
CA LEU E 387 -2.42 -47.68 -42.62
C LEU E 387 -2.06 -47.45 -44.08
N THR E 388 -2.25 -46.22 -44.59
CA THR E 388 -1.74 -45.89 -45.91
C THR E 388 -0.23 -46.06 -45.98
N ILE E 389 0.46 -45.85 -44.86
CA ILE E 389 1.90 -46.03 -44.76
C ILE E 389 2.16 -47.32 -44.00
N PRO E 390 3.03 -48.20 -44.50
CA PRO E 390 3.23 -49.50 -43.84
C PRO E 390 3.85 -49.34 -42.45
N HIS E 391 3.56 -50.31 -41.60
CA HIS E 391 4.14 -50.36 -40.27
C HIS E 391 5.57 -50.90 -40.35
N ARG E 392 6.55 -50.04 -40.09
CA ARG E 392 7.96 -50.40 -40.20
C ARG E 392 8.46 -50.76 -38.81
N ALA E 393 8.21 -52.01 -38.42
CA ALA E 393 8.60 -52.53 -37.10
C ALA E 393 8.01 -51.72 -35.95
C1 GLC F . 4.47 22.97 47.27
C2 GLC F . 5.12 22.61 48.59
C3 GLC F . 5.30 21.16 48.74
C4 GLC F . 3.99 20.43 48.59
C5 GLC F . 3.40 20.72 47.23
C6 GLC F . 2.05 20.06 47.11
O2 GLC F . 6.41 23.26 48.64
O3 GLC F . 5.82 20.87 50.06
O4 GLC F . 4.22 19.04 48.71
O5 GLC F . 3.22 22.17 47.01
O6 GLC F . 1.16 20.96 46.40
C1 GLC F . 4.89 23.32 45.08
C2 GLC F . 5.71 22.80 43.91
C3 GLC F . 7.10 23.27 43.99
C4 GLC F . 7.18 24.75 44.07
C5 GLC F . 6.35 25.32 45.20
C6 GLC F . 6.29 26.82 45.04
O1 GLC F . 5.37 22.73 46.25
O2 GLC F . 5.71 21.38 43.95
O3 GLC F . 7.82 22.81 42.78
O4 GLC F . 8.55 25.12 44.28
O5 GLC F . 4.97 24.80 45.21
O6 GLC F . 6.13 27.41 46.28
#